data_1A99
#
_entry.id   1A99
#
_cell.length_a   269.400
_cell.length_b   82.330
_cell.length_c   93.740
_cell.angle_alpha   90.00
_cell.angle_beta   90.00
_cell.angle_gamma   90.00
#
_symmetry.space_group_name_H-M   'P 21 21 2'
#
loop_
_entity.id
_entity.type
_entity.pdbx_description
1 polymer 'PUTRESCINE-BINDING PROTEIN'
2 non-polymer 1,4-DIAMINOBUTANE
3 water water
#
_entity_poly.entity_id   1
_entity_poly.type   'polypeptide(L)'
_entity_poly.pdbx_seq_one_letter_code
;AEQKTLHIYNWSDYIAPDTVANFEKETGIKVVYDVFDSNEVLEGKLMAGSTGFDLVVPSASFLERQLTAGVFQPLDKSKL
PEWKNLDPELLKLVAKHDPDNKFAMPYMWATTGIGYNVDKVKAVLGENAPVDSWDLILKPENLEKLKSCGVSFLDAPEEV
FATVLNYLGKDPNSTKADDYTGPATDLLLKLRPNIRYFHSSQYINDLANGDICVAIGWAGDVWQASNRAKEAKNGVNVSF
SIPKEGAMAFFDVFAMPADAKNKDEAYQFLNYLLRPDVVAHISDHVFYANANKAATPLVSAEVRENPGIYPPADVRAKLF
TLKVQDPKIDRVRTRAWTKVKSGK
;
_entity_poly.pdbx_strand_id   A,B,C,D
#
loop_
_chem_comp.id
_chem_comp.type
_chem_comp.name
_chem_comp.formula
PUT non-polymer 1,4-DIAMINOBUTANE 'C4 H12 N2'
#
# COMPACT_ATOMS: atom_id res chain seq x y z
N GLN A 3 12.54 -0.88 4.71
CA GLN A 3 12.65 -2.19 5.40
C GLN A 3 13.33 -2.05 6.76
N LYS A 4 12.60 -2.35 7.84
CA LYS A 4 13.15 -2.25 9.17
C LYS A 4 13.87 -3.53 9.57
N THR A 5 15.00 -3.38 10.25
CA THR A 5 15.78 -4.55 10.68
C THR A 5 16.16 -4.54 12.14
N LEU A 6 16.49 -5.71 12.65
CA LEU A 6 16.88 -5.87 14.03
C LEU A 6 17.93 -6.97 14.03
N HIS A 7 19.05 -6.71 14.72
CA HIS A 7 20.15 -7.68 14.82
C HIS A 7 20.24 -8.11 16.25
N ILE A 8 20.03 -9.40 16.49
CA ILE A 8 20.08 -9.90 17.86
C ILE A 8 21.20 -10.93 17.99
N TYR A 9 21.91 -10.85 19.11
CA TYR A 9 22.98 -11.78 19.43
C TYR A 9 22.57 -12.43 20.74
N ASN A 10 22.29 -13.73 20.68
CA ASN A 10 21.83 -14.44 21.86
C ASN A 10 22.46 -15.83 21.94
N TRP A 11 22.40 -16.42 23.13
CA TRP A 11 22.93 -17.77 23.33
C TRP A 11 22.20 -18.74 22.42
N SER A 12 22.87 -19.81 22.00
CA SER A 12 22.23 -20.81 21.15
C SER A 12 21.26 -21.61 22.06
N ASP A 13 20.26 -22.24 21.46
CA ASP A 13 19.29 -23.02 22.24
C ASP A 13 18.70 -22.20 23.41
N TYR A 14 18.36 -20.95 23.12
CA TYR A 14 17.81 -20.06 24.15
C TYR A 14 16.55 -19.31 23.68
N ILE A 15 15.80 -19.90 22.75
CA ILE A 15 14.58 -19.26 22.26
C ILE A 15 13.67 -20.31 21.64
N ALA A 16 12.40 -20.00 21.51
CA ALA A 16 11.44 -20.93 20.92
C ALA A 16 11.63 -20.91 19.41
N PRO A 17 11.38 -22.04 18.75
CA PRO A 17 11.54 -22.19 17.30
C PRO A 17 10.80 -21.17 16.46
N ASP A 18 9.70 -20.64 17.00
CA ASP A 18 8.86 -19.70 16.28
C ASP A 18 8.82 -18.27 16.82
N THR A 19 9.49 -18.02 17.93
CA THR A 19 9.49 -16.68 18.50
C THR A 19 9.82 -15.54 17.55
N VAL A 20 10.86 -15.73 16.75
CA VAL A 20 11.26 -14.68 15.85
C VAL A 20 10.31 -14.56 14.66
N ALA A 21 9.91 -15.69 14.11
CA ALA A 21 8.98 -15.71 12.97
C ALA A 21 7.69 -14.96 13.35
N ASN A 22 7.14 -15.28 14.53
CA ASN A 22 5.92 -14.63 15.02
C ASN A 22 6.12 -13.14 15.17
N PHE A 23 7.21 -12.77 15.83
CA PHE A 23 7.50 -11.36 16.02
C PHE A 23 7.60 -10.64 14.67
N GLU A 24 8.14 -11.32 13.67
CA GLU A 24 8.25 -10.71 12.36
C GLU A 24 6.89 -10.51 11.69
N LYS A 25 6.03 -11.52 11.79
CA LYS A 25 4.70 -11.44 11.19
C LYS A 25 3.91 -10.30 11.85
N GLU A 26 3.92 -10.25 13.18
CA GLU A 26 3.22 -9.21 13.92
C GLU A 26 3.73 -7.79 13.71
N THR A 27 5.02 -7.61 13.45
CA THR A 27 5.60 -6.26 13.30
C THR A 27 6.10 -5.89 11.93
N GLY A 28 6.40 -6.89 11.11
CA GLY A 28 6.93 -6.61 9.79
C GLY A 28 8.41 -6.24 9.83
N ILE A 29 9.01 -6.33 11.01
CA ILE A 29 10.42 -6.03 11.16
C ILE A 29 11.20 -7.30 10.80
N LYS A 30 12.23 -7.16 9.96
CA LYS A 30 13.09 -8.28 9.55
C LYS A 30 14.16 -8.48 10.64
N VAL A 31 14.27 -9.71 11.14
CA VAL A 31 15.22 -10.00 12.21
C VAL A 31 16.41 -10.86 11.79
N VAL A 32 17.61 -10.38 12.13
CA VAL A 32 18.84 -11.13 11.84
C VAL A 32 19.24 -11.61 13.24
N TYR A 33 19.16 -12.92 13.41
CA TYR A 33 19.43 -13.56 14.68
C TYR A 33 20.71 -14.42 14.65
N ASP A 34 21.68 -14.06 15.49
CA ASP A 34 22.94 -14.81 15.59
C ASP A 34 23.14 -15.34 16.99
N VAL A 35 23.80 -16.48 17.09
CA VAL A 35 24.02 -17.09 18.40
C VAL A 35 25.48 -17.32 18.81
N PHE A 36 25.70 -17.43 20.12
CA PHE A 36 27.02 -17.68 20.69
C PHE A 36 26.84 -18.62 21.86
N ASP A 37 27.93 -19.15 22.41
CA ASP A 37 27.81 -20.05 23.56
C ASP A 37 28.88 -19.76 24.61
N SER A 38 29.37 -18.53 24.63
CA SER A 38 30.41 -18.13 25.57
C SER A 38 30.32 -16.66 25.96
N ASN A 39 30.29 -16.40 27.25
CA ASN A 39 30.23 -15.03 27.76
C ASN A 39 31.47 -14.25 27.31
N GLU A 40 32.58 -14.98 27.25
CA GLU A 40 33.87 -14.41 26.86
C GLU A 40 33.88 -13.95 25.41
N VAL A 41 33.34 -14.75 24.50
CA VAL A 41 33.28 -14.35 23.10
C VAL A 41 32.47 -13.05 22.95
N LEU A 42 31.35 -12.97 23.66
CA LEU A 42 30.50 -11.79 23.62
C LEU A 42 31.27 -10.58 24.14
N GLU A 43 31.84 -10.72 25.34
CA GLU A 43 32.60 -9.64 25.97
C GLU A 43 33.68 -9.12 25.03
N GLY A 44 34.36 -10.05 24.36
CA GLY A 44 35.40 -9.67 23.43
C GLY A 44 34.88 -8.73 22.37
N LYS A 45 33.80 -9.13 21.70
CA LYS A 45 33.20 -8.31 20.65
C LYS A 45 32.71 -6.96 21.17
N LEU A 46 32.14 -6.94 22.37
CA LEU A 46 31.64 -5.68 22.93
C LEU A 46 32.77 -4.71 23.28
N MET A 47 33.87 -5.22 23.85
CA MET A 47 35.02 -4.38 24.19
C MET A 47 35.68 -3.86 22.90
N ALA A 48 35.74 -4.71 21.88
CA ALA A 48 36.31 -4.37 20.58
C ALA A 48 35.52 -3.24 19.92
N GLY A 49 34.28 -3.07 20.37
CA GLY A 49 33.40 -2.04 19.83
C GLY A 49 32.74 -2.37 18.50
N SER A 50 31.78 -1.55 18.09
CA SER A 50 31.05 -1.71 16.81
C SER A 50 30.63 -3.12 16.42
N THR A 51 29.89 -3.79 17.30
CA THR A 51 29.43 -5.15 17.05
C THR A 51 28.44 -5.27 15.90
N GLY A 52 27.60 -4.26 15.73
CA GLY A 52 26.59 -4.26 14.69
C GLY A 52 25.34 -4.98 15.17
N PHE A 53 25.21 -5.10 16.49
CA PHE A 53 24.08 -5.77 17.12
C PHE A 53 23.25 -4.71 17.82
N ASP A 54 21.94 -4.92 17.88
CA ASP A 54 21.05 -3.96 18.52
C ASP A 54 20.76 -4.46 19.89
N LEU A 55 20.81 -5.79 20.04
CA LEU A 55 20.55 -6.40 21.33
C LEU A 55 21.46 -7.61 21.54
N VAL A 56 21.96 -7.75 22.78
CA VAL A 56 22.84 -8.87 23.11
C VAL A 56 22.43 -9.39 24.48
N VAL A 57 22.76 -10.65 24.74
CA VAL A 57 22.37 -11.30 25.98
C VAL A 57 23.51 -11.86 26.89
N PRO A 58 24.19 -10.97 27.64
CA PRO A 58 25.28 -11.39 28.54
C PRO A 58 24.75 -11.86 29.89
N SER A 59 25.53 -12.63 30.65
CA SER A 59 25.07 -12.99 31.99
C SER A 59 25.27 -11.70 32.78
N ALA A 60 24.53 -11.51 33.86
CA ALA A 60 24.62 -10.28 34.64
C ALA A 60 25.99 -9.94 35.22
N SER A 61 26.74 -10.96 35.63
CA SER A 61 28.05 -10.72 36.20
C SER A 61 28.99 -10.12 35.13
N PHE A 62 28.87 -10.56 33.87
CA PHE A 62 29.70 -9.98 32.81
C PHE A 62 29.15 -8.63 32.39
N LEU A 63 27.86 -8.42 32.65
CA LEU A 63 27.20 -7.15 32.34
C LEU A 63 27.86 -6.07 33.18
N GLU A 64 28.01 -6.33 34.48
CA GLU A 64 28.61 -5.38 35.40
C GLU A 64 29.97 -4.86 34.93
N ARG A 65 30.79 -5.77 34.44
CA ARG A 65 32.13 -5.46 33.93
C ARG A 65 32.01 -4.62 32.67
N GLN A 66 31.16 -5.05 31.75
CA GLN A 66 30.99 -4.35 30.48
C GLN A 66 30.38 -2.95 30.61
N LEU A 67 29.60 -2.72 31.66
CA LEU A 67 29.03 -1.39 31.73
C LEU A 67 30.04 -0.39 32.28
N THR A 68 31.04 -0.91 32.98
CA THR A 68 32.10 -0.05 33.51
C THR A 68 32.81 0.56 32.29
N ALA A 69 32.92 -0.23 31.22
CA ALA A 69 33.54 0.21 29.98
C ALA A 69 32.62 1.09 29.10
N GLY A 70 31.42 1.39 29.60
CA GLY A 70 30.44 2.19 28.87
C GLY A 70 29.96 1.58 27.55
N VAL A 71 29.83 0.26 27.51
CA VAL A 71 29.41 -0.49 26.31
C VAL A 71 27.92 -0.39 25.96
N PHE A 72 27.08 -0.24 26.99
CA PHE A 72 25.63 -0.17 26.85
C PHE A 72 24.96 1.17 27.12
N GLN A 73 23.82 1.42 26.47
CA GLN A 73 23.09 2.64 26.78
C GLN A 73 21.97 2.22 27.73
N PRO A 74 21.53 3.14 28.60
CA PRO A 74 20.47 2.77 29.54
C PRO A 74 19.13 2.60 28.85
N LEU A 75 18.32 1.69 29.41
CA LEU A 75 17.00 1.40 28.88
C LEU A 75 15.98 2.46 29.30
N ASP A 76 15.26 3.00 28.34
CA ASP A 76 14.22 4.01 28.60
C ASP A 76 12.97 3.23 29.04
N LYS A 77 12.80 3.06 30.36
CA LYS A 77 11.68 2.26 30.84
C LYS A 77 10.29 2.80 30.54
N SER A 78 10.21 4.07 30.15
CA SER A 78 8.92 4.64 29.82
C SER A 78 8.45 3.98 28.51
N LYS A 79 9.37 3.35 27.79
CA LYS A 79 9.02 2.70 26.54
C LYS A 79 8.77 1.20 26.70
N LEU A 80 8.69 0.74 27.93
CA LEU A 80 8.43 -0.69 28.22
C LEU A 80 7.33 -0.75 29.29
N PRO A 81 6.07 -0.56 28.87
CA PRO A 81 4.85 -0.55 29.70
C PRO A 81 4.72 -1.72 30.61
N GLU A 82 5.00 -2.90 30.08
CA GLU A 82 4.88 -4.14 30.85
C GLU A 82 6.07 -4.54 31.72
N TRP A 83 6.96 -3.59 32.00
CA TRP A 83 8.12 -3.85 32.84
C TRP A 83 7.64 -4.49 34.15
N LYS A 84 6.44 -4.08 34.57
CA LYS A 84 5.79 -4.56 35.79
C LYS A 84 5.66 -6.06 35.91
N ASN A 85 5.73 -6.75 34.77
CA ASN A 85 5.59 -8.21 34.74
C ASN A 85 6.75 -8.97 35.38
N LEU A 86 7.92 -8.34 35.37
CA LEU A 86 9.14 -8.95 35.88
C LEU A 86 9.12 -9.21 37.38
N ASP A 87 9.56 -10.40 37.78
CA ASP A 87 9.60 -10.73 39.19
C ASP A 87 10.51 -9.73 39.91
N PRO A 88 10.01 -9.04 40.94
CA PRO A 88 10.82 -8.07 41.68
C PRO A 88 12.02 -8.64 42.42
N GLU A 89 11.94 -9.89 42.87
CA GLU A 89 13.06 -10.50 43.58
C GLU A 89 14.20 -10.74 42.60
N LEU A 90 13.86 -11.12 41.36
CA LEU A 90 14.87 -11.35 40.35
C LEU A 90 15.52 -10.04 39.90
N LEU A 91 14.76 -8.95 39.99
CA LEU A 91 15.30 -7.64 39.59
C LEU A 91 16.30 -7.17 40.64
N LYS A 92 16.07 -7.56 41.88
CA LYS A 92 16.95 -7.19 42.99
C LYS A 92 18.30 -7.88 42.78
N LEU A 93 18.26 -9.19 42.52
CA LEU A 93 19.47 -9.96 42.30
C LEU A 93 20.29 -9.42 41.12
N VAL A 94 19.61 -9.02 40.06
CA VAL A 94 20.31 -8.47 38.90
C VAL A 94 20.80 -7.05 39.19
N ALA A 95 20.14 -6.38 40.13
CA ALA A 95 20.49 -5.01 40.48
C ALA A 95 21.86 -4.92 41.17
N LYS A 96 22.34 -6.04 41.68
CA LYS A 96 23.64 -6.08 42.32
C LYS A 96 24.69 -5.80 41.25
N HIS A 97 24.40 -6.21 40.00
CA HIS A 97 25.29 -5.99 38.87
C HIS A 97 24.87 -4.77 38.05
N ASP A 98 23.57 -4.46 38.09
CA ASP A 98 23.02 -3.33 37.37
C ASP A 98 22.13 -2.63 38.35
N PRO A 99 22.69 -1.73 39.18
CA PRO A 99 21.89 -1.00 40.17
C PRO A 99 20.88 -0.08 39.58
N ASP A 100 19.70 -0.23 40.17
CA ASP A 100 18.53 0.46 39.75
C ASP A 100 18.02 -0.08 38.42
N ASN A 101 18.51 -1.26 38.04
CA ASN A 101 18.11 -1.90 36.80
C ASN A 101 18.06 -0.91 35.60
N LYS A 102 19.07 -0.07 35.49
CA LYS A 102 19.10 0.91 34.42
C LYS A 102 19.50 0.40 33.03
N PHE A 103 20.18 -0.74 32.95
CA PHE A 103 20.67 -1.17 31.64
C PHE A 103 20.21 -2.48 31.05
N ALA A 104 19.77 -3.40 31.90
CA ALA A 104 19.39 -4.71 31.40
C ALA A 104 18.02 -5.20 31.82
N MET A 105 17.46 -6.03 30.95
CA MET A 105 16.16 -6.65 31.17
C MET A 105 16.38 -8.13 31.43
N PRO A 106 16.10 -8.60 32.65
CA PRO A 106 16.28 -10.02 32.97
C PRO A 106 15.50 -10.86 31.95
N TYR A 107 16.10 -11.95 31.48
CA TYR A 107 15.48 -12.82 30.49
C TYR A 107 15.23 -14.21 31.07
N MET A 108 16.27 -15.02 31.19
CA MET A 108 16.19 -16.35 31.78
C MET A 108 17.22 -16.50 32.90
N TRP A 109 17.09 -17.54 33.71
CA TRP A 109 18.04 -17.78 34.78
C TRP A 109 18.06 -19.25 35.10
N ALA A 110 19.20 -19.74 35.59
CA ALA A 110 19.35 -21.14 35.92
C ALA A 110 20.58 -21.35 36.79
N THR A 111 21.02 -22.60 36.91
CA THR A 111 22.19 -22.94 37.70
C THR A 111 23.15 -23.75 36.87
N THR A 112 24.39 -23.85 37.34
CA THR A 112 25.39 -24.65 36.65
C THR A 112 25.54 -25.89 37.53
N GLY A 113 25.22 -27.04 36.97
CA GLY A 113 25.30 -28.27 37.76
C GLY A 113 25.73 -29.47 36.95
N ILE A 114 25.28 -30.66 37.36
CA ILE A 114 25.62 -31.92 36.72
C ILE A 114 24.50 -32.51 35.87
N GLY A 115 24.80 -32.76 34.61
CA GLY A 115 23.83 -33.37 33.72
C GLY A 115 24.39 -34.76 33.53
N TYR A 116 23.57 -35.79 33.67
CA TYR A 116 24.08 -37.15 33.51
C TYR A 116 23.09 -38.20 33.00
N ASN A 117 23.64 -39.21 32.34
CA ASN A 117 22.88 -40.31 31.83
C ASN A 117 22.64 -41.21 33.03
N VAL A 118 21.42 -41.23 33.54
CA VAL A 118 21.05 -42.02 34.73
C VAL A 118 21.43 -43.51 34.72
N ASP A 119 21.19 -44.20 33.61
CA ASP A 119 21.48 -45.63 33.53
C ASP A 119 22.98 -45.96 33.45
N LYS A 120 23.70 -45.20 32.64
CA LYS A 120 25.14 -45.40 32.46
C LYS A 120 25.92 -45.13 33.75
N VAL A 121 25.55 -44.08 34.47
CA VAL A 121 26.24 -43.75 35.72
C VAL A 121 26.03 -44.84 36.78
N LYS A 122 24.83 -45.40 36.81
CA LYS A 122 24.50 -46.47 37.78
C LYS A 122 25.25 -47.73 37.42
N ALA A 123 25.37 -47.98 36.12
CA ALA A 123 26.05 -49.17 35.62
C ALA A 123 27.54 -49.12 35.89
N VAL A 124 28.11 -47.92 35.90
CA VAL A 124 29.54 -47.77 36.15
C VAL A 124 29.89 -47.52 37.60
N LEU A 125 29.14 -46.64 38.27
CA LEU A 125 29.40 -46.32 39.67
C LEU A 125 28.49 -47.04 40.64
N GLY A 126 27.65 -47.93 40.13
CA GLY A 126 26.77 -48.67 41.02
C GLY A 126 25.49 -47.96 41.39
N GLU A 127 24.60 -48.72 42.03
CA GLU A 127 23.28 -48.26 42.45
C GLU A 127 23.28 -46.99 43.29
N ASN A 128 24.33 -46.78 44.05
CA ASN A 128 24.38 -45.62 44.94
C ASN A 128 25.31 -44.51 44.51
N ALA A 129 25.56 -44.37 43.20
CA ALA A 129 26.43 -43.29 42.72
C ALA A 129 25.96 -42.00 43.40
N PRO A 130 26.92 -41.15 43.85
CA PRO A 130 26.64 -39.88 44.53
C PRO A 130 26.15 -38.79 43.59
N VAL A 131 25.06 -39.10 42.89
CA VAL A 131 24.46 -38.21 41.91
C VAL A 131 23.98 -36.85 42.45
N ASP A 132 23.86 -36.73 43.76
CA ASP A 132 23.40 -35.50 44.40
C ASP A 132 24.54 -34.63 44.93
N SER A 133 25.77 -34.97 44.57
CA SER A 133 26.92 -34.19 45.01
C SER A 133 27.97 -34.03 43.93
N TRP A 134 28.82 -33.02 44.12
CA TRP A 134 29.89 -32.72 43.18
C TRP A 134 30.97 -33.84 43.13
N ASP A 135 30.93 -34.74 44.12
CA ASP A 135 31.86 -35.85 44.18
C ASP A 135 31.73 -36.73 42.95
N LEU A 136 30.55 -36.71 42.33
CA LEU A 136 30.30 -37.54 41.16
C LEU A 136 31.24 -37.21 40.01
N ILE A 137 31.57 -35.93 39.88
CA ILE A 137 32.40 -35.48 38.79
C ILE A 137 33.70 -34.78 39.20
N LEU A 138 33.80 -34.38 40.48
CA LEU A 138 34.99 -33.68 40.99
C LEU A 138 35.90 -34.51 41.91
N LYS A 139 35.58 -35.80 42.05
CA LYS A 139 36.39 -36.71 42.86
C LYS A 139 37.07 -37.59 41.82
N PRO A 140 38.41 -37.47 41.68
CA PRO A 140 39.20 -38.24 40.71
C PRO A 140 38.89 -39.72 40.56
N GLU A 141 38.68 -40.42 41.67
CA GLU A 141 38.42 -41.85 41.56
C GLU A 141 37.09 -42.15 40.86
N ASN A 142 36.14 -41.22 40.91
CA ASN A 142 34.86 -41.41 40.26
C ASN A 142 35.00 -41.04 38.79
N LEU A 143 35.62 -39.89 38.53
CA LEU A 143 35.81 -39.44 37.16
C LEU A 143 36.61 -40.44 36.33
N GLU A 144 37.45 -41.22 37.00
CA GLU A 144 38.27 -42.22 36.32
C GLU A 144 37.42 -43.33 35.77
N LYS A 145 36.43 -43.72 36.57
CA LYS A 145 35.53 -44.78 36.18
C LYS A 145 34.57 -44.30 35.06
N LEU A 146 34.16 -43.03 35.14
CA LEU A 146 33.25 -42.44 34.14
C LEU A 146 33.95 -42.09 32.83
N LYS A 147 35.29 -41.97 32.86
CA LYS A 147 36.07 -41.63 31.67
C LYS A 147 35.60 -42.43 30.46
N SER A 148 35.31 -43.69 30.70
CA SER A 148 34.86 -44.63 29.67
C SER A 148 33.64 -44.16 28.86
N CYS A 149 32.55 -43.80 29.54
CA CYS A 149 31.34 -43.38 28.85
C CYS A 149 31.27 -41.91 28.43
N GLY A 150 32.34 -41.15 28.69
CA GLY A 150 32.37 -39.76 28.26
C GLY A 150 32.07 -38.68 29.28
N VAL A 151 33.03 -37.79 29.50
CA VAL A 151 32.87 -36.68 30.44
C VAL A 151 33.09 -35.38 29.67
N SER A 152 32.29 -34.37 29.99
CA SER A 152 32.35 -33.09 29.33
C SER A 152 32.31 -31.97 30.35
N PHE A 153 33.10 -30.93 30.12
CA PHE A 153 33.14 -29.79 31.02
C PHE A 153 32.82 -28.55 30.21
N LEU A 154 32.14 -27.61 30.83
CA LEU A 154 31.79 -26.36 30.18
C LEU A 154 33.09 -25.61 29.91
N ASP A 155 33.19 -24.96 28.76
CA ASP A 155 34.37 -24.17 28.46
C ASP A 155 34.07 -22.79 29.05
N ALA A 156 33.78 -22.76 30.35
CA ALA A 156 33.46 -21.51 31.03
C ALA A 156 34.33 -21.39 32.27
N PRO A 157 35.52 -20.77 32.11
CA PRO A 157 36.51 -20.55 33.16
C PRO A 157 35.98 -19.99 34.48
N GLU A 158 35.39 -18.79 34.44
CA GLU A 158 34.89 -18.16 35.65
C GLU A 158 33.91 -19.06 36.41
N GLU A 159 33.12 -19.82 35.66
CA GLU A 159 32.11 -20.70 36.25
C GLU A 159 32.67 -22.00 36.83
N VAL A 160 33.54 -22.66 36.08
CA VAL A 160 34.13 -23.90 36.57
C VAL A 160 35.04 -23.63 37.78
N PHE A 161 35.84 -22.57 37.71
CA PHE A 161 36.73 -22.23 38.82
C PHE A 161 35.93 -21.95 40.10
N ALA A 162 34.89 -21.12 39.99
CA ALA A 162 34.08 -20.81 41.17
C ALA A 162 33.43 -22.06 41.76
N THR A 163 33.03 -23.03 40.92
CA THR A 163 32.41 -24.22 41.47
C THR A 163 33.46 -25.10 42.13
N VAL A 164 34.65 -25.18 41.54
CA VAL A 164 35.72 -25.98 42.16
C VAL A 164 36.13 -25.34 43.49
N LEU A 165 36.26 -24.01 43.52
CA LEU A 165 36.62 -23.31 44.75
C LEU A 165 35.61 -23.61 45.84
N ASN A 166 34.33 -23.54 45.49
CA ASN A 166 33.28 -23.82 46.44
C ASN A 166 33.39 -25.24 46.98
N TYR A 167 33.64 -26.17 46.06
CA TYR A 167 33.78 -27.59 46.38
C TYR A 167 34.93 -27.86 47.33
N LEU A 168 35.99 -27.07 47.21
CA LEU A 168 37.17 -27.25 48.06
C LEU A 168 37.00 -26.53 49.40
N GLY A 169 35.81 -25.98 49.63
CA GLY A 169 35.57 -25.30 50.90
C GLY A 169 36.05 -23.87 50.92
N LYS A 170 36.47 -23.35 49.77
CA LYS A 170 36.95 -21.97 49.69
C LYS A 170 35.82 -21.05 49.22
N ASP A 171 36.08 -19.75 49.24
CA ASP A 171 35.14 -18.76 48.79
C ASP A 171 35.05 -18.93 47.26
N PRO A 172 33.84 -19.10 46.71
CA PRO A 172 33.72 -19.28 45.26
C PRO A 172 34.23 -18.05 44.49
N ASN A 173 34.22 -16.91 45.18
CA ASN A 173 34.67 -15.65 44.60
C ASN A 173 35.95 -15.17 45.28
N SER A 174 36.82 -16.11 45.62
CA SER A 174 38.09 -15.83 46.29
C SER A 174 38.88 -14.76 45.59
N THR A 175 39.39 -13.80 46.37
CA THR A 175 40.19 -12.73 45.80
C THR A 175 41.67 -13.10 45.90
N LYS A 176 41.97 -14.24 46.52
CA LYS A 176 43.36 -14.67 46.66
C LYS A 176 43.78 -15.49 45.47
N ALA A 177 44.73 -14.95 44.74
CA ALA A 177 45.22 -15.59 43.53
C ALA A 177 45.87 -16.96 43.70
N ASP A 178 46.32 -17.31 44.91
CA ASP A 178 46.92 -18.62 45.06
C ASP A 178 45.90 -19.75 45.14
N ASP A 179 44.64 -19.38 45.40
CA ASP A 179 43.55 -20.34 45.46
C ASP A 179 43.33 -20.89 44.06
N TYR A 180 43.47 -20.02 43.07
CA TYR A 180 43.27 -20.40 41.67
C TYR A 180 44.43 -21.23 41.12
N THR A 181 45.65 -20.67 41.19
CA THR A 181 46.85 -21.37 40.70
C THR A 181 47.22 -22.53 41.61
N GLY A 182 46.85 -22.39 42.88
CA GLY A 182 47.15 -23.44 43.84
C GLY A 182 46.22 -24.64 43.77
N PRO A 183 45.38 -24.85 44.81
CA PRO A 183 44.42 -25.96 44.94
C PRO A 183 43.49 -26.14 43.73
N ALA A 184 42.87 -25.05 43.29
CA ALA A 184 41.95 -25.13 42.15
C ALA A 184 42.59 -25.79 40.95
N THR A 185 43.70 -25.24 40.47
CA THR A 185 44.37 -25.82 39.31
C THR A 185 44.88 -27.24 39.57
N ASP A 186 45.19 -27.55 40.83
CA ASP A 186 45.70 -28.89 41.12
C ASP A 186 44.62 -29.92 40.89
N LEU A 187 43.44 -29.68 41.45
CA LEU A 187 42.30 -30.59 41.29
C LEU A 187 41.97 -30.70 39.81
N LEU A 188 41.84 -29.57 39.13
CA LEU A 188 41.52 -29.58 37.70
C LEU A 188 42.52 -30.41 36.90
N LEU A 189 43.81 -30.24 37.19
CA LEU A 189 44.84 -30.98 36.49
C LEU A 189 44.75 -32.47 36.80
N LYS A 190 44.29 -32.78 38.02
CA LYS A 190 44.11 -34.16 38.45
C LYS A 190 42.98 -34.81 37.63
N LEU A 191 41.86 -34.09 37.51
CA LEU A 191 40.69 -34.57 36.77
C LEU A 191 40.88 -34.57 35.26
N ARG A 192 41.56 -33.53 34.79
CA ARG A 192 41.82 -33.31 33.36
C ARG A 192 42.01 -34.50 32.40
N PRO A 193 42.78 -35.52 32.77
CA PRO A 193 42.93 -36.63 31.82
C PRO A 193 41.69 -37.48 31.57
N ASN A 194 40.69 -37.32 32.43
CA ASN A 194 39.46 -38.09 32.31
C ASN A 194 38.37 -37.35 31.55
N ILE A 195 38.65 -36.11 31.17
CA ILE A 195 37.72 -35.25 30.44
C ILE A 195 37.90 -35.35 28.92
N ARG A 196 36.85 -35.78 28.22
CA ARG A 196 36.94 -35.92 26.78
C ARG A 196 36.98 -34.59 26.05
N TYR A 197 36.32 -33.57 26.58
CA TYR A 197 36.35 -32.27 25.95
C TYR A 197 35.75 -31.16 26.79
N PHE A 198 36.07 -29.93 26.41
CA PHE A 198 35.60 -28.73 27.07
C PHE A 198 34.77 -28.01 26.02
N HIS A 199 33.45 -28.04 26.19
CA HIS A 199 32.55 -27.40 25.23
C HIS A 199 31.29 -26.91 25.93
N SER A 200 30.79 -25.77 25.50
CA SER A 200 29.62 -25.18 26.11
C SER A 200 28.33 -25.36 25.30
N SER A 201 28.28 -26.31 24.39
CA SER A 201 27.05 -26.50 23.63
C SER A 201 26.89 -27.89 23.01
N GLN A 202 27.96 -28.47 22.50
CA GLN A 202 27.79 -29.78 21.90
C GLN A 202 27.47 -30.90 22.88
N TYR A 203 27.56 -30.61 24.18
CA TYR A 203 27.27 -31.62 25.17
C TYR A 203 25.76 -31.99 25.24
N ILE A 204 24.90 -31.09 24.76
CA ILE A 204 23.47 -31.35 24.77
C ILE A 204 23.12 -32.52 23.85
N ASN A 205 23.57 -32.46 22.60
CA ASN A 205 23.32 -33.54 21.65
C ASN A 205 23.97 -34.83 22.11
N ASP A 206 25.15 -34.69 22.72
CA ASP A 206 25.89 -35.85 23.15
C ASP A 206 25.25 -36.54 24.33
N LEU A 207 24.69 -35.76 25.24
CA LEU A 207 23.99 -36.33 26.41
C LEU A 207 22.71 -37.01 25.89
N ALA A 208 22.02 -36.33 24.98
CA ALA A 208 20.78 -36.82 24.39
C ALA A 208 20.96 -38.12 23.62
N ASN A 209 22.07 -38.27 22.90
CA ASN A 209 22.32 -39.46 22.11
C ASN A 209 23.19 -40.54 22.75
N GLY A 210 23.51 -40.35 24.02
CA GLY A 210 24.27 -41.34 24.75
C GLY A 210 25.77 -41.36 24.48
N ASP A 211 26.26 -40.30 23.81
CA ASP A 211 27.68 -40.18 23.49
C ASP A 211 28.53 -39.85 24.73
N ILE A 212 27.98 -39.10 25.68
CA ILE A 212 28.72 -38.82 26.91
C ILE A 212 27.77 -39.16 28.06
N CYS A 213 28.31 -39.49 29.22
CA CYS A 213 27.45 -39.86 30.32
C CYS A 213 27.37 -38.86 31.46
N VAL A 214 28.32 -37.94 31.53
CA VAL A 214 28.27 -36.94 32.60
C VAL A 214 28.79 -35.63 32.01
N ALA A 215 28.38 -34.52 32.60
CA ALA A 215 28.81 -33.24 32.11
C ALA A 215 28.49 -32.17 33.11
N ILE A 216 29.30 -31.11 33.10
CA ILE A 216 29.02 -30.00 33.95
C ILE A 216 28.28 -29.21 32.90
N GLY A 217 27.06 -28.80 33.23
CA GLY A 217 26.26 -28.06 32.28
C GLY A 217 25.24 -27.14 32.90
N TRP A 218 24.65 -26.32 32.04
CA TRP A 218 23.64 -25.38 32.45
C TRP A 218 22.29 -26.14 32.49
N ALA A 219 21.52 -25.95 33.58
CA ALA A 219 20.23 -26.62 33.80
C ALA A 219 19.34 -26.85 32.57
N GLY A 220 18.84 -25.76 31.99
CA GLY A 220 17.99 -25.85 30.83
C GLY A 220 18.57 -26.65 29.67
N ASP A 221 19.88 -26.54 29.46
CA ASP A 221 20.54 -27.26 28.38
C ASP A 221 20.38 -28.76 28.61
N VAL A 222 20.54 -29.18 29.86
CA VAL A 222 20.45 -30.61 30.22
C VAL A 222 19.00 -31.11 30.05
N TRP A 223 18.04 -30.31 30.52
CA TRP A 223 16.64 -30.65 30.40
C TRP A 223 16.28 -30.77 28.91
N GLN A 224 16.79 -29.87 28.09
CA GLN A 224 16.55 -29.94 26.64
C GLN A 224 17.08 -31.28 26.12
N ALA A 225 18.22 -31.72 26.65
CA ALA A 225 18.83 -32.98 26.22
C ALA A 225 17.90 -34.12 26.63
N SER A 226 17.42 -34.04 27.86
CA SER A 226 16.51 -35.03 28.43
C SER A 226 15.30 -35.15 27.53
N ASN A 227 14.76 -34.00 27.17
CA ASN A 227 13.59 -33.94 26.33
C ASN A 227 13.83 -34.50 24.93
N ARG A 228 14.94 -34.12 24.31
CA ARG A 228 15.27 -34.59 22.98
C ARG A 228 15.39 -36.10 22.97
N ALA A 229 15.86 -36.67 24.07
CA ALA A 229 16.01 -38.12 24.17
C ALA A 229 14.61 -38.76 24.25
N LYS A 230 13.71 -38.13 25.02
CA LYS A 230 12.35 -38.62 25.17
C LYS A 230 11.64 -38.59 23.81
N GLU A 231 11.73 -37.47 23.11
CA GLU A 231 11.13 -37.32 21.79
C GLU A 231 11.62 -38.38 20.82
N ALA A 232 12.90 -38.72 20.93
CA ALA A 232 13.50 -39.69 20.02
C ALA A 232 13.18 -41.13 20.40
N LYS A 233 12.71 -41.32 21.63
CA LYS A 233 12.37 -42.66 22.08
C LYS A 233 13.59 -43.56 21.86
N ASN A 234 14.78 -43.06 22.21
CA ASN A 234 16.01 -43.85 22.04
C ASN A 234 16.47 -44.62 23.29
N GLY A 235 15.73 -44.50 24.37
CA GLY A 235 16.10 -45.24 25.57
C GLY A 235 17.03 -44.50 26.50
N VAL A 236 17.59 -43.38 26.06
CA VAL A 236 18.51 -42.60 26.88
C VAL A 236 17.79 -41.82 27.97
N ASN A 237 18.19 -42.04 29.21
CA ASN A 237 17.57 -41.36 30.33
C ASN A 237 18.52 -40.32 30.94
N VAL A 238 18.30 -39.04 30.60
CA VAL A 238 19.14 -37.96 31.12
C VAL A 238 18.47 -37.17 32.23
N SER A 239 19.25 -36.84 33.25
CA SER A 239 18.76 -36.06 34.38
C SER A 239 19.75 -34.93 34.72
N PHE A 240 19.35 -34.03 35.61
CA PHE A 240 20.20 -32.93 35.99
C PHE A 240 20.17 -32.82 37.49
N SER A 241 21.25 -32.33 38.09
CA SER A 241 21.31 -32.22 39.53
C SER A 241 21.99 -30.94 39.99
N ILE A 242 21.41 -30.35 41.04
CA ILE A 242 21.96 -29.15 41.65
C ILE A 242 22.53 -29.77 42.93
N PRO A 243 23.83 -30.11 42.95
CA PRO A 243 24.48 -30.73 44.11
C PRO A 243 24.23 -30.11 45.47
N LYS A 244 24.25 -30.97 46.49
CA LYS A 244 23.99 -30.57 47.87
C LYS A 244 25.00 -29.57 48.44
N GLU A 245 26.18 -29.52 47.83
CA GLU A 245 27.21 -28.61 48.29
C GLU A 245 26.99 -27.20 47.77
N GLY A 246 26.01 -27.03 46.89
CA GLY A 246 25.73 -25.72 46.34
C GLY A 246 26.09 -25.65 44.87
N ALA A 247 25.61 -24.61 44.19
CA ALA A 247 25.90 -24.45 42.77
C ALA A 247 25.80 -22.99 42.44
N MET A 248 26.39 -22.61 41.31
CA MET A 248 26.36 -21.24 40.88
C MET A 248 25.05 -20.97 40.14
N ALA A 249 24.51 -19.77 40.32
CA ALA A 249 23.28 -19.37 39.66
C ALA A 249 23.65 -18.16 38.81
N PHE A 250 23.15 -18.13 37.58
CA PHE A 250 23.41 -17.00 36.68
C PHE A 250 22.11 -16.41 36.20
N PHE A 251 22.17 -15.17 35.73
CA PHE A 251 21.00 -14.47 35.24
C PHE A 251 21.32 -13.82 33.92
N ASP A 252 20.82 -14.37 32.82
CA ASP A 252 21.09 -13.79 31.51
C ASP A 252 20.11 -12.63 31.26
N VAL A 253 20.61 -11.54 30.68
CA VAL A 253 19.81 -10.36 30.47
C VAL A 253 19.97 -9.80 29.07
N PHE A 254 18.99 -9.00 28.65
CA PHE A 254 19.04 -8.37 27.35
C PHE A 254 19.57 -7.00 27.65
N ALA A 255 20.44 -6.50 26.78
CA ALA A 255 21.00 -5.16 26.95
C ALA A 255 21.26 -4.60 25.57
N MET A 256 21.32 -3.28 25.50
CA MET A 256 21.51 -2.62 24.23
C MET A 256 22.83 -1.86 24.04
N PRO A 257 23.66 -2.33 23.10
CA PRO A 257 24.94 -1.66 22.83
C PRO A 257 24.70 -0.17 22.57
N ALA A 258 25.52 0.68 23.20
CA ALA A 258 25.39 2.12 23.05
C ALA A 258 25.44 2.62 21.60
N ASP A 259 25.90 1.78 20.67
CA ASP A 259 25.93 2.20 19.28
C ASP A 259 24.91 1.46 18.40
N ALA A 260 23.88 0.88 19.04
CA ALA A 260 22.84 0.17 18.31
C ALA A 260 22.12 1.16 17.38
N LYS A 261 21.90 0.77 16.13
CA LYS A 261 21.24 1.66 15.16
C LYS A 261 19.72 1.54 15.13
N ASN A 262 19.19 0.33 15.29
CA ASN A 262 17.75 0.09 15.27
C ASN A 262 17.16 0.05 16.69
N LYS A 263 17.23 1.18 17.39
CA LYS A 263 16.72 1.30 18.75
C LYS A 263 15.21 1.08 18.90
N ASP A 264 14.45 1.66 17.98
CA ASP A 264 13.00 1.55 17.97
C ASP A 264 12.58 0.07 17.81
N GLU A 265 13.16 -0.59 16.82
CA GLU A 265 12.91 -2.00 16.54
C GLU A 265 13.30 -2.86 17.74
N ALA A 266 14.36 -2.46 18.42
CA ALA A 266 14.83 -3.21 19.57
C ALA A 266 13.85 -3.11 20.74
N TYR A 267 13.30 -1.91 20.96
CA TYR A 267 12.33 -1.70 22.04
C TYR A 267 11.06 -2.53 21.78
N GLN A 268 10.69 -2.66 20.51
CA GLN A 268 9.54 -3.45 20.13
C GLN A 268 9.76 -4.91 20.52
N PHE A 269 10.96 -5.43 20.24
CA PHE A 269 11.28 -6.82 20.58
C PHE A 269 11.30 -7.03 22.09
N LEU A 270 11.77 -6.03 22.83
CA LEU A 270 11.81 -6.15 24.27
C LEU A 270 10.39 -6.19 24.86
N ASN A 271 9.49 -5.34 24.36
CA ASN A 271 8.13 -5.35 24.86
C ASN A 271 7.47 -6.66 24.47
N TYR A 272 7.81 -7.15 23.28
CA TYR A 272 7.30 -8.42 22.78
C TYR A 272 7.67 -9.53 23.77
N LEU A 273 8.87 -9.44 24.33
CA LEU A 273 9.37 -10.44 25.27
C LEU A 273 8.81 -10.25 26.66
N LEU A 274 8.24 -9.07 26.91
CA LEU A 274 7.65 -8.78 28.19
C LEU A 274 6.22 -9.38 28.32
N ARG A 275 5.65 -9.79 27.18
CA ARG A 275 4.33 -10.41 27.10
C ARG A 275 4.39 -11.81 27.74
N PRO A 276 3.55 -12.06 28.75
CA PRO A 276 3.53 -13.34 29.45
C PRO A 276 3.43 -14.57 28.57
N ASP A 277 2.69 -14.49 27.46
CA ASP A 277 2.54 -15.65 26.58
C ASP A 277 3.82 -15.92 25.82
N VAL A 278 4.46 -14.85 25.35
CA VAL A 278 5.69 -14.97 24.57
C VAL A 278 6.83 -15.68 25.33
N VAL A 279 7.13 -15.23 26.56
CA VAL A 279 8.20 -15.84 27.37
C VAL A 279 7.87 -17.21 27.92
N ALA A 280 6.59 -17.42 28.28
CA ALA A 280 6.18 -18.71 28.82
C ALA A 280 6.35 -19.72 27.70
N HIS A 281 6.07 -19.28 26.48
CA HIS A 281 6.20 -20.17 25.33
C HIS A 281 7.69 -20.55 25.19
N ILE A 282 8.56 -19.55 25.35
CA ILE A 282 10.00 -19.80 25.27
C ILE A 282 10.41 -20.82 26.34
N SER A 283 10.06 -20.56 27.61
CA SER A 283 10.39 -21.47 28.69
C SER A 283 9.90 -22.88 28.47
N ASP A 284 8.82 -23.03 27.71
CA ASP A 284 8.26 -24.35 27.46
C ASP A 284 9.12 -25.20 26.53
N HIS A 285 9.80 -24.54 25.60
CA HIS A 285 10.65 -25.22 24.62
C HIS A 285 12.11 -25.34 25.03
N VAL A 286 12.55 -24.34 25.78
CA VAL A 286 13.92 -24.20 26.21
C VAL A 286 14.27 -24.75 27.60
N PHE A 287 13.25 -24.92 28.42
CA PHE A 287 13.37 -25.46 29.77
C PHE A 287 14.13 -24.63 30.79
N TYR A 288 14.05 -23.31 30.64
CA TYR A 288 14.69 -22.39 31.57
C TYR A 288 13.59 -21.57 32.23
N ALA A 289 13.81 -21.20 33.49
CA ALA A 289 12.86 -20.37 34.21
C ALA A 289 13.03 -18.94 33.69
N ASN A 290 11.94 -18.26 33.33
CA ASN A 290 12.04 -16.87 32.85
C ASN A 290 11.92 -15.95 34.07
N ALA A 291 12.15 -14.65 33.88
CA ALA A 291 12.08 -13.70 34.99
C ALA A 291 10.73 -12.99 35.06
N ASN A 292 9.77 -13.44 34.24
CA ASN A 292 8.44 -12.85 34.17
C ASN A 292 7.48 -13.45 35.20
N LYS A 293 7.18 -12.68 36.24
CA LYS A 293 6.28 -13.13 37.32
C LYS A 293 4.91 -13.49 36.76
N ALA A 294 4.44 -12.67 35.84
CA ALA A 294 3.16 -12.85 35.19
C ALA A 294 3.08 -14.08 34.28
N ALA A 295 4.18 -14.44 33.64
CA ALA A 295 4.15 -15.59 32.74
C ALA A 295 4.11 -16.96 33.41
N THR A 296 4.43 -17.00 34.71
CA THR A 296 4.47 -18.26 35.43
C THR A 296 3.28 -19.20 35.22
N PRO A 297 2.06 -18.68 35.44
CA PRO A 297 0.84 -19.48 35.28
C PRO A 297 0.72 -20.13 33.91
N LEU A 298 1.22 -19.43 32.89
CA LEU A 298 1.17 -19.92 31.52
C LEU A 298 2.24 -20.95 31.15
N VAL A 299 3.17 -21.21 32.06
CA VAL A 299 4.24 -22.17 31.77
C VAL A 299 3.78 -23.58 32.03
N SER A 300 4.04 -24.50 31.09
CA SER A 300 3.60 -25.87 31.29
C SER A 300 4.00 -26.35 32.67
N ALA A 301 3.18 -27.19 33.28
CA ALA A 301 3.46 -27.68 34.62
C ALA A 301 4.68 -28.59 34.66
N GLU A 302 4.96 -29.26 33.55
CA GLU A 302 6.11 -30.12 33.48
C GLU A 302 7.38 -29.31 33.75
N VAL A 303 7.43 -28.10 33.19
CA VAL A 303 8.57 -27.20 33.36
C VAL A 303 8.48 -26.44 34.69
N ARG A 304 7.40 -25.70 34.86
CA ARG A 304 7.17 -24.90 36.07
C ARG A 304 7.26 -25.65 37.40
N GLU A 305 7.02 -26.96 37.39
CA GLU A 305 7.07 -27.72 38.63
C GLU A 305 8.30 -28.59 38.77
N ASN A 306 9.27 -28.40 37.88
CA ASN A 306 10.54 -29.12 37.93
C ASN A 306 11.43 -28.34 38.91
N PRO A 307 11.83 -28.97 40.02
CA PRO A 307 12.67 -28.29 41.02
C PRO A 307 14.06 -27.92 40.50
N GLY A 308 14.42 -28.52 39.36
CA GLY A 308 15.71 -28.27 38.75
C GLY A 308 15.65 -27.13 37.74
N ILE A 309 14.47 -26.53 37.60
CA ILE A 309 14.27 -25.41 36.68
C ILE A 309 13.78 -24.22 37.50
N TYR A 310 12.79 -24.47 38.34
CA TYR A 310 12.23 -23.44 39.23
C TYR A 310 12.49 -24.09 40.58
N PRO A 311 13.68 -23.86 41.15
CA PRO A 311 14.02 -24.45 42.44
C PRO A 311 13.28 -23.85 43.64
N PRO A 312 13.01 -24.67 44.66
CA PRO A 312 12.31 -24.23 45.88
C PRO A 312 13.23 -23.29 46.67
N ALA A 313 12.66 -22.55 47.62
CA ALA A 313 13.42 -21.60 48.44
C ALA A 313 14.61 -22.17 49.24
N ASP A 314 14.51 -23.41 49.69
CA ASP A 314 15.63 -23.97 50.43
C ASP A 314 16.79 -24.40 49.52
N VAL A 315 16.51 -24.62 48.23
CA VAL A 315 17.58 -24.98 47.29
C VAL A 315 18.19 -23.67 46.80
N ARG A 316 17.37 -22.65 46.65
CA ARG A 316 17.82 -21.34 46.21
C ARG A 316 18.74 -20.76 47.29
N ALA A 317 18.54 -21.23 48.52
CA ALA A 317 19.34 -20.75 49.64
C ALA A 317 20.78 -21.20 49.53
N LYS A 318 21.04 -22.36 48.95
CA LYS A 318 22.43 -22.80 48.83
C LYS A 318 23.08 -22.54 47.46
N LEU A 319 22.64 -21.48 46.79
CA LEU A 319 23.22 -21.14 45.49
C LEU A 319 24.04 -19.85 45.65
N PHE A 320 25.04 -19.67 44.79
CA PHE A 320 25.87 -18.47 44.86
C PHE A 320 26.00 -17.84 43.49
N THR A 321 26.37 -16.57 43.48
CA THR A 321 26.52 -15.81 42.25
C THR A 321 27.97 -15.35 42.07
N LEU A 322 28.38 -15.15 40.82
CA LEU A 322 29.74 -14.68 40.50
C LEU A 322 29.89 -13.20 40.81
N LYS A 323 31.09 -12.82 41.25
CA LYS A 323 31.43 -11.43 41.57
C LYS A 323 32.47 -11.01 40.53
N VAL A 324 32.53 -9.72 40.20
CA VAL A 324 33.52 -9.23 39.24
C VAL A 324 34.86 -9.17 39.99
N GLN A 325 35.92 -9.71 39.39
CA GLN A 325 37.26 -9.73 40.00
C GLN A 325 38.20 -8.66 39.43
N ASP A 326 39.25 -8.31 40.17
CA ASP A 326 40.18 -7.30 39.66
C ASP A 326 41.04 -7.97 38.56
N PRO A 327 41.67 -7.16 37.69
CA PRO A 327 42.47 -7.75 36.61
C PRO A 327 43.54 -8.79 36.95
N LYS A 328 44.11 -8.76 38.16
CA LYS A 328 45.12 -9.77 38.48
C LYS A 328 44.48 -11.15 38.53
N ILE A 329 43.37 -11.27 39.28
CA ILE A 329 42.63 -12.55 39.40
C ILE A 329 42.17 -12.97 38.00
N ASP A 330 41.77 -11.98 37.22
CA ASP A 330 41.32 -12.25 35.86
C ASP A 330 42.42 -12.94 35.09
N ARG A 331 43.57 -12.28 35.01
CA ARG A 331 44.73 -12.78 34.29
C ARG A 331 45.16 -14.17 34.81
N VAL A 332 45.30 -14.31 36.13
CA VAL A 332 45.70 -15.57 36.75
C VAL A 332 44.76 -16.70 36.32
N ARG A 333 43.48 -16.44 36.54
CA ARG A 333 42.39 -17.35 36.21
C ARG A 333 42.42 -17.78 34.72
N THR A 334 42.60 -16.81 33.80
CA THR A 334 42.65 -17.12 32.38
C THR A 334 43.87 -17.94 32.00
N ARG A 335 45.01 -17.61 32.59
CA ARG A 335 46.25 -18.35 32.31
C ARG A 335 46.08 -19.77 32.82
N ALA A 336 45.61 -19.94 34.06
CA ALA A 336 45.40 -21.26 34.65
C ALA A 336 44.46 -22.14 33.82
N TRP A 337 43.41 -21.51 33.30
CA TRP A 337 42.44 -22.27 32.50
C TRP A 337 43.09 -22.78 31.22
N THR A 338 43.94 -21.98 30.59
CA THR A 338 44.58 -22.43 29.37
C THR A 338 45.50 -23.61 29.67
N LYS A 339 46.14 -23.60 30.85
CA LYS A 339 47.05 -24.68 31.24
C LYS A 339 46.20 -25.96 31.37
N VAL A 340 45.15 -25.89 32.19
CA VAL A 340 44.24 -27.02 32.42
C VAL A 340 43.70 -27.61 31.12
N LYS A 341 43.26 -26.76 30.21
CA LYS A 341 42.70 -27.26 28.97
C LYS A 341 43.72 -27.95 28.10
N SER A 342 44.82 -27.27 27.84
CA SER A 342 45.89 -27.82 27.00
C SER A 342 46.32 -29.22 27.37
N GLY A 343 46.41 -29.50 28.67
CA GLY A 343 46.81 -30.83 29.10
C GLY A 343 47.43 -30.84 30.47
N GLN B 3 -0.24 10.51 12.36
CA GLN B 3 -1.07 9.93 13.45
C GLN B 3 -1.95 8.77 12.97
N LYS B 4 -1.74 7.58 13.54
CA LYS B 4 -2.50 6.37 13.18
C LYS B 4 -3.81 6.26 13.96
N THR B 5 -4.91 5.97 13.25
CA THR B 5 -6.23 5.84 13.89
C THR B 5 -6.91 4.50 13.63
N LEU B 6 -7.80 4.11 14.53
CA LEU B 6 -8.52 2.85 14.41
C LEU B 6 -9.92 3.16 14.90
N HIS B 7 -10.93 2.83 14.08
CA HIS B 7 -12.33 3.04 14.46
C HIS B 7 -12.93 1.66 14.72
N ILE B 8 -13.37 1.44 15.96
CA ILE B 8 -13.97 0.18 16.34
C ILE B 8 -15.42 0.36 16.76
N TYR B 9 -16.29 -0.54 16.28
CA TYR B 9 -17.71 -0.51 16.61
C TYR B 9 -17.98 -1.85 17.30
N ASN B 10 -18.24 -1.78 18.60
CA ASN B 10 -18.46 -2.99 19.40
C ASN B 10 -19.70 -2.82 20.31
N TRP B 11 -20.16 -3.93 20.88
CA TRP B 11 -21.29 -3.90 21.79
C TRP B 11 -20.92 -3.09 23.03
N SER B 12 -21.89 -2.41 23.62
CA SER B 12 -21.65 -1.67 24.85
C SER B 12 -21.39 -2.71 25.93
N ASP B 13 -20.73 -2.31 27.03
CA ASP B 13 -20.38 -3.24 28.12
C ASP B 13 -19.78 -4.56 27.64
N TYR B 14 -18.86 -4.48 26.68
CA TYR B 14 -18.21 -5.65 26.11
C TYR B 14 -16.69 -5.59 26.04
N ILE B 15 -16.07 -4.83 26.93
CA ILE B 15 -14.61 -4.70 26.97
C ILE B 15 -14.21 -4.18 28.34
N ALA B 16 -12.96 -4.41 28.74
CA ALA B 16 -12.49 -3.94 30.04
C ALA B 16 -12.26 -2.43 29.98
N PRO B 17 -12.41 -1.75 31.12
CA PRO B 17 -12.24 -0.29 31.21
C PRO B 17 -10.91 0.25 30.68
N ASP B 18 -9.86 -0.55 30.76
CA ASP B 18 -8.55 -0.10 30.31
C ASP B 18 -8.00 -0.74 29.05
N THR B 19 -8.69 -1.73 28.49
CA THR B 19 -8.20 -2.41 27.29
C THR B 19 -7.74 -1.50 26.15
N VAL B 20 -8.53 -0.49 25.82
CA VAL B 20 -8.18 0.41 24.72
C VAL B 20 -7.01 1.32 25.10
N ALA B 21 -7.03 1.83 26.34
CA ALA B 21 -5.97 2.70 26.85
C ALA B 21 -4.60 1.99 26.77
N ASN B 22 -4.54 0.76 27.30
CA ASN B 22 -3.32 -0.03 27.25
C ASN B 22 -2.86 -0.26 25.83
N PHE B 23 -3.77 -0.65 24.95
CA PHE B 23 -3.42 -0.89 23.56
C PHE B 23 -2.86 0.39 22.94
N GLU B 24 -3.44 1.53 23.32
CA GLU B 24 -2.97 2.82 22.78
C GLU B 24 -1.55 3.13 23.25
N LYS B 25 -1.29 2.95 24.55
CA LYS B 25 0.03 3.24 25.08
C LYS B 25 1.07 2.31 24.43
N GLU B 26 0.76 1.03 24.31
CA GLU B 26 1.69 0.07 23.70
C GLU B 26 1.94 0.24 22.21
N THR B 27 1.00 0.79 21.46
CA THR B 27 1.20 0.89 20.02
C THR B 27 1.24 2.29 19.49
N GLY B 28 0.77 3.25 20.29
CA GLY B 28 0.75 4.62 19.82
C GLY B 28 -0.34 4.88 18.80
N ILE B 29 -1.23 3.91 18.60
CA ILE B 29 -2.37 4.03 17.67
C ILE B 29 -3.53 4.69 18.44
N LYS B 30 -4.14 5.73 17.88
CA LYS B 30 -5.28 6.37 18.55
C LYS B 30 -6.56 5.65 18.15
N VAL B 31 -7.34 5.25 19.15
CA VAL B 31 -8.58 4.50 18.91
C VAL B 31 -9.87 5.31 19.11
N VAL B 32 -10.78 5.24 18.12
CA VAL B 32 -12.10 5.87 18.23
C VAL B 32 -13.00 4.66 18.40
N TYR B 33 -13.51 4.51 19.62
CA TYR B 33 -14.34 3.37 20.02
C TYR B 33 -15.82 3.75 20.18
N ASP B 34 -16.68 3.15 19.37
CA ASP B 34 -18.11 3.42 19.45
C ASP B 34 -18.87 2.14 19.79
N VAL B 35 -20.01 2.28 20.48
CA VAL B 35 -20.80 1.11 20.87
C VAL B 35 -22.26 1.09 20.35
N PHE B 36 -22.83 -0.11 20.33
CA PHE B 36 -24.20 -0.34 19.88
C PHE B 36 -24.73 -1.50 20.73
N ASP B 37 -26.04 -1.74 20.70
CA ASP B 37 -26.62 -2.83 21.49
C ASP B 37 -27.63 -3.63 20.70
N SER B 38 -27.56 -3.52 19.38
CA SER B 38 -28.47 -4.24 18.53
C SER B 38 -27.79 -4.75 17.25
N ASN B 39 -27.98 -6.03 16.95
CA ASN B 39 -27.42 -6.60 15.74
C ASN B 39 -28.05 -5.94 14.52
N GLU B 40 -29.30 -5.53 14.69
CA GLU B 40 -30.07 -4.92 13.62
C GLU B 40 -29.52 -3.55 13.25
N VAL B 41 -29.14 -2.77 14.25
CA VAL B 41 -28.56 -1.46 13.97
C VAL B 41 -27.26 -1.65 13.15
N LEU B 42 -26.42 -2.59 13.58
CA LEU B 42 -25.16 -2.83 12.88
C LEU B 42 -25.42 -3.28 11.45
N GLU B 43 -26.27 -4.29 11.28
CA GLU B 43 -26.59 -4.81 9.95
C GLU B 43 -27.07 -3.70 9.05
N GLY B 44 -27.85 -2.78 9.60
CA GLY B 44 -28.35 -1.68 8.83
C GLY B 44 -27.27 -0.79 8.25
N LYS B 45 -26.32 -0.40 9.11
CA LYS B 45 -25.21 0.44 8.69
C LYS B 45 -24.36 -0.32 7.66
N LEU B 46 -24.12 -1.59 7.91
CA LEU B 46 -23.33 -2.41 6.99
C LEU B 46 -23.96 -2.53 5.60
N MET B 47 -25.27 -2.69 5.56
CA MET B 47 -25.99 -2.83 4.30
C MET B 47 -26.12 -1.52 3.55
N ALA B 48 -26.17 -0.41 4.28
CA ALA B 48 -26.22 0.90 3.61
C ALA B 48 -24.82 1.30 3.10
N GLY B 49 -23.77 0.60 3.59
CA GLY B 49 -22.39 0.83 3.18
C GLY B 49 -21.60 1.95 3.82
N SER B 50 -20.30 2.00 3.55
CA SER B 50 -19.41 3.03 4.08
C SER B 50 -19.68 3.37 5.53
N THR B 51 -19.51 2.42 6.44
CA THR B 51 -19.73 2.70 7.85
C THR B 51 -18.62 3.56 8.49
N GLY B 52 -17.44 3.57 7.86
CA GLY B 52 -16.32 4.33 8.40
C GLY B 52 -15.68 3.63 9.58
N PHE B 53 -15.90 2.33 9.70
CA PHE B 53 -15.31 1.56 10.80
C PHE B 53 -14.31 0.59 10.20
N ASP B 54 -13.27 0.26 10.98
CA ASP B 54 -12.24 -0.65 10.52
C ASP B 54 -12.54 -2.04 11.08
N LEU B 55 -13.18 -2.08 12.24
CA LEU B 55 -13.59 -3.34 12.86
C LEU B 55 -15.00 -3.23 13.47
N VAL B 56 -15.81 -4.27 13.30
CA VAL B 56 -17.17 -4.32 13.85
C VAL B 56 -17.35 -5.69 14.45
N VAL B 57 -18.29 -5.81 15.39
CA VAL B 57 -18.52 -7.06 16.10
C VAL B 57 -19.96 -7.65 16.06
N PRO B 58 -20.34 -8.26 14.92
CA PRO B 58 -21.67 -8.85 14.78
C PRO B 58 -21.72 -10.23 15.40
N SER B 59 -22.92 -10.75 15.64
CA SER B 59 -23.02 -12.12 16.15
C SER B 59 -22.81 -12.93 14.87
N ALA B 60 -22.37 -14.18 15.00
CA ALA B 60 -22.09 -15.04 13.85
C ALA B 60 -23.27 -15.29 12.88
N SER B 61 -24.47 -15.48 13.42
CA SER B 61 -25.64 -15.73 12.56
C SER B 61 -25.88 -14.53 11.65
N PHE B 62 -25.72 -13.31 12.17
CA PHE B 62 -25.90 -12.10 11.33
C PHE B 62 -24.72 -11.93 10.37
N LEU B 63 -23.57 -12.45 10.77
CA LEU B 63 -22.36 -12.34 9.97
C LEU B 63 -22.59 -13.11 8.69
N GLU B 64 -23.18 -14.29 8.84
CA GLU B 64 -23.46 -15.14 7.69
C GLU B 64 -24.26 -14.43 6.60
N ARG B 65 -25.26 -13.67 7.05
CA ARG B 65 -26.11 -12.92 6.16
C ARG B 65 -25.34 -11.78 5.52
N GLN B 66 -24.59 -11.05 6.33
CA GLN B 66 -23.83 -9.92 5.82
C GLN B 66 -22.70 -10.29 4.84
N LEU B 67 -22.09 -11.46 5.00
CA LEU B 67 -21.04 -11.75 4.06
C LEU B 67 -21.57 -12.16 2.69
N THR B 68 -22.81 -12.61 2.62
CA THR B 68 -23.34 -12.95 1.30
C THR B 68 -23.46 -11.65 0.51
N ALA B 69 -23.64 -10.53 1.22
CA ALA B 69 -23.73 -9.23 0.57
C ALA B 69 -22.33 -8.67 0.24
N GLY B 70 -21.28 -9.42 0.57
CA GLY B 70 -19.91 -8.95 0.31
C GLY B 70 -19.48 -7.73 1.13
N VAL B 71 -19.98 -7.63 2.35
CA VAL B 71 -19.68 -6.49 3.21
C VAL B 71 -18.27 -6.53 3.86
N PHE B 72 -17.72 -7.72 4.05
CA PHE B 72 -16.43 -7.87 4.69
C PHE B 72 -15.33 -8.40 3.78
N GLN B 73 -14.08 -8.16 4.18
CA GLN B 73 -12.95 -8.71 3.45
C GLN B 73 -12.40 -9.85 4.28
N PRO B 74 -11.87 -10.88 3.63
CA PRO B 74 -11.34 -12.00 4.40
C PRO B 74 -10.14 -11.61 5.24
N LEU B 75 -9.95 -12.31 6.35
CA LEU B 75 -8.83 -12.05 7.24
C LEU B 75 -7.60 -12.83 6.77
N ASP B 76 -6.47 -12.13 6.64
CA ASP B 76 -5.20 -12.73 6.24
C ASP B 76 -4.62 -13.37 7.51
N LYS B 77 -4.81 -14.67 7.69
CA LYS B 77 -4.36 -15.31 8.90
C LYS B 77 -2.85 -15.44 9.09
N SER B 78 -2.11 -15.18 8.02
CA SER B 78 -0.69 -15.25 8.16
C SER B 78 -0.27 -14.00 8.96
N LYS B 79 -1.18 -13.04 9.11
CA LYS B 79 -0.87 -11.84 9.89
C LYS B 79 -1.30 -11.97 11.33
N LEU B 80 -1.72 -13.18 11.72
CA LEU B 80 -2.18 -13.39 13.08
C LEU B 80 -1.59 -14.66 13.60
N PRO B 81 -0.31 -14.60 13.98
CA PRO B 81 0.45 -15.73 14.51
C PRO B 81 -0.20 -16.50 15.64
N GLU B 82 -0.86 -15.81 16.57
CA GLU B 82 -1.50 -16.46 17.71
C GLU B 82 -2.91 -17.03 17.49
N TRP B 83 -3.33 -17.11 16.22
CA TRP B 83 -4.66 -17.63 15.91
C TRP B 83 -4.90 -18.99 16.58
N LYS B 84 -3.84 -19.76 16.72
CA LYS B 84 -3.97 -21.08 17.32
C LYS B 84 -4.40 -21.07 18.79
N ASN B 85 -4.52 -19.88 19.39
CA ASN B 85 -4.96 -19.78 20.79
C ASN B 85 -6.46 -20.04 20.91
N LEU B 86 -7.18 -19.76 19.84
CA LEU B 86 -8.62 -19.89 19.77
C LEU B 86 -9.10 -21.33 19.94
N ASP B 87 -10.12 -21.53 20.77
CA ASP B 87 -10.68 -22.87 20.98
C ASP B 87 -11.11 -23.45 19.63
N PRO B 88 -10.65 -24.67 19.28
CA PRO B 88 -11.03 -25.23 17.99
C PRO B 88 -12.52 -25.60 17.87
N GLU B 89 -13.13 -26.00 18.97
CA GLU B 89 -14.55 -26.33 18.92
C GLU B 89 -15.41 -25.08 18.69
N LEU B 90 -15.04 -23.94 19.27
CA LEU B 90 -15.81 -22.71 19.05
C LEU B 90 -15.62 -22.25 17.62
N LEU B 91 -14.47 -22.56 17.04
CA LEU B 91 -14.19 -22.17 15.68
C LEU B 91 -15.07 -22.98 14.75
N LYS B 92 -15.33 -24.24 15.10
CA LYS B 92 -16.18 -25.11 14.29
C LYS B 92 -17.62 -24.57 14.31
N LEU B 93 -18.08 -24.13 15.48
CA LEU B 93 -19.43 -23.59 15.59
C LEU B 93 -19.60 -22.33 14.75
N VAL B 94 -18.62 -21.44 14.81
CA VAL B 94 -18.71 -20.22 14.03
C VAL B 94 -18.52 -20.53 12.54
N ALA B 95 -17.88 -21.65 12.24
CA ALA B 95 -17.62 -22.05 10.85
C ALA B 95 -18.90 -22.38 10.10
N LYS B 96 -19.97 -22.67 10.83
CA LYS B 96 -21.25 -22.98 10.22
C LYS B 96 -21.75 -21.71 9.53
N HIS B 97 -21.37 -20.55 10.05
CA HIS B 97 -21.77 -19.29 9.44
C HIS B 97 -20.65 -18.66 8.62
N ASP B 98 -19.40 -19.04 8.94
CA ASP B 98 -18.19 -18.55 8.28
C ASP B 98 -17.37 -19.80 7.98
N PRO B 99 -17.63 -20.46 6.81
CA PRO B 99 -16.92 -21.69 6.40
C PRO B 99 -15.43 -21.46 6.26
N ASP B 100 -14.68 -22.27 6.95
CA ASP B 100 -13.23 -22.20 6.96
C ASP B 100 -12.72 -21.00 7.74
N ASN B 101 -13.60 -20.36 8.50
CA ASN B 101 -13.25 -19.20 9.28
C ASN B 101 -12.46 -18.15 8.51
N LYS B 102 -12.92 -17.83 7.32
CA LYS B 102 -12.23 -16.86 6.48
C LYS B 102 -12.48 -15.39 6.78
N PHE B 103 -13.56 -15.06 7.48
CA PHE B 103 -13.88 -13.65 7.66
C PHE B 103 -13.95 -13.14 9.09
N ALA B 104 -14.05 -14.03 10.06
CA ALA B 104 -14.21 -13.53 11.40
C ALA B 104 -13.42 -14.23 12.48
N MET B 105 -13.15 -13.47 13.53
CA MET B 105 -12.44 -13.97 14.68
C MET B 105 -13.35 -14.01 15.91
N PRO B 106 -13.63 -15.21 16.43
CA PRO B 106 -14.49 -15.35 17.60
C PRO B 106 -13.95 -14.48 18.72
N TYR B 107 -14.83 -13.81 19.46
CA TYR B 107 -14.42 -12.92 20.54
C TYR B 107 -14.99 -13.43 21.86
N MET B 108 -16.29 -13.23 22.06
CA MET B 108 -16.95 -13.71 23.28
C MET B 108 -18.20 -14.51 22.88
N TRP B 109 -18.74 -15.29 23.80
CA TRP B 109 -19.94 -16.06 23.54
C TRP B 109 -20.71 -16.25 24.83
N ALA B 110 -22.02 -16.40 24.70
CA ALA B 110 -22.87 -16.61 25.86
C ALA B 110 -24.24 -17.14 25.42
N THR B 111 -25.20 -17.09 26.35
CA THR B 111 -26.54 -17.56 26.10
C THR B 111 -27.54 -16.45 26.40
N THR B 112 -28.74 -16.59 25.84
CA THR B 112 -29.82 -15.63 26.08
C THR B 112 -30.72 -16.38 27.08
N GLY B 113 -30.82 -15.84 28.30
CA GLY B 113 -31.60 -16.51 29.32
C GLY B 113 -32.35 -15.55 30.23
N ILE B 114 -32.58 -15.96 31.46
CA ILE B 114 -33.31 -15.12 32.42
C ILE B 114 -32.44 -14.52 33.50
N GLY B 115 -32.49 -13.20 33.62
CA GLY B 115 -31.78 -12.54 34.69
C GLY B 115 -32.86 -12.12 35.67
N TYR B 116 -32.67 -12.37 36.95
CA TYR B 116 -33.69 -11.99 37.93
C TYR B 116 -33.19 -11.64 39.32
N ASN B 117 -33.98 -10.80 39.99
CA ASN B 117 -33.71 -10.38 41.36
C ASN B 117 -34.20 -11.54 42.21
N VAL B 118 -33.28 -12.32 42.75
CA VAL B 118 -33.63 -13.48 43.53
C VAL B 118 -34.62 -13.28 44.65
N ASP B 119 -34.43 -12.24 45.47
CA ASP B 119 -35.34 -12.04 46.60
C ASP B 119 -36.73 -11.53 46.25
N LYS B 120 -36.82 -10.61 45.29
CA LYS B 120 -38.12 -10.10 44.91
C LYS B 120 -38.97 -11.17 44.21
N VAL B 121 -38.34 -12.00 43.39
CA VAL B 121 -39.07 -13.05 42.70
C VAL B 121 -39.65 -14.07 43.71
N LYS B 122 -38.89 -14.38 44.75
CA LYS B 122 -39.36 -15.33 45.76
C LYS B 122 -40.45 -14.70 46.63
N ALA B 123 -40.39 -13.38 46.79
CA ALA B 123 -41.37 -12.68 47.60
C ALA B 123 -42.70 -12.59 46.84
N VAL B 124 -42.63 -12.52 45.52
CA VAL B 124 -43.82 -12.43 44.71
C VAL B 124 -44.39 -13.79 44.25
N LEU B 125 -43.54 -14.71 43.82
CA LEU B 125 -44.04 -16.00 43.37
C LEU B 125 -43.78 -17.10 44.40
N GLY B 126 -43.31 -16.72 45.57
CA GLY B 126 -43.07 -17.73 46.58
C GLY B 126 -41.74 -18.44 46.53
N GLU B 127 -41.48 -19.18 47.59
CA GLU B 127 -40.25 -19.93 47.78
C GLU B 127 -39.86 -20.86 46.65
N ASN B 128 -40.85 -21.43 45.95
CA ASN B 128 -40.51 -22.33 44.86
C ASN B 128 -40.79 -21.81 43.46
N ALA B 129 -40.60 -20.50 43.25
CA ALA B 129 -40.80 -19.90 41.94
C ALA B 129 -39.96 -20.74 40.96
N PRO B 130 -40.49 -20.99 39.74
CA PRO B 130 -39.90 -21.77 38.64
C PRO B 130 -38.67 -21.11 37.99
N VAL B 131 -37.74 -20.72 38.84
CA VAL B 131 -36.54 -20.01 38.47
C VAL B 131 -35.63 -20.71 37.43
N ASP B 132 -35.73 -22.02 37.32
CA ASP B 132 -34.91 -22.77 36.35
C ASP B 132 -35.65 -23.09 35.04
N SER B 133 -36.75 -22.40 34.80
CA SER B 133 -37.54 -22.66 33.60
C SER B 133 -38.07 -21.37 32.99
N TRP B 134 -38.35 -21.41 31.69
CA TRP B 134 -38.88 -20.26 30.99
C TRP B 134 -40.29 -19.95 31.48
N ASP B 135 -40.87 -20.86 32.25
CA ASP B 135 -42.21 -20.68 32.80
C ASP B 135 -42.24 -19.42 33.65
N LEU B 136 -41.10 -19.08 34.23
CA LEU B 136 -41.01 -17.91 35.10
C LEU B 136 -41.40 -16.62 34.40
N ILE B 137 -41.05 -16.52 33.14
CA ILE B 137 -41.30 -15.30 32.39
C ILE B 137 -42.17 -15.46 31.14
N LEU B 138 -42.42 -16.70 30.71
CA LEU B 138 -43.26 -16.89 29.51
C LEU B 138 -44.65 -17.49 29.77
N LYS B 139 -45.01 -17.70 31.04
CA LYS B 139 -46.33 -18.21 31.42
C LYS B 139 -47.02 -16.94 31.91
N PRO B 140 -48.09 -16.50 31.21
CA PRO B 140 -48.80 -15.28 31.62
C PRO B 140 -49.21 -15.15 33.08
N GLU B 141 -49.53 -16.28 33.70
CA GLU B 141 -49.94 -16.35 35.10
C GLU B 141 -48.85 -15.77 36.01
N ASN B 142 -47.61 -16.11 35.69
CA ASN B 142 -46.45 -15.67 36.45
C ASN B 142 -46.07 -14.23 36.10
N LEU B 143 -46.02 -13.92 34.81
CA LEU B 143 -45.65 -12.57 34.38
C LEU B 143 -46.60 -11.52 34.93
N GLU B 144 -47.85 -11.90 35.19
CA GLU B 144 -48.86 -11.00 35.73
C GLU B 144 -48.50 -10.59 37.15
N LYS B 145 -48.02 -11.56 37.93
CA LYS B 145 -47.63 -11.32 39.30
C LYS B 145 -46.33 -10.50 39.37
N LEU B 146 -45.43 -10.71 38.40
CA LEU B 146 -44.14 -10.00 38.34
C LEU B 146 -44.25 -8.64 37.70
N LYS B 147 -45.34 -8.38 37.01
CA LYS B 147 -45.51 -7.09 36.36
C LYS B 147 -45.19 -5.93 37.29
N SER B 148 -45.59 -6.06 38.54
CA SER B 148 -45.39 -5.00 39.54
C SER B 148 -43.92 -4.63 39.81
N CYS B 149 -43.05 -5.61 40.02
CA CYS B 149 -41.64 -5.29 40.28
C CYS B 149 -40.79 -5.03 39.01
N GLY B 150 -41.42 -5.05 37.84
CA GLY B 150 -40.69 -4.75 36.62
C GLY B 150 -40.21 -5.91 35.78
N VAL B 151 -40.62 -5.92 34.51
CA VAL B 151 -40.24 -6.97 33.58
C VAL B 151 -39.66 -6.33 32.34
N SER B 152 -38.57 -6.90 31.86
CA SER B 152 -37.89 -6.35 30.69
C SER B 152 -37.61 -7.43 29.67
N PHE B 153 -37.72 -7.08 28.40
CA PHE B 153 -37.44 -8.02 27.32
C PHE B 153 -36.39 -7.38 26.40
N LEU B 154 -35.45 -8.19 25.91
CA LEU B 154 -34.45 -7.71 24.98
C LEU B 154 -35.16 -7.25 23.71
N ASP B 155 -34.71 -6.16 23.12
CA ASP B 155 -35.28 -5.70 21.88
C ASP B 155 -34.50 -6.43 20.77
N ALA B 156 -34.55 -7.75 20.82
CA ALA B 156 -33.88 -8.62 19.87
C ALA B 156 -34.91 -9.60 19.29
N PRO B 157 -35.55 -9.23 18.17
CA PRO B 157 -36.58 -9.98 17.45
C PRO B 157 -36.27 -11.43 17.17
N GLU B 158 -35.20 -11.67 16.42
CA GLU B 158 -34.81 -13.02 16.05
C GLU B 158 -34.53 -13.88 17.27
N GLU B 159 -34.00 -13.26 18.31
CA GLU B 159 -33.67 -13.99 19.52
C GLU B 159 -34.90 -14.31 20.36
N VAL B 160 -35.77 -13.32 20.55
CA VAL B 160 -36.98 -13.57 21.36
C VAL B 160 -37.90 -14.61 20.67
N PHE B 161 -38.14 -14.42 19.38
CA PHE B 161 -38.98 -15.35 18.64
C PHE B 161 -38.45 -16.76 18.71
N ALA B 162 -37.14 -16.93 18.55
CA ALA B 162 -36.56 -18.26 18.59
C ALA B 162 -36.71 -18.89 19.97
N THR B 163 -36.63 -18.10 21.03
CA THR B 163 -36.76 -18.73 22.34
C THR B 163 -38.22 -19.09 22.62
N VAL B 164 -39.14 -18.25 22.12
CA VAL B 164 -40.57 -18.49 22.28
C VAL B 164 -40.98 -19.76 21.52
N LEU B 165 -40.53 -19.87 20.27
CA LEU B 165 -40.81 -21.03 19.45
C LEU B 165 -40.33 -22.30 20.13
N ASN B 166 -39.13 -22.25 20.70
CA ASN B 166 -38.58 -23.42 21.36
C ASN B 166 -39.42 -23.80 22.58
N TYR B 167 -39.86 -22.77 23.31
CA TYR B 167 -40.68 -22.96 24.50
C TYR B 167 -42.01 -23.61 24.15
N LEU B 168 -42.56 -23.27 22.98
CA LEU B 168 -43.83 -23.81 22.53
C LEU B 168 -43.68 -25.21 21.93
N GLY B 169 -42.48 -25.77 21.99
CA GLY B 169 -42.28 -27.10 21.45
C GLY B 169 -41.99 -27.13 19.95
N LYS B 170 -41.84 -25.96 19.33
CA LYS B 170 -41.57 -25.93 17.91
C LYS B 170 -40.09 -25.78 17.62
N ASP B 171 -39.73 -25.83 16.34
CA ASP B 171 -38.35 -25.68 15.92
C ASP B 171 -37.99 -24.19 16.16
N PRO B 172 -36.91 -23.91 16.90
CA PRO B 172 -36.51 -22.53 17.18
C PRO B 172 -36.22 -21.76 15.91
N ASN B 173 -35.87 -22.51 14.87
CA ASN B 173 -35.58 -21.94 13.56
C ASN B 173 -36.60 -22.38 12.53
N SER B 174 -37.86 -22.43 12.93
CA SER B 174 -38.94 -22.85 12.07
C SER B 174 -38.99 -22.05 10.78
N THR B 175 -39.15 -22.76 9.66
CA THR B 175 -39.24 -22.11 8.35
C THR B 175 -40.70 -21.86 7.96
N LYS B 176 -41.64 -22.23 8.83
CA LYS B 176 -43.06 -22.02 8.58
C LYS B 176 -43.58 -20.73 9.11
N ALA B 177 -43.96 -19.87 8.18
CA ALA B 177 -44.47 -18.55 8.51
C ALA B 177 -45.55 -18.48 9.58
N ASP B 178 -46.43 -19.47 9.61
CA ASP B 178 -47.56 -19.52 10.54
C ASP B 178 -47.19 -19.67 12.00
N ASP B 179 -46.03 -20.26 12.22
CA ASP B 179 -45.50 -20.44 13.56
C ASP B 179 -45.23 -19.07 14.15
N TYR B 180 -44.81 -18.13 13.31
CA TYR B 180 -44.49 -16.79 13.78
C TYR B 180 -45.75 -15.96 14.01
N THR B 181 -46.53 -15.80 12.95
CA THR B 181 -47.76 -15.02 12.98
C THR B 181 -48.83 -15.69 13.83
N GLY B 182 -48.74 -17.00 13.94
CA GLY B 182 -49.69 -17.73 14.74
C GLY B 182 -49.38 -17.79 16.21
N PRO B 183 -49.02 -18.96 16.73
CA PRO B 183 -48.70 -19.23 18.15
C PRO B 183 -47.70 -18.26 18.79
N ALA B 184 -46.58 -18.05 18.10
CA ALA B 184 -45.54 -17.16 18.58
C ALA B 184 -46.11 -15.79 18.97
N THR B 185 -46.73 -15.14 18.00
CA THR B 185 -47.32 -13.82 18.23
C THR B 185 -48.42 -13.83 19.28
N ASP B 186 -49.13 -14.96 19.37
CA ASP B 186 -50.23 -15.08 20.33
C ASP B 186 -49.70 -14.96 21.74
N LEU B 187 -48.75 -15.83 22.05
CA LEU B 187 -48.12 -15.84 23.35
C LEU B 187 -47.55 -14.46 23.70
N LEU B 188 -46.78 -13.89 22.78
CA LEU B 188 -46.18 -12.58 22.98
C LEU B 188 -47.20 -11.51 23.27
N LEU B 189 -48.31 -11.53 22.54
CA LEU B 189 -49.36 -10.53 22.77
C LEU B 189 -50.02 -10.75 24.13
N LYS B 190 -50.07 -11.99 24.58
CA LYS B 190 -50.63 -12.32 25.89
C LYS B 190 -49.76 -11.72 26.98
N LEU B 191 -48.44 -11.93 26.85
CA LEU B 191 -47.48 -11.46 27.84
C LEU B 191 -47.30 -9.95 27.81
N ARG B 192 -47.32 -9.43 26.59
CA ARG B 192 -47.11 -8.01 26.33
C ARG B 192 -47.55 -6.95 27.34
N PRO B 193 -48.77 -7.03 27.86
CA PRO B 193 -49.16 -5.98 28.82
C PRO B 193 -48.41 -5.98 30.16
N ASN B 194 -47.70 -7.07 30.46
CA ASN B 194 -46.95 -7.17 31.71
C ASN B 194 -45.47 -6.73 31.59
N ILE B 195 -45.07 -6.39 30.37
CA ILE B 195 -43.69 -5.98 30.06
C ILE B 195 -43.53 -4.47 30.16
N ARG B 196 -42.69 -4.00 31.10
CA ARG B 196 -42.45 -2.57 31.26
C ARG B 196 -41.73 -1.96 30.06
N TYR B 197 -40.77 -2.69 29.47
CA TYR B 197 -40.08 -2.18 28.30
C TYR B 197 -39.26 -3.23 27.55
N PHE B 198 -38.95 -2.89 26.30
CA PHE B 198 -38.13 -3.73 25.40
C PHE B 198 -36.84 -2.95 25.22
N HIS B 199 -35.76 -3.42 25.84
CA HIS B 199 -34.49 -2.72 25.71
C HIS B 199 -33.33 -3.69 25.88
N SER B 200 -32.28 -3.50 25.09
CA SER B 200 -31.13 -4.40 25.14
C SER B 200 -29.90 -3.95 25.92
N SER B 201 -30.04 -2.97 26.82
CA SER B 201 -28.90 -2.55 27.63
C SER B 201 -29.28 -1.87 28.95
N GLN B 202 -30.37 -1.11 28.95
CA GLN B 202 -30.78 -0.44 30.18
C GLN B 202 -31.18 -1.38 31.30
N TYR B 203 -31.42 -2.64 30.97
CA TYR B 203 -31.82 -3.59 31.98
C TYR B 203 -30.72 -3.99 32.96
N ILE B 204 -29.47 -3.73 32.58
CA ILE B 204 -28.35 -4.08 33.45
C ILE B 204 -28.38 -3.24 34.72
N ASN B 205 -28.43 -1.94 34.57
CA ASN B 205 -28.47 -1.03 35.70
C ASN B 205 -29.74 -1.17 36.51
N ASP B 206 -30.84 -1.46 35.82
CA ASP B 206 -32.11 -1.61 36.52
C ASP B 206 -32.11 -2.86 37.34
N LEU B 207 -31.49 -3.91 36.80
CA LEU B 207 -31.41 -5.16 37.53
C LEU B 207 -30.54 -4.93 38.75
N ALA B 208 -29.45 -4.18 38.55
CA ALA B 208 -28.49 -3.87 39.59
C ALA B 208 -29.07 -3.02 40.71
N ASN B 209 -29.90 -2.03 40.35
CA ASN B 209 -30.53 -1.13 41.33
C ASN B 209 -31.81 -1.65 41.99
N GLY B 210 -32.34 -2.76 41.49
CA GLY B 210 -33.58 -3.29 42.02
C GLY B 210 -34.81 -2.65 41.36
N ASP B 211 -34.62 -1.94 40.26
CA ASP B 211 -35.75 -1.31 39.57
C ASP B 211 -36.61 -2.30 38.75
N ILE B 212 -36.03 -3.41 38.29
CA ILE B 212 -36.82 -4.41 37.59
C ILE B 212 -36.46 -5.71 38.28
N CYS B 213 -37.37 -6.69 38.26
CA CYS B 213 -37.15 -7.96 38.92
C CYS B 213 -36.85 -9.15 38.03
N VAL B 214 -37.25 -9.09 36.76
CA VAL B 214 -36.94 -10.17 35.80
C VAL B 214 -36.67 -9.57 34.45
N ALA B 215 -35.90 -10.28 33.65
CA ALA B 215 -35.60 -9.77 32.34
C ALA B 215 -35.07 -10.89 31.49
N ILE B 216 -35.32 -10.79 30.21
CA ILE B 216 -34.78 -11.77 29.28
C ILE B 216 -33.49 -11.00 28.95
N GLY B 217 -32.35 -11.64 29.16
CA GLY B 217 -31.09 -10.96 28.90
C GLY B 217 -29.93 -11.86 28.56
N TRP B 218 -28.83 -11.23 28.15
CA TRP B 218 -27.60 -11.92 27.79
C TRP B 218 -26.83 -12.22 29.07
N ALA B 219 -26.39 -13.48 29.22
CA ALA B 219 -25.72 -13.92 30.44
C ALA B 219 -24.72 -12.95 31.07
N GLY B 220 -23.66 -12.59 30.34
CA GLY B 220 -22.66 -11.68 30.86
C GLY B 220 -23.23 -10.38 31.37
N ASP B 221 -24.18 -9.80 30.64
CA ASP B 221 -24.79 -8.53 31.09
C ASP B 221 -25.45 -8.69 32.46
N VAL B 222 -26.07 -9.84 32.70
CA VAL B 222 -26.74 -10.06 33.97
C VAL B 222 -25.72 -10.24 35.08
N TRP B 223 -24.65 -10.97 34.81
CA TRP B 223 -23.63 -11.17 35.83
C TRP B 223 -22.97 -9.83 36.11
N GLN B 224 -22.87 -8.98 35.11
CA GLN B 224 -22.29 -7.67 35.34
C GLN B 224 -23.19 -6.93 36.33
N ALA B 225 -24.49 -7.09 36.16
CA ALA B 225 -25.47 -6.45 37.03
C ALA B 225 -25.31 -7.02 38.41
N SER B 226 -25.20 -8.34 38.50
CA SER B 226 -25.05 -8.97 39.79
C SER B 226 -23.81 -8.42 40.49
N ASN B 227 -22.73 -8.29 39.73
CA ASN B 227 -21.51 -7.78 40.28
C ASN B 227 -21.61 -6.32 40.72
N ARG B 228 -22.23 -5.47 39.91
CA ARG B 228 -22.37 -4.08 40.30
C ARG B 228 -23.16 -3.96 41.60
N ALA B 229 -24.09 -4.87 41.82
CA ALA B 229 -24.89 -4.77 43.03
C ALA B 229 -24.02 -5.15 44.21
N LYS B 230 -23.16 -6.15 44.01
CA LYS B 230 -22.26 -6.61 45.07
C LYS B 230 -21.30 -5.49 45.44
N GLU B 231 -20.72 -4.86 44.42
CA GLU B 231 -19.79 -3.77 44.64
C GLU B 231 -20.46 -2.64 45.40
N ALA B 232 -21.70 -2.34 45.07
CA ALA B 232 -22.40 -1.26 45.75
C ALA B 232 -22.84 -1.65 47.14
N LYS B 233 -22.89 -2.95 47.42
CA LYS B 233 -23.34 -3.44 48.72
C LYS B 233 -24.74 -2.88 49.04
N ASN B 234 -25.60 -2.87 48.03
CA ASN B 234 -26.95 -2.34 48.16
C ASN B 234 -27.98 -3.38 48.61
N GLY B 235 -27.54 -4.62 48.82
CA GLY B 235 -28.45 -5.67 49.25
C GLY B 235 -29.18 -6.43 48.18
N VAL B 236 -29.09 -5.96 46.93
CA VAL B 236 -29.75 -6.57 45.79
C VAL B 236 -29.06 -7.86 45.35
N ASN B 237 -29.84 -8.93 45.19
CA ASN B 237 -29.31 -10.23 44.76
C ASN B 237 -29.76 -10.60 43.35
N VAL B 238 -28.92 -10.36 42.37
CA VAL B 238 -29.23 -10.68 40.98
C VAL B 238 -28.57 -11.98 40.56
N SER B 239 -29.31 -12.81 39.85
CA SER B 239 -28.79 -14.08 39.36
C SER B 239 -29.21 -14.29 37.90
N PHE B 240 -28.72 -15.35 37.29
CA PHE B 240 -29.05 -15.59 35.90
C PHE B 240 -29.37 -17.05 35.75
N SER B 241 -30.20 -17.38 34.77
CA SER B 241 -30.57 -18.77 34.60
C SER B 241 -30.62 -19.19 33.13
N ILE B 242 -30.11 -20.39 32.85
CA ILE B 242 -30.16 -20.97 31.50
C ILE B 242 -31.21 -22.04 31.78
N PRO B 243 -32.48 -21.76 31.41
CA PRO B 243 -33.63 -22.65 31.63
C PRO B 243 -33.47 -24.09 31.14
N LYS B 244 -34.10 -25.01 31.86
CA LYS B 244 -34.01 -26.42 31.51
C LYS B 244 -34.59 -26.80 30.16
N GLU B 245 -35.40 -25.92 29.58
CA GLU B 245 -36.01 -26.19 28.27
C GLU B 245 -35.03 -25.87 27.16
N GLY B 246 -33.89 -25.30 27.53
CA GLY B 246 -32.88 -24.94 26.54
C GLY B 246 -32.84 -23.44 26.39
N ALA B 247 -31.83 -22.94 25.70
CA ALA B 247 -31.67 -21.51 25.46
C ALA B 247 -30.81 -21.32 24.23
N MET B 248 -30.88 -20.12 23.67
CA MET B 248 -30.11 -19.78 22.49
C MET B 248 -28.68 -19.39 22.87
N ALA B 249 -27.72 -19.86 22.08
CA ALA B 249 -26.31 -19.53 22.30
C ALA B 249 -25.91 -18.65 21.13
N PHE B 250 -25.16 -17.58 21.40
CA PHE B 250 -24.68 -16.71 20.33
C PHE B 250 -23.15 -16.63 20.42
N PHE B 251 -22.52 -16.26 19.31
CA PHE B 251 -21.06 -16.11 19.25
C PHE B 251 -20.74 -14.81 18.55
N ASP B 252 -20.28 -13.82 19.31
CA ASP B 252 -19.92 -12.54 18.73
C ASP B 252 -18.50 -12.62 18.17
N VAL B 253 -18.29 -12.00 17.02
CA VAL B 253 -17.01 -12.11 16.33
C VAL B 253 -16.54 -10.76 15.81
N PHE B 254 -15.23 -10.64 15.56
CA PHE B 254 -14.68 -9.41 15.02
C PHE B 254 -14.56 -9.62 13.52
N ALA B 255 -14.91 -8.61 12.73
CA ALA B 255 -14.82 -8.75 11.30
C ALA B 255 -14.38 -7.43 10.73
N MET B 256 -13.90 -7.45 9.50
CA MET B 256 -13.40 -6.23 8.92
C MET B 256 -14.13 -5.77 7.69
N PRO B 257 -14.79 -4.60 7.77
CA PRO B 257 -15.50 -4.09 6.61
C PRO B 257 -14.57 -4.05 5.41
N ALA B 258 -15.07 -4.49 4.27
CA ALA B 258 -14.30 -4.50 3.04
C ALA B 258 -13.74 -3.13 2.65
N ASP B 259 -14.27 -2.06 3.24
CA ASP B 259 -13.75 -0.73 2.90
C ASP B 259 -12.99 -0.06 4.06
N ALA B 260 -12.57 -0.88 5.03
CA ALA B 260 -11.81 -0.37 6.17
C ALA B 260 -10.58 0.31 5.62
N LYS B 261 -10.21 1.45 6.20
CA LYS B 261 -9.03 2.14 5.69
C LYS B 261 -7.74 1.82 6.46
N ASN B 262 -7.84 1.65 7.78
CA ASN B 262 -6.68 1.34 8.60
C ASN B 262 -6.53 -0.13 8.88
N LYS B 263 -6.30 -0.92 7.83
CA LYS B 263 -6.16 -2.36 7.96
C LYS B 263 -5.00 -2.82 8.84
N ASP B 264 -3.87 -2.14 8.75
CA ASP B 264 -2.74 -2.57 9.55
C ASP B 264 -2.97 -2.31 11.02
N GLU B 265 -3.58 -1.18 11.34
CA GLU B 265 -3.86 -0.87 12.73
C GLU B 265 -4.90 -1.87 13.25
N ALA B 266 -5.77 -2.34 12.37
CA ALA B 266 -6.81 -3.28 12.76
C ALA B 266 -6.20 -4.62 13.11
N TYR B 267 -5.28 -5.09 12.26
CA TYR B 267 -4.62 -6.36 12.51
C TYR B 267 -3.82 -6.29 13.82
N GLN B 268 -3.31 -5.11 14.15
CA GLN B 268 -2.58 -4.93 15.40
C GLN B 268 -3.51 -5.15 16.56
N PHE B 269 -4.72 -4.60 16.45
CA PHE B 269 -5.72 -4.78 17.52
C PHE B 269 -6.12 -6.25 17.63
N LEU B 270 -6.34 -6.90 16.50
CA LEU B 270 -6.72 -8.31 16.55
C LEU B 270 -5.66 -9.16 17.25
N ASN B 271 -4.40 -8.90 16.93
CA ASN B 271 -3.31 -9.65 17.56
C ASN B 271 -3.21 -9.32 19.04
N TYR B 272 -3.53 -8.08 19.40
CA TYR B 272 -3.52 -7.68 20.79
C TYR B 272 -4.57 -8.51 21.54
N LEU B 273 -5.71 -8.72 20.89
CA LEU B 273 -6.82 -9.48 21.51
C LEU B 273 -6.54 -10.97 21.56
N LEU B 274 -5.67 -11.46 20.69
CA LEU B 274 -5.34 -12.88 20.68
C LEU B 274 -4.45 -13.27 21.86
N ARG B 275 -3.88 -12.26 22.54
CA ARG B 275 -3.01 -12.49 23.71
C ARG B 275 -3.84 -12.96 24.89
N PRO B 276 -3.52 -14.15 25.42
CA PRO B 276 -4.22 -14.73 26.56
C PRO B 276 -4.48 -13.82 27.73
N ASP B 277 -3.51 -13.00 28.10
CA ASP B 277 -3.70 -12.12 29.25
C ASP B 277 -4.67 -10.98 28.93
N VAL B 278 -4.66 -10.51 27.68
CA VAL B 278 -5.55 -9.43 27.29
C VAL B 278 -7.04 -9.84 27.35
N VAL B 279 -7.40 -10.95 26.70
CA VAL B 279 -8.80 -11.38 26.72
C VAL B 279 -9.26 -11.90 28.06
N ALA B 280 -8.38 -12.58 28.79
CA ALA B 280 -8.78 -13.08 30.10
C ALA B 280 -9.09 -11.89 31.03
N HIS B 281 -8.42 -10.77 30.79
CA HIS B 281 -8.64 -9.57 31.58
C HIS B 281 -10.03 -9.04 31.24
N ILE B 282 -10.40 -9.10 29.96
CA ILE B 282 -11.71 -8.62 29.54
C ILE B 282 -12.78 -9.50 30.21
N SER B 283 -12.67 -10.82 30.05
CA SER B 283 -13.64 -11.74 30.66
C SER B 283 -13.81 -11.48 32.15
N ASP B 284 -12.74 -11.05 32.81
CA ASP B 284 -12.75 -10.80 34.24
C ASP B 284 -13.67 -9.66 34.63
N HIS B 285 -13.78 -8.66 33.76
CA HIS B 285 -14.61 -7.52 34.07
C HIS B 285 -15.99 -7.52 33.40
N VAL B 286 -16.07 -8.21 32.28
CA VAL B 286 -17.25 -8.27 31.47
C VAL B 286 -18.16 -9.49 31.74
N PHE B 287 -17.60 -10.50 32.40
CA PHE B 287 -18.29 -11.74 32.76
C PHE B 287 -18.81 -12.60 31.60
N TYR B 288 -18.10 -12.57 30.49
CA TYR B 288 -18.42 -13.37 29.31
C TYR B 288 -17.28 -14.35 29.09
N ALA B 289 -17.59 -15.51 28.53
CA ALA B 289 -16.56 -16.50 28.22
C ALA B 289 -15.93 -16.05 26.90
N ASN B 290 -14.60 -16.09 26.80
CA ASN B 290 -13.92 -15.69 25.57
C ASN B 290 -13.66 -16.96 24.74
N ALA B 291 -13.27 -16.78 23.48
CA ALA B 291 -13.02 -17.92 22.59
C ALA B 291 -11.57 -18.41 22.61
N ASN B 292 -10.76 -17.84 23.50
CA ASN B 292 -9.34 -18.19 23.63
C ASN B 292 -9.08 -19.33 24.57
N LYS B 293 -8.73 -20.48 24.00
CA LYS B 293 -8.45 -21.67 24.78
C LYS B 293 -7.26 -21.47 25.72
N ALA B 294 -6.30 -20.68 25.27
CA ALA B 294 -5.10 -20.39 26.04
C ALA B 294 -5.40 -19.49 27.23
N ALA B 295 -6.33 -18.56 27.05
CA ALA B 295 -6.68 -17.59 28.08
C ALA B 295 -7.37 -18.15 29.31
N THR B 296 -8.06 -19.27 29.14
CA THR B 296 -8.83 -19.85 30.22
C THR B 296 -8.18 -19.90 31.58
N PRO B 297 -6.98 -20.51 31.68
CA PRO B 297 -6.33 -20.58 33.00
C PRO B 297 -6.11 -19.23 33.67
N LEU B 298 -5.99 -18.17 32.88
CA LEU B 298 -5.77 -16.85 33.42
C LEU B 298 -7.04 -16.16 33.90
N VAL B 299 -8.20 -16.73 33.58
CA VAL B 299 -9.48 -16.12 33.95
C VAL B 299 -9.76 -16.36 35.43
N SER B 300 -10.20 -15.33 36.15
CA SER B 300 -10.48 -15.49 37.58
C SER B 300 -11.36 -16.71 37.77
N ALA B 301 -11.17 -17.40 38.90
CA ALA B 301 -11.96 -18.60 39.16
C ALA B 301 -13.45 -18.31 39.34
N GLU B 302 -13.78 -17.13 39.85
CA GLU B 302 -15.19 -16.82 40.05
C GLU B 302 -15.92 -16.77 38.70
N VAL B 303 -15.23 -16.33 37.65
CA VAL B 303 -15.83 -16.25 36.32
C VAL B 303 -15.72 -17.61 35.62
N ARG B 304 -14.50 -18.14 35.57
CA ARG B 304 -14.25 -19.41 34.89
C ARG B 304 -15.01 -20.58 35.48
N GLU B 305 -15.33 -20.53 36.77
CA GLU B 305 -16.03 -21.62 37.43
C GLU B 305 -17.55 -21.45 37.51
N ASN B 306 -18.07 -20.38 36.93
CA ASN B 306 -19.52 -20.12 36.93
C ASN B 306 -20.15 -20.87 35.76
N PRO B 307 -21.04 -21.85 36.06
CA PRO B 307 -21.69 -22.64 35.01
C PRO B 307 -22.59 -21.84 34.09
N GLY B 308 -22.89 -20.61 34.50
CA GLY B 308 -23.73 -19.74 33.70
C GLY B 308 -22.91 -18.83 32.79
N ILE B 309 -21.59 -19.02 32.82
CA ILE B 309 -20.67 -18.24 31.98
C ILE B 309 -19.89 -19.23 31.11
N TYR B 310 -19.40 -20.28 31.75
CA TYR B 310 -18.67 -21.37 31.13
C TYR B 310 -19.51 -22.58 31.48
N PRO B 311 -20.57 -22.83 30.69
CA PRO B 311 -21.43 -23.98 30.99
C PRO B 311 -20.84 -25.36 30.73
N PRO B 312 -21.17 -26.34 31.58
CA PRO B 312 -20.69 -27.72 31.43
C PRO B 312 -21.22 -28.34 30.14
N ALA B 313 -20.64 -29.47 29.74
CA ALA B 313 -21.05 -30.14 28.50
C ALA B 313 -22.52 -30.54 28.42
N ASP B 314 -23.08 -30.94 29.56
CA ASP B 314 -24.48 -31.36 29.60
C ASP B 314 -25.46 -30.18 29.41
N VAL B 315 -25.04 -28.98 29.78
CA VAL B 315 -25.89 -27.81 29.62
C VAL B 315 -25.71 -27.30 28.20
N ARG B 316 -24.50 -27.46 27.67
CA ARG B 316 -24.21 -27.00 26.32
C ARG B 316 -24.95 -27.87 25.33
N ALA B 317 -25.33 -29.06 25.77
CA ALA B 317 -26.06 -30.00 24.95
C ALA B 317 -27.47 -29.48 24.66
N LYS B 318 -28.04 -28.77 25.62
CA LYS B 318 -29.39 -28.22 25.52
C LYS B 318 -29.48 -26.81 24.91
N LEU B 319 -28.44 -26.35 24.24
CA LEU B 319 -28.46 -25.00 23.65
C LEU B 319 -28.64 -25.08 22.15
N PHE B 320 -29.17 -24.02 21.55
CA PHE B 320 -29.34 -24.03 20.11
C PHE B 320 -28.87 -22.70 19.54
N THR B 321 -28.64 -22.66 18.24
CA THR B 321 -28.16 -21.47 17.59
C THR B 321 -29.09 -21.02 16.49
N LEU B 322 -29.06 -19.73 16.16
CA LEU B 322 -29.89 -19.16 15.12
C LEU B 322 -29.39 -19.56 13.75
N LYS B 323 -30.32 -19.66 12.80
CA LYS B 323 -30.00 -19.97 11.41
C LYS B 323 -30.51 -18.78 10.62
N VAL B 324 -29.97 -18.55 9.43
CA VAL B 324 -30.45 -17.45 8.64
C VAL B 324 -31.75 -17.89 7.99
N GLN B 325 -32.73 -16.98 7.95
CA GLN B 325 -34.06 -17.25 7.38
C GLN B 325 -34.27 -16.60 6.00
N ASP B 326 -35.18 -17.15 5.19
CA ASP B 326 -35.47 -16.61 3.86
C ASP B 326 -36.14 -15.26 4.05
N PRO B 327 -36.27 -14.48 2.97
CA PRO B 327 -36.89 -13.14 3.07
C PRO B 327 -38.33 -13.09 3.58
N LYS B 328 -39.09 -14.14 3.31
CA LYS B 328 -40.48 -14.19 3.74
C LYS B 328 -40.56 -14.25 5.26
N ILE B 329 -39.96 -15.28 5.83
CA ILE B 329 -39.91 -15.43 7.28
C ILE B 329 -39.37 -14.16 7.91
N ASP B 330 -38.38 -13.55 7.25
CA ASP B 330 -37.79 -12.35 7.78
C ASP B 330 -38.82 -11.24 7.87
N ARG B 331 -39.53 -11.00 6.77
CA ARG B 331 -40.57 -9.97 6.71
C ARG B 331 -41.68 -10.19 7.74
N VAL B 332 -42.12 -11.44 7.80
CA VAL B 332 -43.19 -11.85 8.71
C VAL B 332 -42.80 -11.59 10.16
N ARG B 333 -41.63 -12.10 10.56
CA ARG B 333 -41.14 -11.94 11.91
C ARG B 333 -40.97 -10.47 12.30
N THR B 334 -40.46 -9.67 11.38
CA THR B 334 -40.26 -8.24 11.61
C THR B 334 -41.59 -7.52 11.82
N ARG B 335 -42.53 -7.84 10.93
CA ARG B 335 -43.88 -7.29 10.96
C ARG B 335 -44.52 -7.65 12.31
N ALA B 336 -44.46 -8.93 12.64
CA ALA B 336 -44.98 -9.44 13.90
C ALA B 336 -44.38 -8.76 15.13
N TRP B 337 -43.08 -8.51 15.06
CA TRP B 337 -42.37 -7.89 16.17
C TRP B 337 -42.88 -6.46 16.40
N THR B 338 -43.13 -5.73 15.31
CA THR B 338 -43.62 -4.37 15.44
C THR B 338 -44.98 -4.35 16.12
N LYS B 339 -45.81 -5.32 15.76
CA LYS B 339 -47.14 -5.49 16.29
C LYS B 339 -47.03 -5.68 17.81
N VAL B 340 -46.25 -6.67 18.21
CA VAL B 340 -46.01 -7.01 19.60
C VAL B 340 -45.51 -5.85 20.45
N LYS B 341 -44.54 -5.11 19.94
CA LYS B 341 -43.98 -4.00 20.70
C LYS B 341 -44.96 -2.84 20.89
N SER B 342 -45.57 -2.40 19.80
CA SER B 342 -46.52 -1.28 19.84
C SER B 342 -47.60 -1.43 20.92
N GLY B 343 -48.11 -2.65 21.08
CA GLY B 343 -49.12 -2.89 22.08
C GLY B 343 -50.09 -3.98 21.67
N GLN C 3 20.72 9.92 1.99
CA GLN C 3 20.19 11.08 1.24
C GLN C 3 20.71 11.09 -0.20
N LYS C 4 19.79 11.02 -1.17
CA LYS C 4 20.15 11.00 -2.59
C LYS C 4 20.27 12.42 -3.13
N THR C 5 21.25 12.65 -4.00
CA THR C 5 21.44 13.98 -4.56
C THR C 5 21.67 13.92 -6.06
N LEU C 6 21.48 15.06 -6.70
CA LEU C 6 21.66 15.18 -8.14
C LEU C 6 22.21 16.57 -8.36
N HIS C 7 23.25 16.67 -9.18
CA HIS C 7 23.87 17.96 -9.48
C HIS C 7 23.60 18.24 -10.92
N ILE C 8 22.94 19.38 -11.18
CA ILE C 8 22.62 19.75 -12.54
C ILE C 8 23.24 21.09 -12.85
N TYR C 9 23.77 21.20 -14.06
CA TYR C 9 24.39 22.43 -14.54
C TYR C 9 23.63 22.78 -15.83
N ASN C 10 22.88 23.87 -15.77
CA ASN C 10 22.06 24.28 -16.90
C ASN C 10 22.13 25.79 -17.11
N TRP C 11 21.70 26.24 -18.29
CA TRP C 11 21.67 27.67 -18.58
C TRP C 11 20.73 28.37 -17.61
N SER C 12 21.03 29.63 -17.33
CA SER C 12 20.19 30.40 -16.44
C SER C 12 18.88 30.71 -17.20
N ASP C 13 17.81 31.00 -16.46
CA ASP C 13 16.53 31.32 -17.07
C ASP C 13 16.16 30.29 -18.15
N TYR C 14 16.27 29.01 -17.80
CA TYR C 14 16.01 27.91 -18.70
C TYR C 14 15.19 26.78 -18.05
N ILE C 15 14.38 27.12 -17.04
CA ILE C 15 13.56 26.13 -16.38
C ILE C 15 12.47 26.89 -15.62
N ALA C 16 11.40 26.21 -15.24
CA ALA C 16 10.33 26.90 -14.52
C ALA C 16 10.74 27.02 -13.06
N PRO C 17 10.37 28.13 -12.41
CA PRO C 17 10.73 28.28 -10.99
C PRO C 17 10.35 27.15 -10.03
N ASP C 18 9.43 26.25 -10.39
CA ASP C 18 9.06 25.19 -9.46
C ASP C 18 9.42 23.79 -9.91
N THR C 19 9.87 23.66 -11.15
CA THR C 19 10.23 22.36 -11.71
C THR C 19 11.07 21.48 -10.79
N VAL C 20 12.09 22.08 -10.16
CA VAL C 20 12.98 21.32 -9.29
C VAL C 20 12.33 20.99 -7.95
N ALA C 21 11.61 21.96 -7.40
CA ALA C 21 10.91 21.75 -6.14
C ALA C 21 9.93 20.57 -6.27
N ASN C 22 9.18 20.57 -7.39
CA ASN C 22 8.21 19.53 -7.69
C ASN C 22 8.90 18.18 -7.77
N PHE C 23 9.97 18.11 -8.56
CA PHE C 23 10.74 16.88 -8.75
C PHE C 23 11.24 16.38 -7.40
N GLU C 24 11.66 17.30 -6.55
CA GLU C 24 12.15 16.93 -5.23
C GLU C 24 11.04 16.31 -4.37
N LYS C 25 9.86 16.94 -4.34
CA LYS C 25 8.74 16.44 -3.56
C LYS C 25 8.35 15.03 -4.00
N GLU C 26 8.24 14.84 -5.31
CA GLU C 26 7.86 13.56 -5.87
C GLU C 26 8.89 12.43 -5.72
N THR C 27 10.18 12.74 -5.72
CA THR C 27 11.20 11.69 -5.64
C THR C 27 11.99 11.63 -4.34
N GLY C 28 11.96 12.71 -3.57
CA GLY C 28 12.73 12.74 -2.34
C GLY C 28 14.21 12.95 -2.62
N ILE C 29 14.57 13.16 -3.89
CA ILE C 29 15.96 13.40 -4.30
C ILE C 29 16.28 14.86 -4.07
N LYS C 30 17.41 15.16 -3.43
CA LYS C 30 17.84 16.55 -3.19
C LYS C 30 18.64 17.02 -4.42
N VAL C 31 18.23 18.14 -5.00
CA VAL C 31 18.85 18.67 -6.21
C VAL C 31 19.70 19.92 -6.00
N VAL C 32 20.92 19.87 -6.51
CA VAL C 32 21.83 21.02 -6.45
C VAL C 32 21.83 21.50 -7.88
N TYR C 33 21.28 22.69 -8.08
CA TYR C 33 21.12 23.24 -9.41
C TYR C 33 21.98 24.49 -9.60
N ASP C 34 22.90 24.42 -10.57
CA ASP C 34 23.81 25.54 -10.90
C ASP C 34 23.59 26.02 -12.31
N VAL C 35 23.78 27.31 -12.54
CA VAL C 35 23.58 27.85 -13.88
C VAL C 35 24.77 28.56 -14.51
N PHE C 36 24.75 28.63 -15.83
CA PHE C 36 25.78 29.28 -16.60
C PHE C 36 25.12 29.99 -17.77
N ASP C 37 25.87 30.80 -18.52
CA ASP C 37 25.30 31.49 -19.68
C ASP C 37 26.25 31.47 -20.88
N SER C 38 27.16 30.50 -20.89
CA SER C 38 28.11 30.42 -21.98
C SER C 38 28.49 28.97 -22.30
N ASN C 39 28.44 28.62 -23.58
CA ASN C 39 28.81 27.27 -24.00
C ASN C 39 30.30 27.04 -23.74
N GLU C 40 31.07 28.13 -23.86
CA GLU C 40 32.51 28.09 -23.67
C GLU C 40 32.87 27.79 -22.21
N VAL C 41 32.19 28.41 -21.25
CA VAL C 41 32.50 28.12 -19.85
C VAL C 41 32.23 26.65 -19.58
N LEU C 42 31.11 26.15 -20.09
CA LEU C 42 30.75 24.75 -19.87
C LEU C 42 31.81 23.85 -20.51
N GLU C 43 32.13 24.10 -21.79
CA GLU C 43 33.12 23.26 -22.46
C GLU C 43 34.40 23.24 -21.65
N GLY C 44 34.78 24.42 -21.15
CA GLY C 44 35.97 24.55 -20.36
C GLY C 44 36.00 23.58 -19.20
N LYS C 45 34.96 23.60 -18.36
CA LYS C 45 34.92 22.70 -17.22
C LYS C 45 34.81 21.23 -17.61
N LEU C 46 34.21 20.96 -18.75
CA LEU C 46 34.10 19.57 -19.16
C LEU C 46 35.46 19.04 -19.61
N MET C 47 36.18 19.83 -20.42
CA MET C 47 37.50 19.43 -20.91
C MET C 47 38.44 19.26 -19.72
N ALA C 48 38.34 20.16 -18.74
CA ALA C 48 39.18 20.12 -17.54
C ALA C 48 38.94 18.84 -16.76
N GLY C 49 37.78 18.22 -16.98
CA GLY C 49 37.43 17.00 -16.29
C GLY C 49 36.89 17.20 -14.88
N SER C 50 36.37 16.12 -14.30
CA SER C 50 35.81 16.12 -12.93
C SER C 50 34.97 17.32 -12.54
N THR C 51 33.92 17.60 -13.31
CA THR C 51 33.02 18.73 -13.05
C THR C 51 32.21 18.59 -11.76
N GLY C 52 31.89 17.36 -11.39
CA GLY C 52 31.09 17.13 -10.19
C GLY C 52 29.59 17.27 -10.49
N PHE C 53 29.24 17.20 -11.78
CA PHE C 53 27.87 17.33 -12.25
C PHE C 53 27.39 16.02 -12.82
N ASP C 54 26.11 15.71 -12.58
CA ASP C 54 25.49 14.48 -13.09
C ASP C 54 24.85 14.74 -14.45
N LEU C 55 24.41 15.98 -14.66
CA LEU C 55 23.79 16.39 -15.92
C LEU C 55 24.19 17.80 -16.33
N VAL C 56 24.48 17.98 -17.61
CA VAL C 56 24.86 19.28 -18.14
C VAL C 56 24.08 19.52 -19.41
N VAL C 57 23.94 20.79 -19.80
CA VAL C 57 23.15 21.14 -20.95
C VAL C 57 23.83 21.99 -22.05
N PRO C 58 24.71 21.37 -22.83
CA PRO C 58 25.42 22.07 -23.92
C PRO C 58 24.56 22.20 -25.18
N SER C 59 24.91 23.12 -26.07
CA SER C 59 24.20 23.22 -27.34
C SER C 59 24.74 22.00 -28.10
N ALA C 60 23.98 21.47 -29.04
CA ALA C 60 24.39 20.29 -29.79
C ALA C 60 25.70 20.41 -30.58
N SER C 61 25.99 21.59 -31.12
CA SER C 61 27.22 21.79 -31.90
C SER C 61 28.45 21.66 -30.98
N PHE C 62 28.33 22.14 -29.75
CA PHE C 62 29.42 22.02 -28.78
C PHE C 62 29.51 20.60 -28.25
N LEU C 63 28.37 19.92 -28.22
CA LEU C 63 28.28 18.53 -27.75
C LEU C 63 29.12 17.66 -28.67
N GLU C 64 29.03 17.90 -29.98
CA GLU C 64 29.77 17.13 -30.97
C GLU C 64 31.28 17.13 -30.72
N ARG C 65 31.78 18.32 -30.36
CA ARG C 65 33.20 18.52 -30.08
C ARG C 65 33.61 17.80 -28.78
N GLN C 66 32.81 17.96 -27.74
CA GLN C 66 33.08 17.34 -26.44
C GLN C 66 33.01 15.83 -26.49
N LEU C 67 32.24 15.31 -27.42
CA LEU C 67 32.09 13.87 -27.59
C LEU C 67 33.41 13.28 -28.01
N THR C 68 34.08 14.01 -28.90
CA THR C 68 35.38 13.61 -29.46
C THR C 68 36.33 13.32 -28.32
N ALA C 69 36.29 14.20 -27.34
CA ALA C 69 37.14 14.06 -26.18
C ALA C 69 36.67 12.99 -25.19
N GLY C 70 35.57 12.29 -25.49
CA GLY C 70 35.07 11.24 -24.60
C GLY C 70 34.57 11.74 -23.25
N VAL C 71 34.01 12.95 -23.21
CA VAL C 71 33.50 13.52 -21.96
C VAL C 71 32.20 12.90 -21.39
N PHE C 72 31.34 12.39 -22.28
CA PHE C 72 30.04 11.84 -21.89
C PHE C 72 29.87 10.35 -22.02
N GLN C 73 28.97 9.80 -21.22
CA GLN C 73 28.66 8.38 -21.32
C GLN C 73 27.37 8.29 -22.13
N PRO C 74 27.17 7.19 -22.86
CA PRO C 74 25.97 7.00 -23.68
C PRO C 74 24.74 6.81 -22.80
N LEU C 75 23.61 7.31 -23.28
CA LEU C 75 22.36 7.20 -22.52
C LEU C 75 21.74 5.84 -22.79
N ASP C 76 21.41 5.10 -21.72
CA ASP C 76 20.76 3.80 -21.91
C ASP C 76 19.28 4.10 -22.13
N LYS C 77 18.84 4.03 -23.38
CA LYS C 77 17.47 4.35 -23.72
C LYS C 77 16.41 3.39 -23.18
N SER C 78 16.82 2.20 -22.78
CA SER C 78 15.87 1.26 -22.23
C SER C 78 15.43 1.78 -20.86
N LYS C 79 16.12 2.77 -20.30
CA LYS C 79 15.76 3.30 -18.98
C LYS C 79 14.92 4.58 -19.14
N LEU C 80 14.59 4.90 -20.38
CA LEU C 80 13.79 6.08 -20.68
C LEU C 80 12.60 5.65 -21.57
N PRO C 81 11.55 5.06 -20.95
CA PRO C 81 10.36 4.57 -21.64
C PRO C 81 9.67 5.58 -22.56
N GLU C 82 9.50 6.83 -22.09
CA GLU C 82 8.87 7.85 -22.91
C GLU C 82 9.73 8.60 -23.91
N TRP C 83 10.84 7.99 -24.33
CA TRP C 83 11.71 8.57 -25.32
C TRP C 83 10.90 8.89 -26.57
N LYS C 84 9.92 8.05 -26.89
CA LYS C 84 9.11 8.27 -28.09
C LYS C 84 8.30 9.55 -28.09
N ASN C 85 8.30 10.30 -26.99
CA ASN C 85 7.56 11.55 -26.97
C ASN C 85 8.30 12.63 -27.76
N LEU C 86 9.60 12.45 -27.92
CA LEU C 86 10.44 13.45 -28.60
C LEU C 86 10.15 13.57 -30.07
N ASP C 87 10.06 14.80 -30.55
CA ASP C 87 9.81 15.03 -31.96
C ASP C 87 10.90 14.35 -32.78
N PRO C 88 10.53 13.48 -33.73
CA PRO C 88 11.52 12.79 -34.54
C PRO C 88 12.34 13.68 -35.48
N GLU C 89 11.76 14.80 -35.91
CA GLU C 89 12.47 15.68 -36.81
C GLU C 89 13.59 16.40 -36.06
N LEU C 90 13.33 16.76 -34.81
CA LEU C 90 14.35 17.43 -34.01
C LEU C 90 15.46 16.46 -33.66
N LEU C 91 15.13 15.18 -33.46
CA LEU C 91 16.16 14.19 -33.14
C LEU C 91 17.07 13.97 -34.35
N LYS C 92 16.54 14.17 -35.56
CA LYS C 92 17.32 14.02 -36.79
C LYS C 92 18.34 15.15 -36.83
N LEU C 93 17.91 16.37 -36.53
CA LEU C 93 18.80 17.52 -36.55
C LEU C 93 19.90 17.42 -35.51
N VAL C 94 19.56 16.94 -34.33
CA VAL C 94 20.54 16.81 -33.28
C VAL C 94 21.46 15.60 -33.60
N ALA C 95 20.95 14.66 -34.40
CA ALA C 95 21.71 13.47 -34.74
C ALA C 95 22.90 13.78 -35.64
N LYS C 96 22.88 14.96 -36.27
CA LYS C 96 23.99 15.36 -37.12
C LYS C 96 25.22 15.57 -36.21
N HIS C 97 24.99 15.95 -34.95
CA HIS C 97 26.08 16.16 -33.99
C HIS C 97 26.22 14.96 -33.04
N ASP C 98 25.14 14.18 -32.89
CA ASP C 98 25.10 13.01 -32.02
C ASP C 98 24.40 11.93 -32.85
N PRO C 99 25.17 11.18 -33.68
CA PRO C 99 24.66 10.12 -34.56
C PRO C 99 23.97 9.02 -33.76
N ASP C 100 22.78 8.67 -34.20
CA ASP C 100 21.96 7.68 -33.54
C ASP C 100 21.49 8.16 -32.19
N ASN C 101 21.59 9.46 -31.94
CA ASN C 101 21.17 10.05 -30.68
C ASN C 101 21.62 9.21 -29.47
N LYS C 102 22.89 8.82 -29.47
CA LYS C 102 23.44 7.98 -28.43
C LYS C 102 23.83 8.66 -27.12
N PHE C 103 24.07 9.97 -27.14
CA PHE C 103 24.53 10.65 -25.93
C PHE C 103 23.67 11.74 -25.32
N ALA C 104 22.79 12.32 -26.14
CA ALA C 104 22.02 13.44 -25.65
C ALA C 104 20.50 13.43 -25.88
N MET C 105 19.79 14.05 -24.96
CA MET C 105 18.35 14.15 -25.05
C MET C 105 17.97 15.59 -25.33
N PRO C 106 17.41 15.86 -26.52
CA PRO C 106 17.01 17.23 -26.87
C PRO C 106 16.10 17.82 -25.78
N TYR C 107 16.34 19.08 -25.42
CA TYR C 107 15.60 19.76 -24.36
C TYR C 107 14.77 20.91 -24.94
N MET C 108 15.44 22.00 -25.30
CA MET C 108 14.77 23.17 -25.88
C MET C 108 15.51 23.56 -27.12
N TRP C 109 14.96 24.52 -27.86
CA TRP C 109 15.61 25.00 -29.06
C TRP C 109 15.02 26.33 -29.45
N ALA C 110 15.83 27.15 -30.11
CA ALA C 110 15.40 28.47 -30.52
C ALA C 110 16.35 29.01 -31.59
N THR C 111 16.26 30.30 -31.83
CA THR C 111 17.11 30.94 -32.80
C THR C 111 17.81 32.13 -32.16
N THR C 112 18.84 32.62 -32.82
CA THR C 112 19.57 33.78 -32.33
C THR C 112 19.14 34.88 -33.27
N GLY C 113 18.46 35.88 -32.73
CA GLY C 113 17.98 36.96 -33.57
C GLY C 113 18.04 38.31 -32.89
N ILE C 114 17.13 39.19 -33.29
CA ILE C 114 17.08 40.54 -32.75
C ILE C 114 15.97 40.81 -31.73
N GLY C 115 16.35 41.26 -30.54
CA GLY C 115 15.38 41.60 -29.52
C GLY C 115 15.37 43.10 -29.49
N TYR C 116 14.21 43.74 -29.55
CA TYR C 116 14.18 45.20 -29.55
C TYR C 116 12.96 45.84 -28.92
N ASN C 117 13.19 47.05 -28.38
CA ASN C 117 12.14 47.84 -27.76
C ASN C 117 11.47 48.51 -28.96
N VAL C 118 10.24 48.08 -29.27
CA VAL C 118 9.49 48.62 -30.41
C VAL C 118 9.33 50.14 -30.47
N ASP C 119 8.91 50.74 -29.37
CA ASP C 119 8.71 52.18 -29.30
C ASP C 119 9.97 53.00 -29.52
N LYS C 120 11.04 52.63 -28.81
CA LYS C 120 12.31 53.35 -28.89
C LYS C 120 12.93 53.25 -30.28
N VAL C 121 12.87 52.06 -30.87
CA VAL C 121 13.44 51.83 -32.20
C VAL C 121 12.76 52.68 -33.25
N LYS C 122 11.43 52.79 -33.15
CA LYS C 122 10.68 53.57 -34.11
C LYS C 122 10.83 55.08 -33.87
N ALA C 123 11.12 55.44 -32.62
CA ALA C 123 11.32 56.85 -32.28
C ALA C 123 12.68 57.32 -32.78
N VAL C 124 13.65 56.42 -32.85
CA VAL C 124 15.00 56.75 -33.29
C VAL C 124 15.23 56.52 -34.78
N LEU C 125 14.79 55.37 -35.30
CA LEU C 125 14.97 55.06 -36.72
C LEU C 125 13.73 55.34 -37.55
N GLY C 126 12.68 55.87 -36.92
CA GLY C 126 11.47 56.17 -37.65
C GLY C 126 10.48 55.03 -37.81
N GLU C 127 9.30 55.40 -38.32
CA GLU C 127 8.20 54.47 -38.55
C GLU C 127 8.55 53.22 -39.33
N ASN C 128 9.49 53.34 -40.26
CA ASN C 128 9.88 52.21 -41.10
C ASN C 128 11.18 51.51 -40.77
N ALA C 129 11.60 51.56 -39.50
CA ALA C 129 12.84 50.90 -39.10
C ALA C 129 12.82 49.48 -39.68
N PRO C 130 13.96 49.02 -40.26
CA PRO C 130 14.06 47.68 -40.86
C PRO C 130 14.11 46.56 -39.81
N VAL C 131 13.07 46.53 -38.99
CA VAL C 131 12.92 45.57 -37.90
C VAL C 131 12.93 44.08 -38.31
N ASP C 132 12.69 43.79 -39.57
CA ASP C 132 12.66 42.42 -40.06
C ASP C 132 13.98 41.98 -40.70
N SER C 133 15.02 42.79 -40.55
CA SER C 133 16.33 42.49 -41.15
C SER C 133 17.51 42.78 -40.23
N TRP C 134 18.64 42.11 -40.50
CA TRP C 134 19.84 42.32 -39.70
C TRP C 134 20.41 43.72 -39.93
N ASP C 135 19.86 44.43 -40.91
CA ASP C 135 20.29 45.79 -41.23
C ASP C 135 20.07 46.69 -40.02
N LEU C 136 19.06 46.35 -39.23
CA LEU C 136 18.72 47.13 -38.06
C LEU C 136 19.85 47.24 -37.05
N ILE C 137 20.63 46.18 -36.92
CA ILE C 137 21.70 46.15 -35.95
C ILE C 137 23.10 45.90 -36.53
N LEU C 138 23.16 45.50 -37.81
CA LEU C 138 24.45 45.23 -38.45
C LEU C 138 24.89 46.26 -39.51
N LYS C 139 24.08 47.29 -39.72
CA LYS C 139 24.40 48.37 -40.65
C LYS C 139 24.90 49.49 -39.74
N PRO C 140 26.19 49.87 -39.86
CA PRO C 140 26.77 50.93 -39.02
C PRO C 140 25.94 52.21 -38.88
N GLU C 141 25.34 52.67 -39.98
CA GLU C 141 24.54 53.89 -39.95
C GLU C 141 23.35 53.80 -39.00
N ASN C 142 22.77 52.62 -38.88
CA ASN C 142 21.64 52.41 -38.00
C ASN C 142 22.10 52.27 -36.56
N LEU C 143 23.11 51.40 -36.35
CA LEU C 143 23.63 51.18 -35.01
C LEU C 143 24.12 52.47 -34.37
N GLU C 144 24.54 53.42 -35.20
CA GLU C 144 25.03 54.71 -34.70
C GLU C 144 23.89 55.48 -34.05
N LYS C 145 22.73 55.42 -34.69
CA LYS C 145 21.55 56.11 -34.21
C LYS C 145 21.02 55.42 -32.95
N LEU C 146 21.12 54.09 -32.91
CA LEU C 146 20.63 53.33 -31.77
C LEU C 146 21.58 53.37 -30.57
N LYS C 147 22.85 53.70 -30.79
CA LYS C 147 23.81 53.73 -29.71
C LYS C 147 23.27 54.45 -28.48
N SER C 148 22.49 55.50 -28.71
CA SER C 148 21.92 56.30 -27.63
C SER C 148 21.07 55.53 -26.63
N CYS C 149 20.08 54.75 -27.11
CA CYS C 149 19.21 53.99 -26.20
C CYS C 149 19.76 52.63 -25.71
N GLY C 150 20.97 52.27 -26.18
CA GLY C 150 21.58 51.03 -25.74
C GLY C 150 21.56 49.84 -26.68
N VAL C 151 22.74 49.32 -26.99
CA VAL C 151 22.86 48.14 -27.85
C VAL C 151 23.66 47.08 -27.10
N SER C 152 23.22 45.83 -27.22
CA SER C 152 23.86 44.74 -26.53
C SER C 152 24.11 43.61 -27.51
N PHE C 153 25.21 42.88 -27.32
CA PHE C 153 25.56 41.77 -28.20
C PHE C 153 25.83 40.57 -27.31
N LEU C 154 25.46 39.40 -27.79
CA LEU C 154 25.69 38.19 -27.02
C LEU C 154 27.21 37.97 -26.96
N ASP C 155 27.71 37.52 -25.81
CA ASP C 155 29.12 37.21 -25.70
C ASP C 155 29.23 35.78 -26.23
N ALA C 156 28.82 35.57 -27.47
CA ALA C 156 28.87 34.24 -28.05
C ALA C 156 29.56 34.33 -29.41
N PRO C 157 30.88 34.12 -29.42
CA PRO C 157 31.75 34.19 -30.60
C PRO C 157 31.29 33.40 -31.80
N GLU C 158 31.22 32.08 -31.66
CA GLU C 158 30.82 31.22 -32.76
C GLU C 158 29.49 31.65 -33.37
N GLU C 159 28.57 32.08 -32.50
CA GLU C 159 27.24 32.52 -32.92
C GLU C 159 27.24 33.88 -33.63
N VAL C 160 27.89 34.89 -33.05
CA VAL C 160 27.91 36.19 -33.70
C VAL C 160 28.70 36.15 -35.00
N PHE C 161 29.81 35.42 -35.02
CA PHE C 161 30.57 35.35 -36.26
C PHE C 161 29.79 34.69 -37.36
N ALA C 162 29.12 33.60 -37.04
CA ALA C 162 28.32 32.89 -38.03
C ALA C 162 27.20 33.76 -38.60
N THR C 163 26.56 34.58 -37.75
CA THR C 163 25.48 35.42 -38.26
C THR C 163 26.02 36.56 -39.11
N VAL C 164 27.18 37.10 -38.73
CA VAL C 164 27.80 38.19 -39.49
C VAL C 164 28.25 37.64 -40.86
N LEU C 165 28.85 36.45 -40.87
CA LEU C 165 29.28 35.83 -42.13
C LEU C 165 28.09 35.64 -43.04
N ASN C 166 27.00 35.13 -42.48
CA ASN C 166 25.77 34.92 -43.26
C ASN C 166 25.28 36.27 -43.84
N TYR C 167 25.28 37.30 -43.00
CA TYR C 167 24.84 38.63 -43.40
C TYR C 167 25.70 39.22 -44.52
N LEU C 168 26.97 38.86 -44.57
CA LEU C 168 27.87 39.37 -45.61
C LEU C 168 27.79 38.53 -46.89
N GLY C 169 26.90 37.56 -46.91
CA GLY C 169 26.76 36.73 -48.09
C GLY C 169 27.71 35.56 -48.16
N LYS C 170 28.44 35.32 -47.06
CA LYS C 170 29.38 34.21 -47.03
C LYS C 170 28.75 32.99 -46.35
N ASP C 171 29.47 31.87 -46.36
CA ASP C 171 29.03 30.64 -45.73
C ASP C 171 29.10 30.91 -44.22
N PRO C 172 27.99 30.69 -43.48
CA PRO C 172 28.01 30.94 -42.03
C PRO C 172 29.02 30.06 -41.32
N ASN C 173 29.32 28.90 -41.94
CA ASN C 173 30.28 27.97 -41.40
C ASN C 173 31.53 27.91 -42.29
N SER C 174 31.97 29.10 -42.72
CA SER C 174 33.15 29.27 -43.58
C SER C 174 34.40 28.62 -43.01
N THR C 175 35.08 27.83 -43.83
CA THR C 175 36.30 27.17 -43.38
C THR C 175 37.53 28.02 -43.73
N LYS C 176 37.33 29.12 -44.44
CA LYS C 176 38.43 30.03 -44.82
C LYS C 176 38.68 31.05 -43.76
N ALA C 177 39.83 30.90 -43.11
CA ALA C 177 40.20 31.80 -42.03
C ALA C 177 40.21 33.29 -42.37
N ASP C 178 40.38 33.64 -43.65
CA ASP C 178 40.42 35.07 -44.03
C ASP C 178 39.06 35.74 -43.91
N ASP C 179 38.01 34.93 -43.98
CA ASP C 179 36.66 35.46 -43.86
C ASP C 179 36.47 36.00 -42.45
N TYR C 180 37.03 35.31 -41.46
CA TYR C 180 36.89 35.74 -40.06
C TYR C 180 37.72 36.97 -39.73
N THR C 181 39.04 36.88 -39.97
CA THR C 181 39.95 38.00 -39.70
C THR C 181 39.76 39.12 -40.70
N GLY C 182 39.29 38.77 -41.90
CA GLY C 182 39.06 39.77 -42.92
C GLY C 182 37.76 40.55 -42.74
N PRO C 183 36.81 40.37 -43.67
CA PRO C 183 35.49 41.03 -43.68
C PRO C 183 34.70 40.97 -42.36
N ALA C 184 34.59 39.77 -41.79
CA ALA C 184 33.86 39.61 -40.53
C ALA C 184 34.36 40.57 -39.45
N THR C 185 35.66 40.50 -39.14
CA THR C 185 36.20 41.37 -38.10
C THR C 185 36.12 42.85 -38.47
N ASP C 186 36.11 43.13 -39.77
CA ASP C 186 36.03 44.52 -40.24
C ASP C 186 34.70 45.12 -39.81
N LEU C 187 33.62 44.44 -40.18
CA LEU C 187 32.28 44.90 -39.83
C LEU C 187 32.13 45.03 -38.31
N LEU C 188 32.54 44.00 -37.59
CA LEU C 188 32.41 44.04 -36.14
C LEU C 188 33.16 45.22 -35.52
N LEU C 189 34.38 45.47 -35.99
CA LEU C 189 35.15 46.60 -35.45
C LEU C 189 34.49 47.93 -35.82
N LYS C 190 33.78 47.93 -36.95
CA LYS C 190 33.08 49.13 -37.42
C LYS C 190 31.87 49.40 -36.50
N LEU C 191 31.13 48.34 -36.15
CA LEU C 191 29.96 48.49 -35.28
C LEU C 191 30.37 48.68 -33.83
N ARG C 192 31.44 47.97 -33.46
CA ARG C 192 31.97 47.97 -32.09
C ARG C 192 31.84 49.21 -31.21
N PRO C 193 32.09 50.40 -31.77
CA PRO C 193 31.96 51.62 -30.94
C PRO C 193 30.54 51.94 -30.48
N ASN C 194 29.55 51.34 -31.13
CA ASN C 194 28.16 51.63 -30.78
C ASN C 194 27.55 50.62 -29.81
N ILE C 195 28.32 49.59 -29.45
CA ILE C 195 27.85 48.54 -28.57
C ILE C 195 28.18 48.82 -27.09
N ARG C 196 27.14 48.98 -26.27
CA ARG C 196 27.35 49.25 -24.84
C ARG C 196 28.00 48.10 -24.11
N TYR C 197 27.65 46.85 -24.45
CA TYR C 197 28.28 45.71 -23.80
C TYR C 197 28.03 44.39 -24.50
N PHE C 198 28.86 43.41 -24.12
CA PHE C 198 28.78 42.06 -24.66
C PHE C 198 28.41 41.16 -23.48
N HIS C 199 27.16 40.72 -23.42
CA HIS C 199 26.74 39.86 -22.32
C HIS C 199 25.66 38.92 -22.80
N SER C 200 25.66 37.71 -22.26
CA SER C 200 24.69 36.71 -22.65
C SER C 200 23.54 36.46 -21.66
N SER C 201 23.24 37.42 -20.79
CA SER C 201 22.14 37.25 -19.85
C SER C 201 21.60 38.56 -19.29
N GLN C 202 22.51 39.50 -19.09
CA GLN C 202 22.18 40.81 -18.56
C GLN C 202 21.13 41.53 -19.41
N TYR C 203 21.11 41.24 -20.71
CA TYR C 203 20.19 41.92 -21.63
C TYR C 203 18.71 41.67 -21.41
N ILE C 204 18.37 40.57 -20.72
CA ILE C 204 16.98 40.23 -20.46
C ILE C 204 16.32 41.32 -19.61
N ASN C 205 16.87 41.57 -18.42
CA ASN C 205 16.33 42.60 -17.54
C ASN C 205 16.49 44.02 -18.10
N ASP C 206 17.51 44.25 -18.92
CA ASP C 206 17.73 45.58 -19.49
C ASP C 206 16.72 45.89 -20.57
N LEU C 207 16.38 44.88 -21.36
CA LEU C 207 15.38 45.08 -22.40
C LEU C 207 14.02 45.27 -21.71
N ALA C 208 13.76 44.45 -20.69
CA ALA C 208 12.52 44.53 -19.96
C ALA C 208 12.27 45.86 -19.28
N ASN C 209 13.33 46.45 -18.72
CA ASN C 209 13.16 47.72 -18.01
C ASN C 209 13.43 48.96 -18.85
N GLY C 210 13.71 48.76 -20.14
CA GLY C 210 13.96 49.88 -21.03
C GLY C 210 15.35 50.48 -21.01
N ASP C 211 16.31 49.75 -20.43
CA ASP C 211 17.67 50.23 -20.35
C ASP C 211 18.42 50.11 -21.67
N ILE C 212 18.13 49.09 -22.47
CA ILE C 212 18.75 48.98 -23.78
C ILE C 212 17.60 48.87 -24.77
N CYS C 213 17.82 49.30 -26.02
CA CYS C 213 16.76 49.26 -27.01
C CYS C 213 16.90 48.17 -28.05
N VAL C 214 18.10 47.62 -28.24
CA VAL C 214 18.28 46.55 -29.21
C VAL C 214 19.32 45.58 -28.67
N ALA C 215 19.27 44.35 -29.15
CA ALA C 215 20.21 43.36 -28.70
C ALA C 215 20.17 42.15 -29.60
N ILE C 216 21.30 41.48 -29.72
CA ILE C 216 21.33 40.27 -30.49
C ILE C 216 21.06 39.35 -29.32
N GLY C 217 20.04 38.51 -29.42
CA GLY C 217 19.73 37.63 -28.32
C GLY C 217 19.07 36.34 -28.73
N TRP C 218 18.87 35.47 -27.74
CA TRP C 218 18.24 34.18 -27.93
C TRP C 218 16.73 34.36 -27.78
N ALA C 219 15.96 33.84 -28.75
CA ALA C 219 14.51 33.98 -28.77
C ALA C 219 13.81 33.98 -27.43
N GLY C 220 13.86 32.85 -26.73
CA GLY C 220 13.19 32.75 -25.46
C GLY C 220 13.53 33.83 -24.45
N ASP C 221 14.81 34.21 -24.44
CA ASP C 221 15.28 35.21 -23.51
C ASP C 221 14.54 36.52 -23.78
N VAL C 222 14.41 36.86 -25.07
CA VAL C 222 13.74 38.11 -25.45
C VAL C 222 12.25 38.08 -25.06
N TRP C 223 11.61 36.94 -25.32
CA TRP C 223 10.20 36.80 -24.99
C TRP C 223 10.02 36.88 -23.48
N GLN C 224 10.96 36.32 -22.73
CA GLN C 224 10.93 36.39 -21.26
C GLN C 224 10.98 37.87 -20.86
N ALA C 225 11.79 38.62 -21.60
CA ALA C 225 11.95 40.05 -21.37
C ALA C 225 10.61 40.76 -21.64
N SER C 226 10.04 40.42 -22.79
CA SER C 226 8.75 40.96 -23.23
C SER C 226 7.72 40.74 -22.12
N ASN C 227 7.67 39.50 -21.66
CA ASN C 227 6.76 39.08 -20.62
C ASN C 227 6.97 39.82 -19.29
N ARG C 228 8.23 39.95 -18.88
CA ARG C 228 8.56 40.65 -17.65
C ARG C 228 8.06 42.11 -17.71
N ALA C 229 8.14 42.69 -18.90
CA ALA C 229 7.68 44.07 -19.09
C ALA C 229 6.16 44.13 -18.94
N LYS C 230 5.47 43.16 -19.54
CA LYS C 230 4.01 43.10 -19.47
C LYS C 230 3.57 42.96 -18.02
N GLU C 231 4.15 42.02 -17.29
CA GLU C 231 3.79 41.81 -15.91
C GLU C 231 4.06 43.02 -15.02
N ALA C 232 5.06 43.80 -15.41
CA ALA C 232 5.42 44.99 -14.65
C ALA C 232 4.50 46.15 -15.01
N LYS C 233 3.88 46.06 -16.18
CA LYS C 233 2.97 47.11 -16.63
C LYS C 233 3.73 48.43 -16.60
N ASN C 234 4.96 48.38 -17.09
CA ASN C 234 5.81 49.56 -17.12
C ASN C 234 5.77 50.31 -18.45
N GLY C 235 4.99 49.83 -19.41
CA GLY C 235 4.90 50.52 -20.69
C GLY C 235 5.93 50.11 -21.73
N VAL C 236 6.89 49.30 -21.33
CA VAL C 236 7.92 48.84 -22.26
C VAL C 236 7.38 47.79 -23.21
N ASN C 237 7.60 48.00 -24.50
CA ASN C 237 7.14 47.05 -25.49
C ASN C 237 8.31 46.35 -26.20
N VAL C 238 8.62 45.12 -25.76
CA VAL C 238 9.71 44.35 -26.35
C VAL C 238 9.22 43.28 -27.32
N SER C 239 9.93 43.15 -28.44
CA SER C 239 9.60 42.13 -29.42
C SER C 239 10.88 41.43 -29.89
N PHE C 240 10.70 40.38 -30.69
CA PHE C 240 11.82 39.62 -31.20
C PHE C 240 11.63 39.40 -32.68
N SER C 241 12.73 39.28 -33.42
CA SER C 241 12.63 39.08 -34.84
C SER C 241 13.66 38.10 -35.39
N ILE C 242 13.20 37.23 -36.29
CA ILE C 242 14.05 36.26 -36.96
C ILE C 242 14.18 36.92 -38.31
N PRO C 243 15.23 37.72 -38.52
CA PRO C 243 15.43 38.44 -39.79
C PRO C 243 15.25 37.62 -41.06
N LYS C 244 14.81 38.29 -42.12
CA LYS C 244 14.56 37.64 -43.41
C LYS C 244 15.81 37.08 -44.10
N GLU C 245 16.98 37.56 -43.69
CA GLU C 245 18.24 37.08 -44.26
C GLU C 245 18.58 35.70 -43.70
N GLY C 246 17.86 35.28 -42.67
CA GLY C 246 18.14 33.99 -42.04
C GLY C 246 18.68 34.20 -40.62
N ALA C 247 18.75 33.12 -39.86
CA ALA C 247 19.25 33.20 -38.49
C ALA C 247 19.74 31.83 -38.08
N MET C 248 20.56 31.81 -37.04
CA MET C 248 21.10 30.57 -36.55
C MET C 248 20.12 29.90 -35.60
N ALA C 249 20.04 28.59 -35.69
CA ALA C 249 19.17 27.82 -34.83
C ALA C 249 20.08 26.92 -34.01
N PHE C 250 19.79 26.80 -32.72
CA PHE C 250 20.57 25.95 -31.86
C PHE C 250 19.65 24.99 -31.14
N PHE C 251 20.22 23.90 -30.67
CA PHE C 251 19.47 22.87 -29.98
C PHE C 251 20.17 22.46 -28.70
N ASP C 252 19.66 22.92 -27.56
CA ASP C 252 20.26 22.56 -26.29
C ASP C 252 19.81 21.17 -25.86
N VAL C 253 20.75 20.39 -25.35
CA VAL C 253 20.50 19.02 -24.96
C VAL C 253 21.04 18.67 -23.58
N PHE C 254 20.49 17.61 -23.00
CA PHE C 254 20.92 17.12 -21.70
C PHE C 254 21.88 16.00 -22.01
N ALA C 255 23.00 15.98 -21.28
CA ALA C 255 23.99 14.94 -21.46
C ALA C 255 24.56 14.55 -20.11
N MET C 256 25.12 13.35 -20.06
CA MET C 256 25.64 12.87 -18.80
C MET C 256 27.15 12.69 -18.79
N PRO C 257 27.86 13.47 -17.95
CA PRO C 257 29.32 13.38 -17.85
C PRO C 257 29.66 11.91 -17.56
N ALA C 258 30.67 11.38 -18.25
CA ALA C 258 31.07 10.00 -18.06
C ALA C 258 31.46 9.66 -16.63
N ASP C 259 31.74 10.69 -15.84
CA ASP C 259 32.15 10.53 -14.43
C ASP C 259 31.02 10.82 -13.44
N ALA C 260 29.79 10.96 -13.94
CA ALA C 260 28.65 11.26 -13.08
C ALA C 260 28.50 10.18 -12.02
N LYS C 261 28.33 10.60 -10.76
CA LYS C 261 28.19 9.65 -9.64
C LYS C 261 26.74 9.21 -9.36
N ASN C 262 25.80 10.15 -9.47
CA ASN C 262 24.39 9.87 -9.24
C ASN C 262 23.64 9.55 -10.55
N LYS C 263 24.01 8.46 -11.22
CA LYS C 263 23.40 8.06 -12.50
C LYS C 263 21.91 7.76 -12.39
N ASP C 264 21.52 7.04 -11.34
CA ASP C 264 20.13 6.68 -11.15
C ASP C 264 19.25 7.90 -10.96
N GLU C 265 19.69 8.82 -10.11
CA GLU C 265 18.93 10.04 -9.87
C GLU C 265 18.84 10.84 -11.15
N ALA C 266 19.88 10.77 -11.99
CA ALA C 266 19.90 11.50 -13.24
C ALA C 266 18.85 10.96 -14.20
N TYR C 267 18.75 9.64 -14.26
CA TYR C 267 17.79 8.99 -15.13
C TYR C 267 16.37 9.34 -14.70
N GLN C 268 16.15 9.46 -13.40
CA GLN C 268 14.84 9.83 -12.87
C GLN C 268 14.50 11.24 -13.33
N PHE C 269 15.46 12.13 -13.30
CA PHE C 269 15.20 13.51 -13.73
C PHE C 269 14.96 13.59 -15.22
N LEU C 270 15.65 12.76 -15.98
CA LEU C 270 15.45 12.78 -17.42
C LEU C 270 14.01 12.30 -17.77
N ASN C 271 13.59 11.23 -17.10
CA ASN C 271 12.26 10.66 -17.31
C ASN C 271 11.21 11.70 -16.89
N TYR C 272 11.48 12.41 -15.80
CA TYR C 272 10.56 13.45 -15.34
C TYR C 272 10.38 14.52 -16.42
N LEU C 273 11.46 14.86 -17.11
CA LEU C 273 11.40 15.87 -18.15
C LEU C 273 10.75 15.34 -19.43
N LEU C 274 10.71 14.02 -19.57
CA LEU C 274 10.09 13.46 -20.76
C LEU C 274 8.54 13.51 -20.65
N ARG C 275 8.02 13.76 -19.45
CA ARG C 275 6.57 13.88 -19.17
C ARG C 275 6.03 15.14 -19.83
N PRO C 276 5.06 15.00 -20.76
CA PRO C 276 4.49 16.15 -21.46
C PRO C 276 4.06 17.32 -20.62
N ASP C 277 3.49 17.08 -19.45
CA ASP C 277 3.07 18.22 -18.66
C ASP C 277 4.26 18.94 -18.02
N VAL C 278 5.30 18.20 -17.66
CA VAL C 278 6.47 18.82 -17.07
C VAL C 278 7.16 19.79 -18.05
N VAL C 279 7.49 19.34 -19.27
CA VAL C 279 8.14 20.22 -20.21
C VAL C 279 7.26 21.33 -20.73
N ALA C 280 5.97 21.07 -20.86
CA ALA C 280 5.04 22.11 -21.36
C ALA C 280 5.00 23.21 -20.31
N HIS C 281 5.03 22.82 -19.04
CA HIS C 281 5.04 23.79 -17.94
C HIS C 281 6.26 24.70 -18.07
N ILE C 282 7.40 24.08 -18.36
CA ILE C 282 8.64 24.82 -18.52
C ILE C 282 8.53 25.80 -19.68
N SER C 283 8.14 25.33 -20.87
CA SER C 283 8.01 26.22 -22.02
C SER C 283 7.07 27.38 -21.75
N ASP C 284 6.08 27.15 -20.89
CA ASP C 284 5.10 28.18 -20.56
C ASP C 284 5.73 29.37 -19.85
N HIS C 285 6.74 29.10 -19.01
CA HIS C 285 7.39 30.16 -18.26
C HIS C 285 8.70 30.67 -18.83
N VAL C 286 9.34 29.83 -19.61
CA VAL C 286 10.63 30.11 -20.21
C VAL C 286 10.56 30.66 -21.65
N PHE C 287 9.44 30.40 -22.33
CA PHE C 287 9.19 30.86 -23.70
C PHE C 287 10.06 30.27 -24.78
N TYR C 288 10.47 29.02 -24.57
CA TYR C 288 11.28 28.30 -25.54
C TYR C 288 10.47 27.09 -25.99
N ALA C 289 10.64 26.71 -27.25
CA ALA C 289 9.97 25.54 -27.80
C ALA C 289 10.69 24.31 -27.26
N ASN C 290 9.98 23.31 -26.75
CA ASN C 290 10.65 22.12 -26.28
C ASN C 290 10.70 21.12 -27.42
N ALA C 291 11.36 19.98 -27.22
CA ALA C 291 11.47 18.99 -28.28
C ALA C 291 10.52 17.81 -28.13
N ASN C 292 9.61 17.93 -27.16
CA ASN C 292 8.62 16.90 -26.87
C ASN C 292 7.40 17.10 -27.75
N LYS C 293 7.22 16.24 -28.75
CA LYS C 293 6.09 16.33 -29.67
C LYS C 293 4.75 16.16 -28.92
N ALA C 294 4.74 15.31 -27.92
CA ALA C 294 3.55 15.06 -27.13
C ALA C 294 3.17 16.26 -26.27
N ALA C 295 4.15 17.04 -25.83
CA ALA C 295 3.86 18.15 -24.96
C ALA C 295 3.29 19.39 -25.61
N THR C 296 3.41 19.51 -26.91
CA THR C 296 2.96 20.75 -27.51
C THR C 296 1.46 21.10 -27.30
N PRO C 297 0.54 20.11 -27.38
CA PRO C 297 -0.88 20.47 -27.15
C PRO C 297 -1.08 21.09 -25.74
N LEU C 298 -0.24 20.68 -24.78
CA LEU C 298 -0.34 21.17 -23.40
C LEU C 298 0.31 22.54 -23.19
N VAL C 299 0.97 23.06 -24.21
CA VAL C 299 1.63 24.36 -24.08
C VAL C 299 0.63 25.50 -24.31
N SER C 300 0.69 26.53 -23.47
CA SER C 300 -0.19 27.68 -23.62
C SER C 300 -0.22 28.14 -25.06
N ALA C 301 -1.39 28.58 -25.51
CA ALA C 301 -1.60 29.03 -26.88
C ALA C 301 -0.75 30.23 -27.23
N GLU C 302 -0.54 31.11 -26.25
CA GLU C 302 0.26 32.30 -26.48
C GLU C 302 1.69 31.94 -26.86
N VAL C 303 2.23 30.90 -26.22
CA VAL C 303 3.58 30.43 -26.50
C VAL C 303 3.61 29.58 -27.77
N ARG C 304 2.81 28.52 -27.76
CA ARG C 304 2.71 27.56 -28.85
C ARG C 304 2.35 28.18 -30.19
N GLU C 305 1.66 29.32 -30.18
CA GLU C 305 1.26 29.95 -31.43
C GLU C 305 2.08 31.17 -31.83
N ASN C 306 3.18 31.39 -31.11
CA ASN C 306 4.09 32.49 -31.40
C ASN C 306 5.04 31.97 -32.48
N PRO C 307 5.04 32.58 -33.67
CA PRO C 307 5.91 32.11 -34.75
C PRO C 307 7.39 32.37 -34.45
N GLY C 308 7.64 33.17 -33.41
CA GLY C 308 8.99 33.48 -33.02
C GLY C 308 9.49 32.50 -31.99
N ILE C 309 8.64 31.55 -31.60
CA ILE C 309 9.01 30.52 -30.63
C ILE C 309 8.88 29.17 -31.32
N TYR C 310 7.75 28.98 -32.00
CA TYR C 310 7.51 27.76 -32.76
C TYR C 310 7.32 28.30 -34.17
N PRO C 311 8.42 28.50 -34.90
CA PRO C 311 8.33 29.04 -36.26
C PRO C 311 7.76 28.09 -37.29
N PRO C 312 7.06 28.64 -38.29
CA PRO C 312 6.43 27.89 -39.39
C PRO C 312 7.51 27.28 -40.28
N ALA C 313 7.14 26.29 -41.09
CA ALA C 313 8.08 25.62 -41.98
C ALA C 313 8.81 26.50 -42.99
N ASP C 314 8.19 27.59 -43.41
CA ASP C 314 8.84 28.47 -44.38
C ASP C 314 9.93 29.31 -43.69
N VAL C 315 9.77 29.56 -42.38
CA VAL C 315 10.76 30.33 -41.64
C VAL C 315 11.88 29.36 -41.22
N ARG C 316 11.50 28.12 -40.91
CA ARG C 316 12.48 27.12 -40.52
C ARG C 316 13.40 26.78 -41.69
N ALA C 317 12.92 27.03 -42.90
CA ALA C 317 13.70 26.75 -44.10
C ALA C 317 14.87 27.72 -44.26
N LYS C 318 14.72 28.94 -43.74
CA LYS C 318 15.75 29.96 -43.83
C LYS C 318 16.71 30.01 -42.61
N LEU C 319 16.74 28.95 -41.81
CA LEU C 319 17.63 28.92 -40.65
C LEU C 319 18.84 28.02 -40.91
N PHE C 320 19.94 28.26 -40.21
CA PHE C 320 21.14 27.42 -40.36
C PHE C 320 21.70 27.02 -39.00
N THR C 321 22.47 25.94 -38.97
CA THR C 321 23.05 25.46 -37.72
C THR C 321 24.57 25.54 -37.80
N LEU C 322 25.23 25.60 -36.64
CA LEU C 322 26.68 25.67 -36.57
C LEU C 322 27.32 24.30 -36.79
N LYS C 323 28.48 24.29 -37.45
CA LYS C 323 29.22 23.08 -37.69
C LYS C 323 30.50 23.17 -36.87
N VAL C 324 31.10 22.03 -36.53
CA VAL C 324 32.34 22.05 -35.76
C VAL C 324 33.49 22.44 -36.70
N GLN C 325 34.32 23.40 -36.27
CA GLN C 325 35.44 23.89 -37.08
C GLN C 325 36.76 23.24 -36.64
N ASP C 326 37.76 23.19 -37.53
CA ASP C 326 39.06 22.63 -37.14
C ASP C 326 39.76 23.67 -36.25
N PRO C 327 40.68 23.23 -35.38
CA PRO C 327 41.37 24.18 -34.50
C PRO C 327 41.96 25.47 -35.11
N LYS C 328 42.33 25.46 -36.38
CA LYS C 328 42.88 26.69 -36.96
C LYS C 328 41.80 27.77 -36.86
N ILE C 329 40.66 27.50 -37.49
CA ILE C 329 39.55 28.45 -37.50
C ILE C 329 39.11 28.78 -36.08
N ASP C 330 39.20 27.80 -35.20
CA ASP C 330 38.81 28.02 -33.81
C ASP C 330 39.70 29.11 -33.22
N ARG C 331 41.02 28.92 -33.31
CA ARG C 331 41.97 29.90 -32.77
C ARG C 331 41.80 31.27 -33.42
N VAL C 332 41.69 31.28 -34.75
CA VAL C 332 41.50 32.53 -35.49
C VAL C 332 40.31 33.31 -34.93
N ARG C 333 39.18 32.63 -34.90
CA ARG C 333 37.92 33.17 -34.44
C ARG C 333 38.00 33.68 -33.00
N THR C 334 38.58 32.89 -32.12
CA THR C 334 38.72 33.30 -30.72
C THR C 334 39.60 34.54 -30.55
N ARG C 335 40.72 34.57 -31.27
CA ARG C 335 41.63 35.71 -31.18
C ARG C 335 40.91 36.92 -31.76
N ALA C 336 40.28 36.78 -32.92
CA ALA C 336 39.58 37.89 -33.53
C ALA C 336 38.50 38.45 -32.60
N TRP C 337 37.83 37.56 -31.88
CA TRP C 337 36.76 37.99 -30.98
C TRP C 337 37.33 38.82 -29.84
N THR C 338 38.48 38.42 -29.32
CA THR C 338 39.07 39.17 -28.22
C THR C 338 39.44 40.58 -28.68
N LYS C 339 39.84 40.70 -29.95
CA LYS C 339 40.20 41.99 -30.51
C LYS C 339 38.96 42.87 -30.55
N VAL C 340 37.91 42.35 -31.17
CA VAL C 340 36.65 43.09 -31.30
C VAL C 340 36.10 43.52 -29.93
N LYS C 341 36.11 42.64 -28.95
CA LYS C 341 35.57 42.99 -27.65
C LYS C 341 36.36 44.10 -26.94
N SER C 342 37.67 43.89 -26.82
CA SER C 342 38.55 44.85 -26.17
C SER C 342 38.39 46.28 -26.66
N GLY C 343 38.21 46.46 -27.97
CA GLY C 343 38.02 47.79 -28.50
C GLY C 343 38.50 47.92 -29.93
N GLN D 3 5.29 -15.35 -9.67
CA GLN D 3 4.67 -14.96 -10.97
C GLN D 3 3.51 -13.97 -10.79
N LYS D 4 3.68 -12.75 -11.32
CA LYS D 4 2.66 -11.70 -11.23
C LYS D 4 1.62 -11.77 -12.36
N THR D 5 0.33 -11.69 -12.01
CA THR D 5 -0.73 -11.75 -13.01
C THR D 5 -1.68 -10.56 -12.97
N LEU D 6 -2.32 -10.30 -14.10
CA LEU D 6 -3.25 -9.20 -14.22
C LEU D 6 -4.40 -9.71 -15.05
N HIS D 7 -5.62 -9.58 -14.53
CA HIS D 7 -6.81 -10.03 -15.27
C HIS D 7 -7.53 -8.77 -15.76
N ILE D 8 -7.65 -8.65 -17.07
CA ILE D 8 -8.31 -7.49 -17.67
C ILE D 8 -9.53 -7.90 -18.51
N TYR D 9 -10.63 -7.18 -18.33
CA TYR D 9 -11.89 -7.44 -19.03
C TYR D 9 -12.18 -6.18 -19.83
N ASN D 10 -12.05 -6.28 -21.15
CA ASN D 10 -12.26 -5.13 -22.04
C ASN D 10 -13.11 -5.48 -23.26
N TRP D 11 -13.65 -4.45 -23.89
CA TRP D 11 -14.43 -4.62 -25.09
C TRP D 11 -13.56 -5.33 -26.14
N SER D 12 -14.18 -6.11 -27.00
CA SER D 12 -13.47 -6.79 -28.04
C SER D 12 -13.11 -5.73 -29.08
N ASP D 13 -12.09 -6.00 -29.89
CA ASP D 13 -11.63 -5.05 -30.91
C ASP D 13 -11.44 -3.65 -30.30
N TYR D 14 -10.79 -3.58 -29.13
CA TYR D 14 -10.58 -2.30 -28.44
C TYR D 14 -9.12 -2.10 -27.93
N ILE D 15 -8.16 -2.71 -28.59
CA ILE D 15 -6.76 -2.59 -28.20
C ILE D 15 -5.91 -2.98 -29.40
N ALA D 16 -4.64 -2.57 -29.41
CA ALA D 16 -3.77 -2.94 -30.53
C ALA D 16 -3.32 -4.37 -30.34
N PRO D 17 -3.02 -5.07 -31.44
CA PRO D 17 -2.58 -6.47 -31.37
C PRO D 17 -1.39 -6.77 -30.47
N ASP D 18 -0.52 -5.78 -30.29
CA ASP D 18 0.68 -6.00 -29.48
C ASP D 18 0.75 -5.28 -28.14
N THR D 19 -0.24 -4.46 -27.82
CA THR D 19 -0.23 -3.73 -26.58
C THR D 19 0.06 -4.55 -25.33
N VAL D 20 -0.58 -5.71 -25.20
CA VAL D 20 -0.37 -6.52 -24.01
C VAL D 20 0.94 -7.30 -24.04
N ALA D 21 1.36 -7.72 -25.23
CA ALA D 21 2.63 -8.44 -25.36
C ALA D 21 3.75 -7.48 -24.94
N ASN D 22 3.72 -6.27 -25.48
CA ASN D 22 4.71 -5.24 -25.17
C ASN D 22 4.75 -4.97 -23.66
N PHE D 23 3.59 -4.74 -23.06
CA PHE D 23 3.53 -4.47 -21.62
C PHE D 23 4.07 -5.66 -20.83
N GLU D 24 3.85 -6.87 -21.32
CA GLU D 24 4.34 -8.03 -20.61
C GLU D 24 5.88 -8.09 -20.68
N LYS D 25 6.45 -7.76 -21.85
CA LYS D 25 7.90 -7.75 -22.04
C LYS D 25 8.53 -6.78 -21.06
N GLU D 26 8.05 -5.55 -21.09
CA GLU D 26 8.56 -4.50 -20.25
C GLU D 26 8.40 -4.65 -18.74
N THR D 27 7.33 -5.32 -18.29
CA THR D 27 7.13 -5.45 -16.84
C THR D 27 7.28 -6.86 -16.29
N GLY D 28 7.21 -7.87 -17.15
CA GLY D 28 7.32 -9.23 -16.67
C GLY D 28 6.03 -9.73 -16.01
N ILE D 29 4.96 -8.92 -16.08
CA ILE D 29 3.65 -9.29 -15.51
C ILE D 29 2.91 -10.08 -16.57
N LYS D 30 2.34 -11.23 -16.19
CA LYS D 30 1.58 -12.08 -17.10
C LYS D 30 0.12 -11.57 -17.10
N VAL D 31 -0.42 -11.28 -18.28
CA VAL D 31 -1.78 -10.76 -18.40
C VAL D 31 -2.79 -11.74 -18.96
N VAL D 32 -3.94 -11.86 -18.28
CA VAL D 32 -5.04 -12.70 -18.76
C VAL D 32 -6.06 -11.65 -19.24
N TYR D 33 -6.24 -11.61 -20.55
CA TYR D 33 -7.10 -10.63 -21.21
C TYR D 33 -8.36 -11.27 -21.77
N ASP D 34 -9.53 -10.79 -21.34
CA ASP D 34 -10.80 -11.33 -21.82
C ASP D 34 -11.64 -10.20 -22.38
N VAL D 35 -12.48 -10.52 -23.37
CA VAL D 35 -13.32 -9.48 -23.97
C VAL D 35 -14.83 -9.72 -23.85
N PHE D 36 -15.60 -8.67 -24.11
CA PHE D 36 -17.06 -8.71 -24.06
C PHE D 36 -17.54 -7.66 -25.04
N ASP D 37 -18.83 -7.66 -25.37
CA ASP D 37 -19.34 -6.66 -26.30
C ASP D 37 -20.66 -6.03 -25.86
N SER D 38 -20.94 -6.08 -24.57
CA SER D 38 -22.13 -5.45 -24.07
C SER D 38 -21.95 -4.93 -22.63
N ASN D 39 -22.38 -3.71 -22.40
CA ASN D 39 -22.32 -3.11 -21.09
C ASN D 39 -23.16 -3.90 -20.10
N GLU D 40 -24.21 -4.53 -20.62
CA GLU D 40 -25.13 -5.30 -19.81
C GLU D 40 -24.50 -6.57 -19.26
N VAL D 41 -23.73 -7.28 -20.07
CA VAL D 41 -23.04 -8.49 -19.60
C VAL D 41 -22.08 -8.09 -18.47
N LEU D 42 -21.35 -7.00 -18.68
CA LEU D 42 -20.40 -6.52 -17.69
C LEU D 42 -21.11 -6.18 -16.39
N GLU D 43 -22.13 -5.33 -16.50
CA GLU D 43 -22.89 -4.92 -15.31
C GLU D 43 -23.43 -6.12 -14.54
N GLY D 44 -23.82 -7.15 -15.29
CA GLY D 44 -24.34 -8.33 -14.67
C GLY D 44 -23.30 -8.99 -13.79
N LYS D 45 -22.11 -9.18 -14.34
CA LYS D 45 -21.03 -9.81 -13.59
C LYS D 45 -20.66 -8.98 -12.37
N LEU D 46 -20.63 -7.65 -12.53
CA LEU D 46 -20.28 -6.77 -11.44
C LEU D 46 -21.28 -6.80 -10.29
N MET D 47 -22.57 -6.82 -10.63
CA MET D 47 -23.60 -6.85 -9.60
C MET D 47 -23.69 -8.19 -8.92
N ALA D 48 -23.33 -9.25 -9.62
CA ALA D 48 -23.35 -10.57 -9.01
C ALA D 48 -22.12 -10.75 -8.09
N GLY D 49 -21.13 -9.85 -8.21
CA GLY D 49 -19.93 -9.87 -7.39
C GLY D 49 -18.83 -10.84 -7.75
N SER D 50 -17.67 -10.69 -7.12
CA SER D 50 -16.53 -11.57 -7.37
C SER D 50 -16.26 -11.89 -8.83
N THR D 51 -16.02 -10.88 -9.68
CA THR D 51 -15.74 -11.14 -11.09
C THR D 51 -14.37 -11.79 -11.36
N GLY D 52 -13.40 -11.58 -10.45
CA GLY D 52 -12.07 -12.13 -10.63
C GLY D 52 -11.23 -11.33 -11.62
N PHE D 53 -11.59 -10.07 -11.84
CA PHE D 53 -10.86 -9.20 -12.74
C PHE D 53 -10.29 -8.07 -11.94
N ASP D 54 -9.15 -7.55 -12.40
CA ASP D 54 -8.47 -6.46 -11.70
C ASP D 54 -8.82 -5.14 -12.36
N LEU D 55 -9.12 -5.21 -13.66
CA LEU D 55 -9.53 -4.02 -14.41
C LEU D 55 -10.69 -4.37 -15.34
N VAL D 56 -11.62 -3.44 -15.52
CA VAL D 56 -12.78 -3.65 -16.38
C VAL D 56 -13.06 -2.32 -17.04
N VAL D 57 -13.70 -2.38 -18.21
CA VAL D 57 -13.96 -1.18 -18.99
C VAL D 57 -15.41 -0.83 -19.36
N PRO D 58 -16.21 -0.34 -18.39
CA PRO D 58 -17.61 0.03 -18.64
C PRO D 58 -17.72 1.40 -19.30
N SER D 59 -18.87 1.71 -19.90
CA SER D 59 -19.08 3.03 -20.46
C SER D 59 -19.37 3.85 -19.20
N ALA D 60 -19.11 5.15 -19.26
CA ALA D 60 -19.31 6.02 -18.10
C ALA D 60 -20.72 6.03 -17.48
N SER D 61 -21.75 6.03 -18.33
CA SER D 61 -23.15 6.04 -17.86
C SER D 61 -23.44 4.78 -17.04
N PHE D 62 -22.91 3.64 -17.46
CA PHE D 62 -23.09 2.41 -16.68
C PHE D 62 -22.25 2.44 -15.41
N LEU D 63 -21.11 3.14 -15.48
CA LEU D 63 -20.20 3.26 -14.37
C LEU D 63 -20.93 3.95 -13.22
N GLU D 64 -21.66 5.01 -13.55
CA GLU D 64 -22.39 5.78 -12.54
C GLU D 64 -23.31 4.90 -11.70
N ARG D 65 -24.01 4.00 -12.39
CA ARG D 65 -24.93 3.09 -11.76
C ARG D 65 -24.17 2.08 -10.90
N GLN D 66 -23.12 1.50 -11.45
CA GLN D 66 -22.36 0.50 -10.72
C GLN D 66 -21.64 1.04 -9.49
N LEU D 67 -21.25 2.31 -9.50
CA LEU D 67 -20.56 2.78 -8.32
C LEU D 67 -21.51 3.07 -7.17
N THR D 68 -22.78 3.29 -7.46
CA THR D 68 -23.73 3.49 -6.39
C THR D 68 -23.84 2.18 -5.62
N ALA D 69 -23.61 1.07 -6.32
CA ALA D 69 -23.66 -0.24 -5.70
C ALA D 69 -22.35 -0.56 -4.95
N GLY D 70 -21.39 0.36 -5.01
CA GLY D 70 -20.11 0.14 -4.32
C GLY D 70 -19.28 -0.98 -4.93
N VAL D 71 -19.39 -1.14 -6.24
CA VAL D 71 -18.67 -2.19 -6.94
C VAL D 71 -17.17 -1.90 -7.15
N PHE D 72 -16.81 -0.61 -7.22
CA PHE D 72 -15.43 -0.16 -7.48
C PHE D 72 -14.67 0.52 -6.35
N GLN D 73 -13.34 0.42 -6.36
CA GLN D 73 -12.56 1.14 -5.34
C GLN D 73 -12.02 2.40 -6.01
N PRO D 74 -11.85 3.49 -5.22
CA PRO D 74 -11.34 4.73 -5.83
C PRO D 74 -9.90 4.58 -6.33
N LEU D 75 -9.55 5.34 -7.36
CA LEU D 75 -8.21 5.29 -7.91
C LEU D 75 -7.32 6.27 -7.14
N ASP D 76 -6.15 5.81 -6.68
CA ASP D 76 -5.20 6.67 -5.96
C ASP D 76 -4.40 7.40 -7.04
N LYS D 77 -4.75 8.65 -7.28
CA LYS D 77 -4.11 9.42 -8.32
C LYS D 77 -2.64 9.75 -8.10
N SER D 78 -2.19 9.62 -6.87
CA SER D 78 -0.81 9.89 -6.56
C SER D 78 0.02 8.75 -7.18
N LYS D 79 -0.62 7.64 -7.55
CA LYS D 79 0.11 6.52 -8.17
C LYS D 79 0.04 6.58 -9.69
N LEU D 80 -0.49 7.68 -10.20
CA LEU D 80 -0.60 7.86 -11.65
C LEU D 80 -0.06 9.24 -12.03
N PRO D 81 1.27 9.39 -12.02
CA PRO D 81 1.96 10.64 -12.35
C PRO D 81 1.49 11.34 -13.60
N GLU D 82 1.32 10.59 -14.68
CA GLU D 82 0.93 11.21 -15.93
C GLU D 82 -0.54 11.43 -16.16
N TRP D 83 -1.29 11.47 -15.07
CA TRP D 83 -2.73 11.73 -15.14
C TRP D 83 -2.97 13.02 -15.93
N LYS D 84 -2.06 13.98 -15.81
CA LYS D 84 -2.24 15.25 -16.50
C LYS D 84 -2.21 15.17 -18.01
N ASN D 85 -1.98 13.99 -18.56
CA ASN D 85 -1.97 13.87 -20.03
C ASN D 85 -3.41 13.88 -20.57
N LEU D 86 -4.35 13.42 -19.73
CA LEU D 86 -5.76 13.31 -20.11
C LEU D 86 -6.40 14.65 -20.43
N ASP D 87 -7.17 14.67 -21.52
CA ASP D 87 -7.86 15.88 -21.93
C ASP D 87 -8.77 16.30 -20.78
N PRO D 88 -8.66 17.55 -20.33
CA PRO D 88 -9.48 18.03 -19.21
C PRO D 88 -10.97 18.17 -19.54
N GLU D 89 -11.28 18.44 -20.80
CA GLU D 89 -12.66 18.56 -21.23
C GLU D 89 -13.36 17.19 -21.18
N LEU D 90 -12.67 16.13 -21.56
CA LEU D 90 -13.27 14.79 -21.52
C LEU D 90 -13.42 14.33 -20.09
N LEU D 91 -12.56 14.83 -19.21
CA LEU D 91 -12.65 14.47 -17.80
C LEU D 91 -13.87 15.14 -17.18
N LYS D 92 -14.23 16.32 -17.67
CA LYS D 92 -15.40 17.04 -17.18
C LYS D 92 -16.64 16.21 -17.56
N LEU D 93 -16.68 15.75 -18.81
CA LEU D 93 -17.79 14.94 -19.30
C LEU D 93 -17.96 13.67 -18.50
N VAL D 94 -16.88 12.95 -18.28
CA VAL D 94 -16.97 11.73 -17.50
C VAL D 94 -17.30 12.01 -16.02
N ALA D 95 -16.98 13.22 -15.55
CA ALA D 95 -17.21 13.60 -14.14
C ALA D 95 -18.69 13.71 -13.80
N LYS D 96 -19.51 13.84 -14.83
CA LYS D 96 -20.94 13.92 -14.64
C LYS D 96 -21.37 12.57 -14.10
N HIS D 97 -20.66 11.51 -14.45
CA HIS D 97 -21.00 10.17 -13.95
C HIS D 97 -20.10 9.75 -12.81
N ASP D 98 -18.90 10.34 -12.75
CA ASP D 98 -17.90 10.05 -11.71
C ASP D 98 -17.37 11.41 -11.27
N PRO D 99 -18.02 12.01 -10.23
CA PRO D 99 -17.70 13.34 -9.66
C PRO D 99 -16.28 13.38 -9.12
N ASP D 100 -15.52 14.35 -9.57
CA ASP D 100 -14.15 14.51 -9.17
C ASP D 100 -13.25 13.42 -9.73
N ASN D 101 -13.74 12.67 -10.70
CA ASN D 101 -12.99 11.62 -11.33
C ASN D 101 -12.28 10.68 -10.35
N LYS D 102 -12.98 10.30 -9.29
CA LYS D 102 -12.42 9.43 -8.28
C LYS D 102 -12.32 7.96 -8.62
N PHE D 103 -13.08 7.48 -9.59
CA PHE D 103 -13.08 6.03 -9.83
C PHE D 103 -12.65 5.52 -11.18
N ALA D 104 -12.68 6.37 -12.18
CA ALA D 104 -12.35 5.85 -13.49
C ALA D 104 -11.41 6.70 -14.30
N MET D 105 -10.72 6.02 -15.21
CA MET D 105 -9.78 6.68 -16.10
C MET D 105 -10.26 6.58 -17.53
N PRO D 106 -10.62 7.72 -18.12
CA PRO D 106 -11.09 7.74 -19.51
C PRO D 106 -10.09 7.01 -20.38
N TYR D 107 -10.59 6.23 -21.34
CA TYR D 107 -9.78 5.43 -22.26
C TYR D 107 -10.06 5.84 -23.70
N MET D 108 -11.23 5.46 -24.22
CA MET D 108 -11.59 5.82 -25.57
C MET D 108 -13.01 6.37 -25.58
N TRP D 109 -13.37 7.05 -26.66
CA TRP D 109 -14.70 7.58 -26.78
C TRP D 109 -15.09 7.67 -28.25
N ALA D 110 -16.38 7.55 -28.51
CA ALA D 110 -16.88 7.65 -29.88
C ALA D 110 -18.39 7.94 -29.86
N THR D 111 -19.03 7.75 -31.01
CA THR D 111 -20.44 7.99 -31.15
C THR D 111 -21.13 6.74 -31.69
N THR D 112 -22.44 6.68 -31.52
CA THR D 112 -23.23 5.54 -32.04
C THR D 112 -23.92 6.13 -33.25
N GLY D 113 -23.56 5.65 -34.43
CA GLY D 113 -24.15 6.18 -35.65
C GLY D 113 -24.42 5.11 -36.69
N ILE D 114 -24.34 5.50 -37.94
CA ILE D 114 -24.61 4.56 -39.03
C ILE D 114 -23.38 4.12 -39.83
N GLY D 115 -23.18 2.81 -39.90
CA GLY D 115 -22.09 2.29 -40.69
C GLY D 115 -22.75 1.76 -41.96
N TYR D 116 -22.24 2.07 -43.14
CA TYR D 116 -22.90 1.59 -44.34
C TYR D 116 -21.97 1.34 -45.53
N ASN D 117 -22.40 0.43 -46.39
CA ASN D 117 -21.68 0.08 -47.60
C ASN D 117 -22.08 1.14 -48.60
N VAL D 118 -21.18 2.06 -48.88
CA VAL D 118 -21.46 3.15 -49.77
C VAL D 118 -22.03 2.81 -51.13
N ASP D 119 -21.45 1.83 -51.81
CA ASP D 119 -21.95 1.49 -53.13
C ASP D 119 -23.28 0.74 -53.16
N LYS D 120 -23.48 -0.21 -52.24
CA LYS D 120 -24.73 -0.95 -52.19
C LYS D 120 -25.91 -0.06 -51.84
N VAL D 121 -25.71 0.83 -50.88
CA VAL D 121 -26.76 1.74 -50.47
C VAL D 121 -27.18 2.66 -51.61
N LYS D 122 -26.23 3.11 -52.43
CA LYS D 122 -26.53 4.00 -53.55
C LYS D 122 -27.20 3.21 -54.69
N ALA D 123 -26.88 1.93 -54.77
CA ALA D 123 -27.46 1.10 -55.82
C ALA D 123 -28.91 0.77 -55.49
N VAL D 124 -29.22 0.67 -54.20
CA VAL D 124 -30.56 0.33 -53.77
C VAL D 124 -31.46 1.56 -53.52
N LEU D 125 -30.93 2.61 -52.91
CA LEU D 125 -31.74 3.80 -52.64
C LEU D 125 -31.44 4.96 -53.58
N GLY D 126 -30.57 4.73 -54.56
CA GLY D 126 -30.24 5.79 -55.50
C GLY D 126 -29.11 6.74 -55.11
N GLU D 127 -28.69 7.54 -56.08
CA GLU D 127 -27.60 8.50 -55.88
C GLU D 127 -27.74 9.45 -54.70
N ASN D 128 -28.96 9.78 -54.34
CA ASN D 128 -29.16 10.69 -53.24
C ASN D 128 -29.67 10.08 -51.93
N ALA D 129 -29.33 8.82 -51.67
CA ALA D 129 -29.75 8.18 -50.42
C ALA D 129 -29.42 9.17 -49.29
N PRO D 130 -30.28 9.27 -48.26
CA PRO D 130 -30.10 10.19 -47.12
C PRO D 130 -29.07 9.69 -46.11
N VAL D 131 -27.87 9.49 -46.61
CA VAL D 131 -26.74 8.98 -45.85
C VAL D 131 -26.32 9.81 -44.62
N ASP D 132 -26.70 11.08 -44.61
CA ASP D 132 -26.37 12.00 -43.52
C ASP D 132 -27.49 12.13 -42.48
N SER D 133 -28.45 11.22 -42.55
CA SER D 133 -29.60 11.31 -41.66
C SER D 133 -30.03 9.95 -41.14
N TRP D 134 -30.69 9.94 -39.99
CA TRP D 134 -31.17 8.71 -39.40
C TRP D 134 -32.32 8.11 -40.25
N ASP D 135 -32.83 8.91 -41.18
CA ASP D 135 -33.89 8.50 -42.09
C ASP D 135 -33.44 7.29 -42.89
N LEU D 136 -32.15 7.19 -43.13
CA LEU D 136 -31.62 6.08 -43.91
C LEU D 136 -31.92 4.72 -43.29
N ILE D 137 -31.95 4.69 -41.97
CA ILE D 137 -32.16 3.43 -41.28
C ILE D 137 -33.37 3.37 -40.35
N LEU D 138 -33.95 4.53 -40.04
CA LEU D 138 -35.11 4.56 -39.13
C LEU D 138 -36.45 4.94 -39.79
N LYS D 139 -36.46 5.08 -41.11
CA LYS D 139 -37.70 5.37 -41.85
C LYS D 139 -37.99 4.02 -42.50
N PRO D 140 -39.13 3.39 -42.15
CA PRO D 140 -39.52 2.07 -42.68
C PRO D 140 -39.45 1.88 -44.19
N GLU D 141 -39.79 2.92 -44.94
CA GLU D 141 -39.77 2.84 -46.39
C GLU D 141 -38.35 2.56 -46.94
N ASN D 142 -37.34 3.11 -46.27
CA ASN D 142 -35.95 2.93 -46.69
C ASN D 142 -35.44 1.59 -46.21
N LEU D 143 -35.69 1.28 -44.95
CA LEU D 143 -35.24 0.02 -44.40
C LEU D 143 -35.80 -1.20 -45.13
N GLU D 144 -36.94 -1.00 -45.80
CA GLU D 144 -37.57 -2.09 -46.55
C GLU D 144 -36.77 -2.40 -47.79
N LYS D 145 -36.29 -1.32 -48.42
CA LYS D 145 -35.48 -1.43 -49.62
C LYS D 145 -34.13 -2.07 -49.30
N LEU D 146 -33.59 -1.73 -48.12
CA LEU D 146 -32.29 -2.23 -47.68
C LEU D 146 -32.33 -3.62 -47.06
N LYS D 147 -33.52 -4.08 -46.69
CA LYS D 147 -33.65 -5.41 -46.08
C LYS D 147 -32.88 -6.46 -46.86
N SER D 148 -32.91 -6.32 -48.17
CA SER D 148 -32.25 -7.22 -49.10
C SER D 148 -30.74 -7.37 -48.88
N CYS D 149 -29.99 -6.27 -48.88
CA CYS D 149 -28.55 -6.36 -48.70
C CYS D 149 -28.08 -6.52 -47.24
N GLY D 150 -29.02 -6.58 -46.30
CA GLY D 150 -28.64 -6.81 -44.91
C GLY D 150 -28.60 -5.61 -43.99
N VAL D 151 -29.31 -5.71 -42.87
CA VAL D 151 -29.34 -4.61 -41.89
C VAL D 151 -29.10 -5.18 -40.51
N SER D 152 -28.28 -4.50 -39.72
CA SER D 152 -28.00 -4.97 -38.38
C SER D 152 -28.18 -3.85 -37.39
N PHE D 153 -28.54 -4.22 -36.17
CA PHE D 153 -28.75 -3.28 -35.10
C PHE D 153 -27.89 -3.75 -33.95
N LEU D 154 -27.37 -2.80 -33.18
CA LEU D 154 -26.56 -3.14 -32.03
C LEU D 154 -27.50 -3.72 -31.00
N ASP D 155 -27.01 -4.70 -30.26
CA ASP D 155 -27.82 -5.27 -29.22
C ASP D 155 -27.58 -4.42 -27.97
N ALA D 156 -27.84 -3.12 -28.08
CA ALA D 156 -27.63 -2.21 -26.97
C ALA D 156 -28.92 -1.43 -26.72
N PRO D 157 -29.78 -1.97 -25.85
CA PRO D 157 -31.08 -1.38 -25.48
C PRO D 157 -31.10 0.11 -25.17
N GLU D 158 -30.36 0.50 -24.13
CA GLU D 158 -30.32 1.91 -23.73
C GLU D 158 -29.87 2.82 -24.84
N GLU D 159 -28.97 2.34 -25.69
CA GLU D 159 -28.45 3.17 -26.78
C GLU D 159 -29.40 3.28 -27.95
N VAL D 160 -29.99 2.17 -28.37
CA VAL D 160 -30.94 2.20 -29.49
C VAL D 160 -32.18 3.04 -29.09
N PHE D 161 -32.73 2.78 -27.90
CA PHE D 161 -33.90 3.54 -27.45
C PHE D 161 -33.64 5.02 -27.42
N ALA D 162 -32.47 5.40 -26.90
CA ALA D 162 -32.12 6.82 -26.82
C ALA D 162 -32.02 7.46 -28.18
N THR D 163 -31.48 6.74 -29.18
CA THR D 163 -31.36 7.35 -30.49
C THR D 163 -32.72 7.41 -31.20
N VAL D 164 -33.57 6.41 -30.95
CA VAL D 164 -34.91 6.42 -31.53
C VAL D 164 -35.72 7.57 -30.91
N LEU D 165 -35.62 7.76 -29.60
CA LEU D 165 -36.35 8.82 -28.94
C LEU D 165 -35.93 10.17 -29.49
N ASN D 166 -34.63 10.36 -29.66
CA ASN D 166 -34.14 11.62 -30.15
C ASN D 166 -34.65 11.85 -31.57
N TYR D 167 -34.70 10.79 -32.35
CA TYR D 167 -35.16 10.84 -33.73
C TYR D 167 -36.63 11.25 -33.81
N LEU D 168 -37.43 10.78 -32.84
CA LEU D 168 -38.86 11.09 -32.78
C LEU D 168 -39.11 12.47 -32.22
N GLY D 169 -38.05 13.22 -31.98
CA GLY D 169 -38.24 14.56 -31.45
C GLY D 169 -38.44 14.60 -29.96
N LYS D 170 -38.26 13.48 -29.27
CA LYS D 170 -38.40 13.44 -27.83
C LYS D 170 -37.06 13.56 -27.12
N ASP D 171 -37.09 13.63 -25.81
CA ASP D 171 -35.88 13.72 -24.99
C ASP D 171 -35.22 12.34 -25.06
N PRO D 172 -33.93 12.27 -25.46
CA PRO D 172 -33.20 10.99 -25.57
C PRO D 172 -33.19 10.26 -24.24
N ASN D 173 -33.29 11.03 -23.16
CA ASN D 173 -33.31 10.47 -21.83
C ASN D 173 -34.63 10.69 -21.13
N SER D 174 -35.72 10.53 -21.88
CA SER D 174 -37.05 10.73 -21.34
C SER D 174 -37.31 9.92 -20.09
N THR D 175 -37.91 10.58 -19.10
CA THR D 175 -38.26 9.88 -17.87
C THR D 175 -39.73 9.41 -17.89
N LYS D 176 -40.39 9.59 -19.04
CA LYS D 176 -41.79 9.18 -19.24
C LYS D 176 -41.87 7.82 -19.85
N ALA D 177 -42.37 6.88 -19.05
CA ALA D 177 -42.47 5.51 -19.46
C ALA D 177 -43.25 5.28 -20.76
N ASP D 178 -44.19 6.17 -21.05
CA ASP D 178 -45.04 6.07 -22.25
C ASP D 178 -44.29 6.25 -23.55
N ASP D 179 -43.23 7.05 -23.48
CA ASP D 179 -42.41 7.31 -24.65
C ASP D 179 -41.73 6.02 -25.11
N TYR D 180 -41.38 5.17 -24.15
CA TYR D 180 -40.72 3.91 -24.43
C TYR D 180 -41.68 2.85 -24.97
N THR D 181 -42.70 2.54 -24.19
CA THR D 181 -43.72 1.54 -24.55
C THR D 181 -44.60 2.05 -25.71
N GLY D 182 -44.73 3.37 -25.81
CA GLY D 182 -45.51 3.95 -26.87
C GLY D 182 -44.83 4.12 -28.22
N PRO D 183 -44.55 5.36 -28.63
CA PRO D 183 -43.92 5.71 -29.90
C PRO D 183 -42.63 4.93 -30.22
N ALA D 184 -41.72 4.90 -29.24
CA ALA D 184 -40.44 4.21 -29.39
C ALA D 184 -40.64 2.76 -29.84
N THR D 185 -41.39 1.98 -29.04
CA THR D 185 -41.65 0.57 -29.37
C THR D 185 -42.42 0.41 -30.69
N ASP D 186 -43.23 1.40 -31.04
CA ASP D 186 -44.00 1.34 -32.27
C ASP D 186 -43.07 1.38 -33.48
N LEU D 187 -42.19 2.38 -33.51
CA LEU D 187 -41.23 2.53 -34.60
C LEU D 187 -40.37 1.28 -34.71
N LEU D 188 -39.87 0.82 -33.58
CA LEU D 188 -39.03 -0.36 -33.58
C LEU D 188 -39.71 -1.59 -34.13
N LEU D 189 -40.95 -1.82 -33.71
CA LEU D 189 -41.70 -2.98 -34.18
C LEU D 189 -41.97 -2.84 -35.69
N LYS D 190 -42.12 -1.61 -36.16
CA LYS D 190 -42.36 -1.36 -37.58
C LYS D 190 -41.10 -1.70 -38.39
N LEU D 191 -39.95 -1.29 -37.86
CA LEU D 191 -38.66 -1.51 -38.50
C LEU D 191 -38.20 -2.95 -38.37
N ARG D 192 -38.54 -3.55 -37.24
CA ARG D 192 -38.14 -4.90 -36.91
C ARG D 192 -38.08 -6.00 -37.96
N PRO D 193 -39.10 -6.15 -38.80
CA PRO D 193 -39.03 -7.21 -39.80
C PRO D 193 -37.94 -7.07 -40.88
N ASN D 194 -37.37 -5.87 -41.01
CA ASN D 194 -36.32 -5.60 -42.00
C ASN D 194 -34.90 -5.81 -41.45
N ILE D 195 -34.81 -6.10 -40.17
CA ILE D 195 -33.53 -6.29 -39.48
C ILE D 195 -33.09 -7.73 -39.47
N ARG D 196 -31.94 -8.02 -40.08
CA ARG D 196 -31.43 -9.39 -40.12
C ARG D 196 -30.96 -9.87 -38.76
N TYR D 197 -30.40 -8.98 -37.95
CA TYR D 197 -29.98 -9.41 -36.62
C TYR D 197 -29.59 -8.26 -35.72
N PHE D 198 -29.58 -8.55 -34.43
CA PHE D 198 -29.21 -7.62 -33.37
C PHE D 198 -27.90 -8.16 -32.82
N HIS D 199 -26.80 -7.50 -33.14
CA HIS D 199 -25.50 -7.96 -32.66
C HIS D 199 -24.56 -6.80 -32.52
N SER D 200 -23.75 -6.85 -31.47
CA SER D 200 -22.83 -5.79 -31.16
C SER D 200 -21.37 -5.99 -31.57
N SER D 201 -21.07 -6.96 -32.43
CA SER D 201 -19.70 -7.14 -32.89
C SER D 201 -19.59 -7.85 -34.23
N GLN D 202 -20.50 -8.79 -34.48
CA GLN D 202 -20.52 -9.55 -35.73
C GLN D 202 -20.60 -8.64 -36.96
N TYR D 203 -21.20 -7.48 -36.79
CA TYR D 203 -21.37 -6.57 -37.91
C TYR D 203 -20.10 -5.98 -38.53
N ILE D 204 -18.99 -6.01 -37.80
CA ILE D 204 -17.73 -5.46 -38.32
C ILE D 204 -17.27 -6.29 -39.52
N ASN D 205 -17.12 -7.58 -39.33
CA ASN D 205 -16.71 -8.45 -40.43
C ASN D 205 -17.73 -8.48 -41.55
N ASP D 206 -19.01 -8.45 -41.21
CA ASP D 206 -20.05 -8.48 -42.23
C ASP D 206 -20.02 -7.23 -43.07
N LEU D 207 -19.78 -6.09 -42.43
CA LEU D 207 -19.71 -4.84 -43.18
C LEU D 207 -18.47 -4.87 -44.06
N ALA D 208 -17.39 -5.43 -43.53
CA ALA D 208 -16.12 -5.51 -44.24
C ALA D 208 -16.18 -6.42 -45.46
N ASN D 209 -16.88 -7.55 -45.34
CA ASN D 209 -16.99 -8.50 -46.44
C ASN D 209 -18.13 -8.23 -47.43
N GLY D 210 -18.96 -7.24 -47.15
CA GLY D 210 -20.08 -6.94 -48.03
C GLY D 210 -21.33 -7.78 -47.72
N ASP D 211 -21.36 -8.46 -46.58
CA ASP D 211 -22.51 -9.27 -46.22
C ASP D 211 -23.72 -8.48 -45.69
N ILE D 212 -23.51 -7.31 -45.09
CA ILE D 212 -24.64 -6.47 -44.70
C ILE D 212 -24.32 -5.10 -45.30
N CYS D 213 -25.34 -4.31 -45.62
CA CYS D 213 -25.11 -3.01 -46.22
C CYS D 213 -25.32 -1.82 -45.30
N VAL D 214 -26.00 -2.02 -44.17
CA VAL D 214 -26.25 -0.91 -43.25
C VAL D 214 -26.23 -1.45 -41.85
N ALA D 215 -25.83 -0.62 -40.89
CA ALA D 215 -25.79 -1.03 -39.49
C ALA D 215 -25.78 0.15 -38.56
N ILE D 216 -26.37 -0.05 -37.40
CA ILE D 216 -26.32 0.98 -36.37
C ILE D 216 -25.08 0.43 -35.68
N GLY D 217 -24.05 1.27 -35.60
CA GLY D 217 -22.82 0.81 -34.98
C GLY D 217 -22.00 1.89 -34.33
N TRP D 218 -20.96 1.44 -33.63
CA TRP D 218 -20.02 2.30 -32.92
C TRP D 218 -18.95 2.77 -33.91
N ALA D 219 -18.72 4.08 -33.96
CA ALA D 219 -17.79 4.68 -34.91
C ALA D 219 -16.52 3.89 -35.23
N GLY D 220 -15.68 3.68 -34.22
CA GLY D 220 -14.44 2.96 -34.44
C GLY D 220 -14.61 1.57 -35.05
N ASP D 221 -15.64 0.86 -34.63
CA ASP D 221 -15.90 -0.48 -35.14
C ASP D 221 -16.11 -0.43 -36.66
N VAL D 222 -16.83 0.59 -37.10
CA VAL D 222 -17.12 0.74 -38.52
C VAL D 222 -15.86 1.12 -39.30
N TRP D 223 -15.06 2.00 -38.70
CA TRP D 223 -13.83 2.45 -39.33
C TRP D 223 -12.89 1.24 -39.46
N GLN D 224 -12.87 0.39 -38.44
CA GLN D 224 -12.06 -0.80 -38.53
C GLN D 224 -12.55 -1.68 -39.69
N ALA D 225 -13.87 -1.76 -39.87
CA ALA D 225 -14.40 -2.57 -40.97
C ALA D 225 -13.97 -1.95 -42.29
N SER D 226 -14.09 -0.64 -42.38
CA SER D 226 -13.69 0.05 -43.59
C SER D 226 -12.21 -0.27 -43.90
N ASN D 227 -11.38 -0.19 -42.87
CA ASN D 227 -9.97 -0.47 -43.06
C ASN D 227 -9.71 -1.91 -43.45
N ARG D 228 -10.39 -2.87 -42.82
CA ARG D 228 -10.17 -4.27 -43.17
C ARG D 228 -10.51 -4.52 -44.62
N ALA D 229 -11.49 -3.78 -45.13
CA ALA D 229 -11.90 -3.90 -46.53
C ALA D 229 -10.80 -3.37 -47.43
N LYS D 230 -10.22 -2.24 -47.04
CA LYS D 230 -9.15 -1.64 -47.81
C LYS D 230 -7.95 -2.57 -47.85
N GLU D 231 -7.55 -3.06 -46.69
CA GLU D 231 -6.43 -3.96 -46.64
C GLU D 231 -6.65 -5.20 -47.50
N ALA D 232 -7.88 -5.70 -47.53
CA ALA D 232 -8.14 -6.89 -48.32
C ALA D 232 -8.25 -6.57 -49.80
N LYS D 233 -8.42 -5.30 -50.13
CA LYS D 233 -8.55 -4.89 -51.51
C LYS D 233 -9.68 -5.69 -52.21
N ASN D 234 -10.81 -5.85 -51.51
CA ASN D 234 -11.94 -6.60 -52.03
C ASN D 234 -12.96 -5.73 -52.75
N GLY D 235 -12.69 -4.43 -52.83
CA GLY D 235 -13.60 -3.54 -53.51
C GLY D 235 -14.76 -2.98 -52.67
N VAL D 236 -14.92 -3.47 -51.44
CA VAL D 236 -15.99 -3.01 -50.56
C VAL D 236 -15.67 -1.65 -49.97
N ASN D 237 -16.62 -0.75 -50.11
CA ASN D 237 -16.51 0.64 -49.67
C ASN D 237 -17.35 0.91 -48.41
N VAL D 238 -16.77 0.83 -47.22
CA VAL D 238 -17.53 1.08 -45.99
C VAL D 238 -17.28 2.46 -45.42
N SER D 239 -18.33 3.13 -44.97
CA SER D 239 -18.21 4.46 -44.38
C SER D 239 -19.07 4.56 -43.12
N PHE D 240 -18.93 5.67 -42.40
CA PHE D 240 -19.67 5.87 -41.15
C PHE D 240 -20.25 7.26 -41.15
N SER D 241 -21.38 7.45 -40.48
CA SER D 241 -22.03 8.75 -40.47
C SER D 241 -22.61 9.11 -39.10
N ILE D 242 -22.37 10.35 -38.70
CA ILE D 242 -22.91 10.88 -37.45
C ILE D 242 -24.01 11.73 -38.05
N PRO D 243 -25.25 11.21 -38.05
CA PRO D 243 -26.41 11.90 -38.62
C PRO D 243 -26.65 13.32 -38.16
N LYS D 244 -27.20 14.15 -39.05
CA LYS D 244 -27.43 15.55 -38.73
C LYS D 244 -28.41 15.78 -37.60
N GLU D 245 -29.21 14.77 -37.27
CA GLU D 245 -30.20 14.89 -36.20
C GLU D 245 -29.57 14.73 -34.84
N GLY D 246 -28.29 14.36 -34.84
CA GLY D 246 -27.57 14.18 -33.59
C GLY D 246 -27.28 12.71 -33.39
N ALA D 247 -26.43 12.40 -32.41
CA ALA D 247 -26.07 11.01 -32.12
C ALA D 247 -25.61 10.97 -30.68
N MET D 248 -25.60 9.76 -30.12
CA MET D 248 -25.18 9.52 -28.75
C MET D 248 -23.67 9.39 -28.71
N ALA D 249 -23.06 10.00 -27.70
CA ALA D 249 -21.61 9.91 -27.52
C ALA D 249 -21.40 9.08 -26.27
N PHE D 250 -20.45 8.15 -26.33
CA PHE D 250 -20.14 7.36 -25.15
C PHE D 250 -18.67 7.52 -24.76
N PHE D 251 -18.34 7.24 -23.50
CA PHE D 251 -16.98 7.35 -22.99
C PHE D 251 -16.63 6.12 -22.21
N ASP D 252 -15.79 5.24 -22.76
CA ASP D 252 -15.42 4.03 -22.05
C ASP D 252 -14.28 4.35 -21.08
N VAL D 253 -14.29 3.71 -19.92
CA VAL D 253 -13.32 4.00 -18.90
C VAL D 253 -12.79 2.77 -18.21
N PHE D 254 -11.60 2.88 -17.63
CA PHE D 254 -11.00 1.77 -16.91
C PHE D 254 -11.38 1.97 -15.45
N ALA D 255 -11.74 0.90 -14.77
CA ALA D 255 -12.10 1.03 -13.37
C ALA D 255 -11.64 -0.22 -12.68
N MET D 256 -11.52 -0.13 -11.37
CA MET D 256 -10.99 -1.25 -10.65
C MET D 256 -11.93 -1.83 -9.64
N PRO D 257 -12.33 -3.09 -9.85
CA PRO D 257 -13.24 -3.77 -8.93
C PRO D 257 -12.69 -3.68 -7.49
N ALA D 258 -13.58 -3.39 -6.54
CA ALA D 258 -13.22 -3.24 -5.14
C ALA D 258 -12.56 -4.49 -4.57
N ASP D 259 -12.75 -5.62 -5.23
CA ASP D 259 -12.15 -6.83 -4.71
C ASP D 259 -11.00 -7.32 -5.59
N ALA D 260 -10.45 -6.42 -6.41
CA ALA D 260 -9.32 -6.75 -7.28
C ALA D 260 -8.15 -7.21 -6.40
N LYS D 261 -7.46 -8.27 -6.83
CA LYS D 261 -6.35 -8.82 -6.05
C LYS D 261 -5.00 -8.18 -6.38
N ASN D 262 -4.70 -8.05 -7.67
CA ASN D 262 -3.43 -7.48 -8.10
C ASN D 262 -3.48 -5.99 -8.40
N LYS D 263 -3.68 -5.21 -7.34
CA LYS D 263 -3.76 -3.75 -7.44
C LYS D 263 -2.50 -3.10 -8.01
N ASP D 264 -1.34 -3.57 -7.59
CA ASP D 264 -0.10 -2.98 -8.08
C ASP D 264 0.11 -3.22 -9.54
N GLU D 265 -0.07 -4.45 -9.98
CA GLU D 265 0.08 -4.75 -11.40
C GLU D 265 -0.95 -3.93 -12.21
N ALA D 266 -2.10 -3.66 -11.61
CA ALA D 266 -3.15 -2.91 -12.28
C ALA D 266 -2.70 -1.48 -12.49
N TYR D 267 -2.17 -0.88 -11.42
CA TYR D 267 -1.68 0.49 -11.48
C TYR D 267 -0.57 0.66 -12.54
N GLN D 268 0.23 -0.38 -12.71
CA GLN D 268 1.28 -0.35 -13.72
C GLN D 268 0.65 -0.32 -15.10
N PHE D 269 -0.38 -1.14 -15.33
CA PHE D 269 -1.02 -1.15 -16.64
C PHE D 269 -1.67 0.20 -16.94
N LEU D 270 -2.29 0.82 -15.94
CA LEU D 270 -2.91 2.11 -16.15
C LEU D 270 -1.87 3.17 -16.51
N ASN D 271 -0.73 3.16 -15.82
CA ASN D 271 0.35 4.10 -16.10
C ASN D 271 0.90 3.82 -17.50
N TYR D 272 0.97 2.54 -17.87
CA TYR D 272 1.43 2.19 -19.21
C TYR D 272 0.51 2.83 -20.26
N LEU D 273 -0.79 2.81 -19.99
CA LEU D 273 -1.76 3.36 -20.93
C LEU D 273 -1.78 4.87 -20.96
N LEU D 274 -1.23 5.49 -19.91
CA LEU D 274 -1.16 6.95 -19.83
C LEU D 274 -0.02 7.53 -20.69
N ARG D 275 0.89 6.68 -21.15
CA ARG D 275 1.99 7.10 -22.01
C ARG D 275 1.47 7.40 -23.39
N PRO D 276 1.68 8.64 -23.85
CA PRO D 276 1.22 9.07 -25.17
C PRO D 276 1.45 8.12 -26.33
N ASP D 277 2.60 7.46 -26.40
CA ASP D 277 2.82 6.60 -27.56
C ASP D 277 2.05 5.28 -27.45
N VAL D 278 1.77 4.81 -26.24
CA VAL D 278 1.02 3.57 -26.11
C VAL D 278 -0.42 3.77 -26.60
N VAL D 279 -1.15 4.76 -26.08
CA VAL D 279 -2.54 4.95 -26.52
C VAL D 279 -2.65 5.42 -27.94
N ALA D 280 -1.70 6.22 -28.43
CA ALA D 280 -1.75 6.68 -29.82
C ALA D 280 -1.61 5.46 -30.73
N HIS D 281 -0.84 4.47 -30.26
CA HIS D 281 -0.61 3.26 -31.03
C HIS D 281 -1.93 2.47 -31.10
N ILE D 282 -2.66 2.45 -29.99
CA ILE D 282 -3.95 1.76 -29.97
C ILE D 282 -4.92 2.45 -30.94
N SER D 283 -5.10 3.76 -30.78
CA SER D 283 -5.98 4.50 -31.67
C SER D 283 -5.68 4.25 -33.14
N ASP D 284 -4.41 4.04 -33.45
CA ASP D 284 -4.00 3.81 -34.84
C ASP D 284 -4.57 2.52 -35.39
N HIS D 285 -4.71 1.51 -34.53
CA HIS D 285 -5.22 0.23 -34.98
C HIS D 285 -6.72 0.00 -34.81
N VAL D 286 -7.25 0.62 -33.77
CA VAL D 286 -8.65 0.49 -33.37
C VAL D 286 -9.61 1.57 -33.93
N PHE D 287 -9.03 2.67 -34.44
CA PHE D 287 -9.77 3.79 -35.02
C PHE D 287 -10.74 4.54 -34.12
N TYR D 288 -10.41 4.57 -32.83
CA TYR D 288 -11.17 5.31 -31.83
C TYR D 288 -10.32 6.46 -31.29
N ALA D 289 -10.96 7.57 -30.93
CA ALA D 289 -10.26 8.70 -30.35
C ALA D 289 -9.97 8.33 -28.90
N ASN D 290 -8.76 8.59 -28.39
CA ASN D 290 -8.48 8.27 -26.99
C ASN D 290 -8.66 9.54 -26.19
N ALA D 291 -8.60 9.45 -24.87
CA ALA D 291 -8.80 10.63 -24.03
C ALA D 291 -7.51 11.35 -23.63
N ASN D 292 -6.38 10.91 -24.20
CA ASN D 292 -5.08 11.48 -23.91
C ASN D 292 -4.76 12.69 -24.78
N LYS D 293 -4.80 13.86 -24.20
CA LYS D 293 -4.52 15.08 -24.95
C LYS D 293 -3.09 15.12 -25.50
N ALA D 294 -2.15 14.53 -24.75
CA ALA D 294 -0.76 14.50 -25.17
C ALA D 294 -0.52 13.53 -26.31
N ALA D 295 -1.32 12.49 -26.37
CA ALA D 295 -1.17 11.48 -27.40
C ALA D 295 -1.63 11.89 -28.78
N THR D 296 -2.48 12.90 -28.87
CA THR D 296 -2.99 13.15 -30.20
C THR D 296 -2.00 13.52 -31.32
N PRO D 297 -0.94 14.30 -31.03
CA PRO D 297 -0.03 14.59 -32.16
C PRO D 297 0.68 13.34 -32.68
N LEU D 298 0.75 12.29 -31.85
CA LEU D 298 1.39 11.04 -32.24
C LEU D 298 0.43 10.09 -32.97
N VAL D 299 -0.84 10.45 -33.08
CA VAL D 299 -1.81 9.59 -33.77
C VAL D 299 -1.69 9.86 -35.26
N SER D 300 -1.72 8.80 -36.07
CA SER D 300 -1.61 8.99 -37.52
C SER D 300 -2.63 9.99 -37.99
N ALA D 301 -2.27 10.73 -39.02
CA ALA D 301 -3.15 11.77 -39.55
C ALA D 301 -4.45 11.23 -40.11
N GLU D 302 -4.41 10.03 -40.68
CA GLU D 302 -5.61 9.46 -41.27
C GLU D 302 -6.67 9.29 -40.19
N VAL D 303 -6.24 8.91 -39.00
CA VAL D 303 -7.17 8.71 -37.88
C VAL D 303 -7.50 10.05 -37.22
N ARG D 304 -6.47 10.74 -36.77
CA ARG D 304 -6.60 12.04 -36.11
C ARG D 304 -7.37 13.09 -36.92
N GLU D 305 -7.30 12.99 -38.25
CA GLU D 305 -7.98 13.98 -39.04
C GLU D 305 -9.31 13.53 -39.64
N ASN D 306 -9.81 12.38 -39.16
CA ASN D 306 -11.10 11.85 -39.59
C ASN D 306 -12.17 12.50 -38.69
N PRO D 307 -13.05 13.33 -39.27
CA PRO D 307 -14.09 13.99 -38.46
C PRO D 307 -15.09 13.01 -37.85
N GLY D 308 -15.03 11.75 -38.28
CA GLY D 308 -15.89 10.72 -37.76
C GLY D 308 -15.26 9.98 -36.62
N ILE D 309 -14.03 10.38 -36.26
CA ILE D 309 -13.31 9.76 -35.14
C ILE D 309 -13.02 10.86 -34.12
N TYR D 310 -12.53 11.99 -34.62
CA TYR D 310 -12.22 13.16 -33.83
C TYR D 310 -13.11 14.22 -34.46
N PRO D 311 -14.37 14.29 -34.03
CA PRO D 311 -15.27 15.29 -34.62
C PRO D 311 -15.01 16.73 -34.19
N PRO D 312 -15.25 17.67 -35.11
CA PRO D 312 -15.07 19.11 -34.86
C PRO D 312 -16.08 19.61 -33.82
N ALA D 313 -15.84 20.80 -33.28
CA ALA D 313 -16.70 21.38 -32.25
C ALA D 313 -18.17 21.56 -32.61
N ASP D 314 -18.46 21.82 -33.88
CA ASP D 314 -19.84 22.00 -34.30
C ASP D 314 -20.61 20.67 -34.37
N VAL D 315 -19.88 19.58 -34.55
CA VAL D 315 -20.52 18.27 -34.61
C VAL D 315 -20.67 17.78 -33.19
N ARG D 316 -19.69 18.10 -32.35
CA ARG D 316 -19.74 17.68 -30.96
C ARG D 316 -20.90 18.39 -30.26
N ALA D 317 -21.31 19.53 -30.80
CA ALA D 317 -22.42 20.29 -30.22
C ALA D 317 -23.75 19.56 -30.34
N LYS D 318 -23.88 18.76 -31.41
CA LYS D 318 -25.10 17.99 -31.68
C LYS D 318 -25.13 16.59 -31.06
N LEU D 319 -24.24 16.28 -30.13
CA LEU D 319 -24.21 14.94 -29.53
C LEU D 319 -24.82 14.93 -28.15
N PHE D 320 -25.31 13.78 -27.72
CA PHE D 320 -25.89 13.71 -26.38
C PHE D 320 -25.36 12.49 -25.67
N THR D 321 -25.53 12.48 -24.36
CA THR D 321 -25.06 11.36 -23.58
C THR D 321 -26.20 10.74 -22.77
N LEU D 322 -26.03 9.47 -22.41
CA LEU D 322 -27.01 8.75 -21.62
C LEU D 322 -27.02 9.18 -20.16
N LYS D 323 -28.19 9.14 -19.54
CA LYS D 323 -28.31 9.48 -18.13
C LYS D 323 -28.83 8.20 -17.47
N VAL D 324 -28.59 8.03 -16.17
CA VAL D 324 -29.08 6.84 -15.49
C VAL D 324 -30.58 7.02 -15.24
N GLN D 325 -31.36 5.97 -15.50
CA GLN D 325 -32.84 5.99 -15.34
C GLN D 325 -33.29 5.29 -14.05
N ASP D 326 -34.48 5.66 -13.54
CA ASP D 326 -35.07 5.05 -12.33
C ASP D 326 -35.47 3.61 -12.67
N PRO D 327 -35.67 2.78 -11.65
CA PRO D 327 -36.04 1.36 -11.81
C PRO D 327 -37.24 1.06 -12.72
N LYS D 328 -38.20 1.98 -12.77
CA LYS D 328 -39.39 1.80 -13.59
C LYS D 328 -39.05 1.88 -15.08
N ILE D 329 -38.45 3.00 -15.49
CA ILE D 329 -38.04 3.18 -16.89
C ILE D 329 -37.10 2.03 -17.27
N ASP D 330 -36.32 1.60 -16.31
CA ASP D 330 -35.42 0.52 -16.56
C ASP D 330 -36.19 -0.73 -16.99
N ARG D 331 -37.08 -1.18 -16.11
CA ARG D 331 -37.92 -2.35 -16.30
C ARG D 331 -38.72 -2.28 -17.61
N VAL D 332 -39.35 -1.13 -17.81
CA VAL D 332 -40.16 -0.84 -18.99
C VAL D 332 -39.34 -0.98 -20.29
N ARG D 333 -38.19 -0.31 -20.32
CA ARG D 333 -37.30 -0.33 -21.46
C ARG D 333 -36.81 -1.75 -21.75
N THR D 334 -36.42 -2.49 -20.72
CA THR D 334 -35.92 -3.86 -20.88
C THR D 334 -36.98 -4.77 -21.48
N ARG D 335 -38.18 -4.65 -20.91
CA ARG D 335 -39.34 -5.43 -21.32
C ARG D 335 -39.64 -5.14 -22.78
N ALA D 336 -39.73 -3.87 -23.11
CA ALA D 336 -40.00 -3.49 -24.48
C ALA D 336 -38.90 -4.00 -25.43
N TRP D 337 -37.65 -4.02 -24.96
CA TRP D 337 -36.54 -4.49 -25.80
C TRP D 337 -36.71 -5.97 -26.15
N THR D 338 -37.15 -6.74 -25.16
CA THR D 338 -37.37 -8.17 -25.36
C THR D 338 -38.47 -8.40 -26.41
N LYS D 339 -39.50 -7.56 -26.37
CA LYS D 339 -40.61 -7.64 -27.33
C LYS D 339 -40.06 -7.41 -28.72
N VAL D 340 -39.42 -6.26 -28.91
CA VAL D 340 -38.84 -5.88 -30.19
C VAL D 340 -37.92 -6.94 -30.79
N LYS D 341 -37.02 -7.49 -29.99
CA LYS D 341 -36.09 -8.48 -30.48
C LYS D 341 -36.76 -9.76 -30.95
N SER D 342 -37.54 -10.36 -30.06
CA SER D 342 -38.27 -11.61 -30.35
C SER D 342 -39.01 -11.60 -31.69
N GLY D 343 -39.67 -10.49 -32.01
CA GLY D 343 -40.39 -10.41 -33.27
C GLY D 343 -41.63 -9.54 -33.17
N2 PUT E . 24.31 -18.91 30.17
C4 PUT E . 23.69 -20.22 29.83
C3 PUT E . 22.82 -20.10 28.56
C2 PUT E . 22.52 -21.45 27.91
C1 PUT E . 21.62 -21.32 26.69
N1 PUT E . 21.70 -22.54 25.85
N2 PUT F . -24.47 -9.89 21.55
C4 PUT F . -24.45 -9.81 23.05
C3 PUT F . -23.52 -8.69 23.50
C2 PUT F . -23.79 -8.17 24.92
C1 PUT F . -22.73 -7.15 25.34
N1 PUT F . -23.11 -6.38 26.57
N2 PUT G . 21.76 28.50 -25.74
C4 PUT G . 20.92 29.61 -25.20
C3 PUT G . 20.27 29.20 -23.87
C2 PUT G . 19.60 30.35 -23.15
C1 PUT G . 18.95 29.91 -21.84
N1 PUT G . 18.52 31.12 -21.05
N2 PUT H . -18.55 0.73 -25.98
C4 PUT H . -18.23 0.40 -27.40
C3 PUT H . -16.91 -0.37 -27.47
C2 PUT H . -16.42 -0.68 -28.89
C1 PUT H . -15.23 -1.64 -28.89
N1 PUT H . -15.21 -2.61 -30.05
#